data_5U7I
#
_entry.id   5U7I
#
_cell.length_a   55.780
_cell.length_b   72.940
_cell.length_c   91.000
_cell.angle_alpha   109.200
_cell.angle_beta   89.390
_cell.angle_gamma   88.900
#
_symmetry.space_group_name_H-M   'P 1'
#
loop_
_entity.id
_entity.type
_entity.pdbx_description
1 polymer "cGMP-dependent 3',5'-cyclic phosphodiesterase"
2 non-polymer 4-[3-(4-methoxyphenoxy)azetidin-1-yl]-1-methyl-3-(2-methylpropyl)-1H-pyrazolo[3,4-d]pyrimidine
3 non-polymer 'ZINC ION'
4 non-polymer 'MAGNESIUM ION'
5 water water
#
_entity_poly.entity_id   1
_entity_poly.type   'polypeptide(L)'
_entity_poly.pdbx_seq_one_letter_code
;GSAMDDEYTKLLHDGIQPVAAIDSNFASFTYTPRSLPEDDTSMAILSMLQDMNFINNYKIDCPTLARFCLMVKKGYRDPP
YHNWMHAFSVSHFCYLLYKNLELTNYLEDIEIFALFISCMCHDLDHRGTNNSFQVASKSVLAALYSSEGSVMERHHFAQA
IAILNTHGCNIFDHFSRKDYQRMLDLMRDIILATDLAHHLRIFKDLQKMAEVGYDRNNKQHHRLLLCLLMTSCDLSDQTK
GWKTTRKIAELIYKEFFSQGDLEKAMGNRPMEMMDREKAYIPELQISFMEHIAMPIYKLLQDLFPKAAELYERVASNREH
WTKVSHKFTIRGLPSNNSLDFLDEE
;
_entity_poly.pdbx_strand_id   A,B,C,D
#
loop_
_chem_comp.id
_chem_comp.type
_chem_comp.name
_chem_comp.formula
7XS non-polymer 4-[3-(4-methoxyphenoxy)azetidin-1-yl]-1-methyl-3-(2-methylpropyl)-1H-pyrazolo[3,4-d]pyrimidine 'C20 H25 N5 O2'
MG non-polymer 'MAGNESIUM ION' 'Mg 2'
ZN non-polymer 'ZINC ION' 'Zn 2'
#
# COMPACT_ATOMS: atom_id res chain seq x y z
N ASP A 5 -2.63 21.60 13.52
CA ASP A 5 -1.63 22.02 14.51
C ASP A 5 -1.97 23.38 15.14
N ASP A 6 -2.91 24.15 14.54
CA ASP A 6 -3.30 25.42 15.14
C ASP A 6 -4.21 25.19 16.32
N GLU A 7 -4.98 24.09 16.31
CA GLU A 7 -5.85 23.76 17.41
C GLU A 7 -4.99 23.45 18.60
N TYR A 8 -3.90 22.72 18.38
CA TYR A 8 -2.91 22.37 19.37
C TYR A 8 -2.27 23.63 19.99
N THR A 9 -1.88 24.59 19.13
CA THR A 9 -1.23 25.82 19.58
C THR A 9 -2.10 26.56 20.59
N LYS A 10 -3.39 26.73 20.26
CA LYS A 10 -4.35 27.43 21.09
C LYS A 10 -4.67 26.64 22.36
N LEU A 11 -4.77 25.33 22.24
CA LEU A 11 -5.06 24.46 23.37
C LEU A 11 -3.95 24.51 24.42
N LEU A 12 -2.70 24.70 23.97
CA LEU A 12 -1.55 24.74 24.85
C LEU A 12 -1.22 26.14 25.39
N HIS A 13 -1.22 27.16 24.53
CA HIS A 13 -0.78 28.48 24.92
C HIS A 13 -1.87 29.43 25.47
N ASP A 14 -3.15 29.22 25.12
CA ASP A 14 -4.24 30.12 25.54
C ASP A 14 -4.64 30.03 27.01
N GLY A 15 -4.40 28.90 27.64
CA GLY A 15 -4.75 28.72 29.04
C GLY A 15 -6.01 27.89 29.18
N ILE A 16 -6.14 27.19 30.30
CA ILE A 16 -7.29 26.32 30.59
C ILE A 16 -8.42 27.10 31.28
N GLN A 17 -9.52 27.30 30.54
CA GLN A 17 -10.75 28.00 30.96
C GLN A 17 -11.32 27.33 32.22
N PRO A 18 -11.82 28.10 33.23
CA PRO A 18 -12.43 27.45 34.39
C PRO A 18 -13.73 26.77 33.97
N VAL A 19 -14.06 25.64 34.63
CA VAL A 19 -15.25 24.83 34.32
C VAL A 19 -16.56 25.66 34.24
N ALA A 20 -16.78 26.60 35.19
CA ALA A 20 -17.96 27.46 35.22
C ALA A 20 -18.07 28.37 34.01
N ALA A 21 -16.92 28.78 33.44
CA ALA A 21 -16.88 29.67 32.27
C ALA A 21 -17.41 28.99 31.00
N ILE A 22 -17.55 27.66 31.04
CA ILE A 22 -18.10 26.86 29.94
C ILE A 22 -19.63 27.03 29.96
N ASP A 23 -20.24 26.77 31.13
CA ASP A 23 -21.66 26.89 31.43
C ASP A 23 -21.81 26.89 32.94
N SER A 24 -22.73 27.72 33.48
CA SER A 24 -22.97 27.82 34.93
C SER A 24 -23.51 26.51 35.52
N ASN A 25 -24.13 25.66 34.68
CA ASN A 25 -24.73 24.38 35.07
C ASN A 25 -23.88 23.16 34.68
N PHE A 26 -22.65 23.40 34.18
CA PHE A 26 -21.71 22.35 33.71
C PHE A 26 -21.50 21.15 34.68
N ALA A 27 -21.48 21.39 36.01
CA ALA A 27 -21.23 20.34 37.00
C ALA A 27 -22.51 19.68 37.56
N SER A 28 -23.65 19.92 36.90
CA SER A 28 -24.95 19.36 37.32
C SER A 28 -25.39 18.20 36.45
N PHE A 29 -26.12 17.23 37.07
CA PHE A 29 -26.72 16.08 36.41
C PHE A 29 -27.80 16.52 35.36
N THR A 30 -28.32 17.75 35.47
CA THR A 30 -29.32 18.29 34.55
C THR A 30 -28.69 18.82 33.26
N TYR A 31 -27.36 19.06 33.25
CA TYR A 31 -26.64 19.58 32.09
C TYR A 31 -26.54 18.54 30.97
N THR A 32 -26.71 18.98 29.71
CA THR A 32 -26.62 18.09 28.54
C THR A 32 -25.31 18.43 27.80
N PRO A 33 -24.23 17.63 27.98
CA PRO A 33 -22.95 17.97 27.32
C PRO A 33 -23.00 18.03 25.79
N ARG A 34 -24.00 17.36 25.17
CA ARG A 34 -24.18 17.42 23.71
C ARG A 34 -24.56 18.82 23.21
N SER A 35 -25.00 19.71 24.13
CA SER A 35 -25.34 21.11 23.80
C SER A 35 -24.05 21.90 23.56
N LEU A 36 -22.90 21.43 24.08
CA LEU A 36 -21.64 22.14 23.91
C LEU A 36 -21.17 22.00 22.46
N PRO A 37 -20.80 23.11 21.76
CA PRO A 37 -20.30 22.99 20.38
C PRO A 37 -19.06 22.09 20.33
N GLU A 38 -18.96 21.23 19.30
CA GLU A 38 -17.85 20.29 19.15
C GLU A 38 -16.47 20.95 19.23
N ASP A 39 -16.34 22.18 18.68
CA ASP A 39 -15.09 22.96 18.70
C ASP A 39 -14.60 23.38 20.09
N ASP A 40 -15.46 23.30 21.13
CA ASP A 40 -15.13 23.67 22.53
C ASP A 40 -14.91 22.44 23.42
N THR A 41 -15.08 21.22 22.89
CA THR A 41 -15.00 19.98 23.66
C THR A 41 -13.58 19.62 24.14
N SER A 42 -12.53 19.84 23.32
CA SER A 42 -11.15 19.50 23.75
C SER A 42 -10.71 20.38 24.91
N MET A 43 -11.09 21.67 24.88
CA MET A 43 -10.83 22.62 25.96
C MET A 43 -11.63 22.22 27.21
N ALA A 44 -12.87 21.72 27.03
CA ALA A 44 -13.71 21.26 28.15
C ALA A 44 -13.10 20.04 28.85
N ILE A 45 -12.46 19.13 28.08
CA ILE A 45 -11.75 17.94 28.61
C ILE A 45 -10.60 18.43 29.52
N LEU A 46 -9.82 19.43 29.07
CA LEU A 46 -8.72 20.00 29.87
C LEU A 46 -9.26 20.68 31.14
N SER A 47 -10.40 21.42 31.00
CA SER A 47 -11.02 22.11 32.12
C SER A 47 -11.43 21.10 33.22
N MET A 48 -12.05 19.98 32.81
CA MET A 48 -12.51 18.90 33.71
C MET A 48 -11.33 18.22 34.41
N LEU A 49 -10.26 17.88 33.65
CA LEU A 49 -9.04 17.27 34.18
C LEU A 49 -8.40 18.19 35.21
N GLN A 50 -8.36 19.51 34.92
CA GLN A 50 -7.84 20.54 35.80
C GLN A 50 -8.68 20.65 37.08
N ASP A 51 -10.01 20.66 36.95
CA ASP A 51 -10.95 20.77 38.07
C ASP A 51 -10.89 19.53 39.00
N MET A 52 -10.62 18.35 38.45
CA MET A 52 -10.47 17.12 39.23
C MET A 52 -9.06 17.03 39.84
N ASN A 53 -8.18 18.01 39.53
CA ASN A 53 -6.79 18.11 40.02
C ASN A 53 -5.83 17.06 39.47
N PHE A 54 -6.24 16.32 38.40
CA PHE A 54 -5.42 15.26 37.78
C PHE A 54 -4.14 15.78 37.15
N ILE A 55 -4.22 16.93 36.47
CA ILE A 55 -3.07 17.56 35.83
C ILE A 55 -1.98 17.81 36.88
N ASN A 56 -2.32 18.46 38.00
CA ASN A 56 -1.36 18.74 39.07
C ASN A 56 -0.93 17.50 39.85
N ASN A 57 -1.91 16.68 40.27
CA ASN A 57 -1.58 15.50 41.06
C ASN A 57 -0.59 14.58 40.36
N TYR A 58 -0.84 14.31 39.08
CA TYR A 58 0.01 13.42 38.32
C TYR A 58 1.04 14.13 37.49
N LYS A 59 1.23 15.45 37.69
CA LYS A 59 2.24 16.23 36.98
C LYS A 59 2.24 15.91 35.46
N ILE A 60 1.06 16.06 34.85
CA ILE A 60 0.89 15.79 33.43
C ILE A 60 1.51 16.96 32.66
N ASP A 61 2.39 16.64 31.70
CA ASP A 61 3.03 17.63 30.85
C ASP A 61 1.95 18.25 29.93
N CYS A 62 1.81 19.59 29.92
CA CYS A 62 0.79 20.30 29.13
C CYS A 62 0.92 20.06 27.61
N PRO A 63 2.11 20.18 26.96
CA PRO A 63 2.18 19.85 25.52
C PRO A 63 1.72 18.41 25.24
N THR A 64 2.12 17.45 26.10
CA THR A 64 1.74 16.04 25.95
C THR A 64 0.25 15.82 26.08
N LEU A 65 -0.39 16.47 27.09
CA LEU A 65 -1.84 16.33 27.34
C LEU A 65 -2.65 16.94 26.20
N ALA A 66 -2.21 18.10 25.69
CA ALA A 66 -2.87 18.79 24.59
C ALA A 66 -2.82 17.89 23.34
N ARG A 67 -1.65 17.29 23.05
CA ARG A 67 -1.48 16.40 21.89
C ARG A 67 -2.34 15.15 22.08
N PHE A 68 -2.33 14.58 23.29
CA PHE A 68 -3.12 13.38 23.60
C PHE A 68 -4.62 13.59 23.33
N CYS A 69 -5.20 14.67 23.92
CA CYS A 69 -6.62 15.02 23.79
C CYS A 69 -7.07 15.17 22.34
N LEU A 70 -6.25 15.87 21.50
CA LEU A 70 -6.57 16.06 20.10
C LEU A 70 -6.44 14.75 19.31
N MET A 71 -5.44 13.91 19.67
CA MET A 71 -5.24 12.62 19.02
C MET A 71 -6.41 11.68 19.32
N VAL A 72 -6.94 11.74 20.56
CA VAL A 72 -8.11 10.92 20.96
C VAL A 72 -9.34 11.36 20.14
N LYS A 73 -9.60 12.68 20.09
CA LYS A 73 -10.72 13.25 19.31
C LYS A 73 -10.62 12.83 17.81
N LYS A 74 -9.41 12.92 17.23
CA LYS A 74 -9.13 12.55 15.83
C LYS A 74 -9.33 11.04 15.59
N GLY A 75 -9.20 10.24 16.64
CA GLY A 75 -9.34 8.80 16.58
C GLY A 75 -10.75 8.28 16.43
N TYR A 76 -11.73 9.16 16.56
CA TYR A 76 -13.12 8.80 16.38
C TYR A 76 -13.55 9.08 14.97
N ARG A 77 -14.34 8.18 14.39
CA ARG A 77 -14.91 8.36 13.06
C ARG A 77 -16.24 9.11 13.20
N ASP A 78 -17.05 9.18 12.14
CA ASP A 78 -18.31 9.91 12.23
C ASP A 78 -19.59 9.05 11.98
N PRO A 79 -19.78 7.86 12.61
CA PRO A 79 -21.07 7.15 12.44
C PRO A 79 -22.14 7.97 13.20
N PRO A 80 -23.46 7.70 13.04
CA PRO A 80 -24.44 8.55 13.74
C PRO A 80 -24.32 8.61 15.26
N TYR A 81 -23.99 7.49 15.92
CA TYR A 81 -23.91 7.48 17.38
C TYR A 81 -22.47 7.39 17.95
N HIS A 82 -21.68 6.39 17.52
CA HIS A 82 -20.33 6.18 18.09
C HIS A 82 -19.26 7.11 17.53
N ASN A 83 -19.39 8.39 17.83
CA ASN A 83 -18.48 9.43 17.38
C ASN A 83 -17.85 10.15 18.58
N TRP A 84 -17.06 11.22 18.34
CA TRP A 84 -16.41 11.94 19.42
C TRP A 84 -17.39 12.53 20.42
N MET A 85 -18.55 13.06 19.93
CA MET A 85 -19.56 13.64 20.84
C MET A 85 -20.10 12.60 21.84
N HIS A 86 -20.13 11.31 21.45
CA HIS A 86 -20.54 10.25 22.40
C HIS A 86 -19.42 10.13 23.44
N ALA A 87 -18.12 10.01 23.01
CA ALA A 87 -17.01 9.90 23.96
C ALA A 87 -16.92 11.10 24.91
N PHE A 88 -17.10 12.32 24.38
CA PHE A 88 -17.07 13.54 25.18
C PHE A 88 -18.18 13.54 26.26
N SER A 89 -19.42 13.20 25.86
CA SER A 89 -20.59 13.16 26.77
C SER A 89 -20.45 12.06 27.84
N VAL A 90 -19.80 10.94 27.49
CA VAL A 90 -19.53 9.83 28.42
C VAL A 90 -18.47 10.31 29.45
N SER A 91 -17.44 11.05 28.98
CA SER A 91 -16.37 11.60 29.81
C SER A 91 -16.95 12.67 30.75
N HIS A 92 -17.88 13.47 30.24
CA HIS A 92 -18.58 14.49 31.04
C HIS A 92 -19.35 13.83 32.19
N PHE A 93 -20.02 12.70 31.93
CA PHE A 93 -20.75 12.00 32.99
C PHE A 93 -19.81 11.48 34.09
N CYS A 94 -18.62 10.96 33.71
CA CYS A 94 -17.63 10.52 34.69
C CYS A 94 -17.28 11.70 35.62
N TYR A 95 -17.05 12.89 35.03
CA TYR A 95 -16.79 14.12 35.77
C TYR A 95 -17.95 14.45 36.72
N LEU A 96 -19.21 14.26 36.27
CA LEU A 96 -20.41 14.48 37.08
C LEU A 96 -20.46 13.54 38.29
N LEU A 97 -20.07 12.26 38.09
CA LEU A 97 -20.05 11.27 39.18
C LEU A 97 -19.00 11.69 40.22
N TYR A 98 -17.85 12.18 39.76
CA TYR A 98 -16.78 12.69 40.63
C TYR A 98 -17.25 13.91 41.46
N LYS A 99 -17.91 14.85 40.78
CA LYS A 99 -18.39 16.10 41.39
C LYS A 99 -19.58 15.92 42.34
N ASN A 100 -20.52 15.04 41.99
CA ASN A 100 -21.76 14.86 42.75
C ASN A 100 -21.80 13.65 43.70
N LEU A 101 -20.98 12.59 43.48
CA LEU A 101 -21.09 11.39 44.32
C LEU A 101 -19.95 11.08 45.32
N GLU A 102 -18.93 11.91 45.48
CA GLU A 102 -17.86 11.60 46.48
C GLU A 102 -17.19 10.21 46.24
N LEU A 103 -16.64 10.03 45.04
CA LEU A 103 -15.98 8.79 44.59
C LEU A 103 -14.77 8.42 45.41
N THR A 104 -14.10 9.44 45.92
CA THR A 104 -12.90 9.42 46.75
C THR A 104 -13.06 8.58 48.02
N ASN A 105 -14.29 8.24 48.40
CA ASN A 105 -14.56 7.39 49.58
C ASN A 105 -14.62 5.92 49.19
N TYR A 106 -14.65 5.64 47.88
CA TYR A 106 -14.82 4.32 47.30
C TYR A 106 -13.62 3.86 46.48
N LEU A 107 -13.05 4.78 45.70
CA LEU A 107 -11.96 4.44 44.79
C LEU A 107 -10.70 5.23 45.06
N GLU A 108 -9.59 4.69 44.61
CA GLU A 108 -8.28 5.32 44.69
C GLU A 108 -8.23 6.44 43.64
N ASP A 109 -7.36 7.43 43.84
CA ASP A 109 -7.22 8.53 42.88
C ASP A 109 -6.90 8.00 41.49
N ILE A 110 -5.94 7.04 41.38
CA ILE A 110 -5.51 6.46 40.09
C ILE A 110 -6.66 5.75 39.36
N GLU A 111 -7.58 5.12 40.11
CA GLU A 111 -8.75 4.44 39.57
C GLU A 111 -9.73 5.42 38.96
N ILE A 112 -10.00 6.56 39.66
CA ILE A 112 -10.89 7.63 39.19
C ILE A 112 -10.26 8.28 37.94
N PHE A 113 -8.90 8.42 37.93
CA PHE A 113 -8.17 8.97 36.78
C PHE A 113 -8.28 8.02 35.57
N ALA A 114 -8.09 6.71 35.80
CA ALA A 114 -8.19 5.68 34.77
C ALA A 114 -9.60 5.62 34.18
N LEU A 115 -10.63 5.81 35.02
CA LEU A 115 -12.02 5.80 34.58
C LEU A 115 -12.27 6.92 33.57
N PHE A 116 -11.79 8.14 33.88
CA PHE A 116 -11.97 9.31 33.00
C PHE A 116 -11.27 9.15 31.66
N ILE A 117 -10.00 8.73 31.70
CA ILE A 117 -9.22 8.47 30.48
C ILE A 117 -9.85 7.37 29.65
N SER A 118 -10.32 6.29 30.32
CA SER A 118 -11.01 5.20 29.63
C SER A 118 -12.28 5.69 28.96
N CYS A 119 -13.05 6.62 29.60
CA CYS A 119 -14.28 7.18 29.02
C CYS A 119 -13.97 7.88 27.71
N MET A 120 -12.88 8.69 27.69
CA MET A 120 -12.47 9.41 26.47
C MET A 120 -12.12 8.43 25.32
N CYS A 121 -11.48 7.30 25.64
CA CYS A 121 -10.95 6.30 24.69
C CYS A 121 -11.84 5.11 24.37
N HIS A 122 -12.90 4.89 25.14
CA HIS A 122 -13.68 3.64 25.16
C HIS A 122 -14.32 3.20 23.84
N ASP A 123 -14.52 4.09 22.86
CA ASP A 123 -15.12 3.68 21.57
C ASP A 123 -14.25 4.12 20.39
N LEU A 124 -12.94 4.33 20.63
CA LEU A 124 -11.99 4.80 19.60
C LEU A 124 -12.07 3.98 18.33
N ASP A 125 -12.12 4.68 17.17
CA ASP A 125 -12.15 4.06 15.84
C ASP A 125 -13.38 3.13 15.60
N HIS A 126 -14.51 3.40 16.27
CA HIS A 126 -15.74 2.62 16.07
C HIS A 126 -16.21 2.84 14.63
N ARG A 127 -16.59 1.77 13.94
CA ARG A 127 -16.99 1.83 12.54
C ARG A 127 -18.53 1.78 12.36
N GLY A 128 -19.27 1.91 13.45
CA GLY A 128 -20.73 1.88 13.41
C GLY A 128 -21.33 0.49 13.37
N THR A 129 -20.51 -0.55 13.60
CA THR A 129 -21.00 -1.94 13.60
C THR A 129 -20.64 -2.63 14.91
N ASN A 130 -21.42 -3.66 15.33
CA ASN A 130 -21.15 -4.33 16.60
C ASN A 130 -20.16 -5.52 16.49
N ASN A 131 -19.99 -6.29 17.59
CA ASN A 131 -19.07 -7.42 17.65
C ASN A 131 -19.46 -8.55 16.72
N SER A 132 -20.75 -8.92 16.70
CA SER A 132 -21.29 -9.97 15.82
C SER A 132 -21.00 -9.66 14.35
N PHE A 133 -21.15 -8.39 13.94
CA PHE A 133 -20.86 -7.98 12.55
C PHE A 133 -19.40 -8.22 12.17
N GLN A 134 -18.45 -7.94 13.09
CA GLN A 134 -17.02 -8.13 12.82
C GLN A 134 -16.72 -9.57 12.44
N VAL A 135 -17.30 -10.51 13.18
CA VAL A 135 -17.13 -11.94 12.98
C VAL A 135 -17.84 -12.40 11.69
N ALA A 136 -19.11 -11.98 11.49
CA ALA A 136 -19.91 -12.33 10.32
C ALA A 136 -19.29 -11.82 9.01
N SER A 137 -18.76 -10.59 9.02
CA SER A 137 -18.13 -9.99 7.84
C SER A 137 -16.67 -10.37 7.67
N LYS A 138 -16.11 -11.15 8.63
CA LYS A 138 -14.70 -11.60 8.65
C LYS A 138 -13.76 -10.39 8.51
N SER A 139 -14.01 -9.37 9.35
CA SER A 139 -13.23 -8.16 9.37
C SER A 139 -11.84 -8.42 9.97
N VAL A 140 -10.87 -7.52 9.72
CA VAL A 140 -9.50 -7.63 10.26
C VAL A 140 -9.54 -7.68 11.79
N LEU A 141 -10.48 -6.90 12.42
CA LEU A 141 -10.61 -6.87 13.87
C LEU A 141 -11.01 -8.25 14.42
N ALA A 142 -11.92 -8.96 13.75
CA ALA A 142 -12.28 -10.32 14.18
C ALA A 142 -11.10 -11.27 13.99
N ALA A 143 -10.29 -11.08 12.92
CA ALA A 143 -9.12 -11.96 12.69
C ALA A 143 -8.17 -11.81 13.89
N LEU A 144 -8.03 -10.58 14.40
CA LEU A 144 -7.17 -10.28 15.54
C LEU A 144 -7.73 -10.71 16.89
N TYR A 145 -9.04 -10.48 17.15
CA TYR A 145 -9.63 -10.66 18.48
C TYR A 145 -10.83 -11.60 18.68
N SER A 146 -11.40 -12.20 17.62
CA SER A 146 -12.62 -13.02 17.76
C SER A 146 -12.48 -14.21 18.73
N SER A 147 -11.28 -14.82 18.83
CA SER A 147 -11.02 -15.95 19.73
C SER A 147 -11.03 -15.52 21.21
N GLU A 148 -10.79 -14.22 21.48
CA GLU A 148 -10.80 -13.67 22.85
C GLU A 148 -12.12 -13.03 23.25
N GLY A 149 -12.97 -12.71 22.26
CA GLY A 149 -14.25 -12.06 22.51
C GLY A 149 -14.12 -10.55 22.69
N SER A 150 -15.27 -9.82 22.77
CA SER A 150 -15.33 -8.35 22.87
C SER A 150 -14.40 -7.71 21.82
N VAL A 151 -14.58 -8.11 20.55
CA VAL A 151 -13.78 -7.67 19.41
C VAL A 151 -13.55 -6.16 19.39
N MET A 152 -14.63 -5.38 19.37
CA MET A 152 -14.53 -3.92 19.29
C MET A 152 -13.85 -3.30 20.47
N GLU A 153 -14.15 -3.79 21.68
CA GLU A 153 -13.58 -3.28 22.94
C GLU A 153 -12.10 -3.56 23.01
N ARG A 154 -11.63 -4.72 22.51
CA ARG A 154 -10.19 -5.02 22.40
C ARG A 154 -9.54 -4.04 21.42
N HIS A 155 -10.23 -3.70 20.34
CA HIS A 155 -9.72 -2.71 19.37
C HIS A 155 -9.65 -1.30 19.98
N HIS A 156 -10.69 -0.87 20.74
CA HIS A 156 -10.70 0.46 21.35
C HIS A 156 -9.52 0.61 22.30
N PHE A 157 -9.28 -0.42 23.13
CA PHE A 157 -8.14 -0.44 24.04
C PHE A 157 -6.84 -0.38 23.27
N ALA A 158 -6.69 -1.18 22.17
CA ALA A 158 -5.46 -1.18 21.39
C ALA A 158 -5.22 0.16 20.72
N GLN A 159 -6.28 0.89 20.34
CA GLN A 159 -6.18 2.22 19.74
C GLN A 159 -5.70 3.24 20.78
N ALA A 160 -6.14 3.09 22.03
CA ALA A 160 -5.78 3.98 23.14
C ALA A 160 -4.29 3.80 23.44
N ILE A 161 -3.82 2.53 23.44
CA ILE A 161 -2.41 2.16 23.62
C ILE A 161 -1.54 2.73 22.47
N ALA A 162 -2.01 2.63 21.21
CA ALA A 162 -1.29 3.16 20.04
C ALA A 162 -1.15 4.68 20.14
N ILE A 163 -2.16 5.39 20.69
CA ILE A 163 -2.10 6.84 20.87
C ILE A 163 -1.04 7.12 21.92
N LEU A 164 -1.06 6.42 23.06
CA LEU A 164 -0.08 6.59 24.14
C LEU A 164 1.34 6.33 23.66
N ASN A 165 1.51 5.38 22.72
CA ASN A 165 2.83 5.06 22.19
C ASN A 165 3.22 5.90 20.98
N THR A 166 2.45 6.96 20.67
CA THR A 166 2.80 7.89 19.60
C THR A 166 3.69 8.95 20.25
N HIS A 167 4.82 9.29 19.59
CA HIS A 167 5.77 10.27 20.14
C HIS A 167 5.06 11.57 20.52
N GLY A 168 5.29 12.02 21.76
CA GLY A 168 4.72 13.23 22.32
C GLY A 168 3.30 13.12 22.87
N CYS A 169 2.74 11.90 22.93
CA CYS A 169 1.37 11.70 23.40
C CYS A 169 1.27 10.85 24.67
N ASN A 170 2.40 10.36 25.22
CA ASN A 170 2.33 9.54 26.42
C ASN A 170 2.19 10.37 27.69
N ILE A 171 0.95 10.64 28.08
CA ILE A 171 0.63 11.41 29.29
C ILE A 171 1.07 10.71 30.60
N PHE A 172 1.44 9.40 30.54
CA PHE A 172 1.91 8.63 31.69
C PHE A 172 3.40 8.20 31.61
N ASP A 173 4.20 8.75 30.67
CA ASP A 173 5.58 8.27 30.48
C ASP A 173 6.54 8.58 31.64
N HIS A 174 6.18 9.51 32.53
CA HIS A 174 6.98 9.89 33.69
C HIS A 174 6.54 9.11 34.94
N PHE A 175 5.43 8.34 34.85
CA PHE A 175 4.91 7.54 35.98
C PHE A 175 5.91 6.48 36.38
N SER A 176 5.86 6.00 37.64
CA SER A 176 6.72 4.90 38.06
C SER A 176 6.28 3.67 37.24
N ARG A 177 7.18 2.70 37.05
CA ARG A 177 6.91 1.48 36.30
C ARG A 177 5.66 0.77 36.85
N LYS A 178 5.51 0.71 38.19
CA LYS A 178 4.36 0.13 38.87
C LYS A 178 3.06 0.90 38.57
N ASP A 179 3.09 2.26 38.65
CA ASP A 179 1.92 3.10 38.38
C ASP A 179 1.51 3.06 36.91
N TYR A 180 2.51 2.95 36.03
CA TYR A 180 2.29 2.85 34.58
C TYR A 180 1.58 1.51 34.26
N GLN A 181 2.07 0.40 34.84
CA GLN A 181 1.47 -0.92 34.64
C GLN A 181 0.03 -0.94 35.15
N ARG A 182 -0.19 -0.40 36.35
CA ARG A 182 -1.49 -0.27 37.01
C ARG A 182 -2.50 0.47 36.12
N MET A 183 -2.11 1.65 35.60
CA MET A 183 -2.92 2.52 34.74
C MET A 183 -3.39 1.79 33.47
N LEU A 184 -2.47 1.13 32.77
CA LEU A 184 -2.79 0.40 31.54
C LEU A 184 -3.67 -0.83 31.84
N ASP A 185 -3.45 -1.46 32.99
CA ASP A 185 -4.28 -2.60 33.43
C ASP A 185 -5.72 -2.15 33.76
N LEU A 186 -5.87 -0.98 34.43
CA LEU A 186 -7.18 -0.40 34.74
C LEU A 186 -7.93 -0.03 33.45
N MET A 187 -7.25 0.66 32.51
CA MET A 187 -7.83 1.03 31.24
C MET A 187 -8.32 -0.21 30.48
N ARG A 188 -7.55 -1.33 30.53
CA ARG A 188 -7.95 -2.58 29.91
C ARG A 188 -9.28 -3.10 30.48
N ASP A 189 -9.35 -3.21 31.81
CA ASP A 189 -10.55 -3.73 32.49
C ASP A 189 -11.76 -2.83 32.28
N ILE A 190 -11.55 -1.52 32.36
CA ILE A 190 -12.63 -0.54 32.20
C ILE A 190 -13.16 -0.53 30.77
N ILE A 191 -12.26 -0.48 29.77
CA ILE A 191 -12.69 -0.49 28.37
C ILE A 191 -13.38 -1.83 28.03
N LEU A 192 -12.86 -2.97 28.53
N LEU A 192 -12.86 -2.97 28.53
CA LEU A 192 -13.52 -4.25 28.26
CA LEU A 192 -13.48 -4.28 28.31
C LEU A 192 -14.89 -4.36 28.94
C LEU A 192 -14.89 -4.33 28.92
N ALA A 193 -15.09 -3.65 30.06
CA ALA A 193 -16.37 -3.57 30.78
C ALA A 193 -17.48 -2.88 29.97
N THR A 194 -17.12 -2.05 28.92
CA THR A 194 -18.10 -1.39 28.06
C THR A 194 -18.86 -2.38 27.15
N ASP A 195 -18.39 -3.65 27.02
CA ASP A 195 -19.13 -4.65 26.26
C ASP A 195 -20.35 -4.98 27.13
N LEU A 196 -21.58 -4.68 26.66
CA LEU A 196 -22.80 -4.97 27.41
C LEU A 196 -22.92 -6.46 27.76
N ALA A 197 -22.27 -7.35 26.98
CA ALA A 197 -22.24 -8.80 27.25
C ALA A 197 -21.50 -9.05 28.56
N HIS A 198 -20.45 -8.25 28.82
CA HIS A 198 -19.65 -8.35 30.07
C HIS A 198 -20.50 -7.84 31.22
N HIS A 199 -21.22 -6.70 31.03
CA HIS A 199 -22.10 -6.17 32.06
C HIS A 199 -23.14 -7.23 32.49
N LEU A 200 -23.82 -7.86 31.51
CA LEU A 200 -24.85 -8.87 31.77
C LEU A 200 -24.29 -10.11 32.47
N ARG A 201 -23.01 -10.47 32.22
CA ARG A 201 -22.35 -11.60 32.88
C ARG A 201 -22.04 -11.28 34.36
N ILE A 202 -21.62 -10.04 34.67
CA ILE A 202 -21.26 -9.65 36.05
C ILE A 202 -22.44 -9.06 36.87
N PHE A 203 -23.62 -8.88 36.25
CA PHE A 203 -24.76 -8.24 36.90
C PHE A 203 -25.12 -8.87 38.27
N LYS A 204 -25.08 -10.20 38.38
CA LYS A 204 -25.37 -10.87 39.66
C LYS A 204 -24.32 -10.54 40.73
N ASP A 205 -23.03 -10.40 40.31
CA ASP A 205 -21.95 -10.01 41.23
C ASP A 205 -22.13 -8.55 41.68
N LEU A 206 -22.64 -7.68 40.79
CA LEU A 206 -22.93 -6.27 41.11
C LEU A 206 -24.06 -6.18 42.12
N GLN A 207 -25.12 -6.99 41.91
CA GLN A 207 -26.28 -7.07 42.83
C GLN A 207 -25.81 -7.54 44.20
N LYS A 208 -24.95 -8.58 44.24
CA LYS A 208 -24.41 -9.14 45.48
C LYS A 208 -23.60 -8.10 46.26
N MET A 209 -22.76 -7.32 45.57
CA MET A 209 -21.95 -6.26 46.17
C MET A 209 -22.82 -5.17 46.80
N ALA A 210 -23.88 -4.72 46.08
CA ALA A 210 -24.81 -3.70 46.59
C ALA A 210 -25.56 -4.24 47.82
N GLU A 211 -25.91 -5.53 47.79
CA GLU A 211 -26.64 -6.24 48.87
C GLU A 211 -25.82 -6.32 50.17
N VAL A 212 -24.56 -6.78 50.08
CA VAL A 212 -23.68 -6.92 51.24
C VAL A 212 -23.12 -5.57 51.71
N GLY A 213 -23.00 -4.65 50.76
CA GLY A 213 -22.46 -3.32 51.00
C GLY A 213 -21.03 -3.26 50.52
N TYR A 214 -20.68 -2.15 49.86
CA TYR A 214 -19.36 -1.90 49.31
C TYR A 214 -18.30 -1.96 50.40
N ASP A 215 -17.25 -2.76 50.16
CA ASP A 215 -16.12 -2.93 51.08
C ASP A 215 -14.91 -2.30 50.40
N ARG A 216 -14.53 -1.10 50.86
CA ARG A 216 -13.36 -0.35 50.39
C ARG A 216 -12.05 -1.14 50.47
N ASN A 217 -11.96 -2.14 51.36
CA ASN A 217 -10.78 -2.98 51.52
C ASN A 217 -10.80 -4.24 50.63
N ASN A 218 -11.89 -4.43 49.85
CA ASN A 218 -12.05 -5.56 48.93
C ASN A 218 -11.69 -5.10 47.51
N LYS A 219 -10.59 -5.63 46.96
CA LYS A 219 -10.09 -5.31 45.62
C LYS A 219 -11.09 -5.70 44.52
N GLN A 220 -11.86 -6.80 44.71
CA GLN A 220 -12.85 -7.19 43.71
C GLN A 220 -14.02 -6.18 43.68
N HIS A 221 -14.36 -5.59 44.86
CA HIS A 221 -15.40 -4.57 44.92
C HIS A 221 -14.98 -3.32 44.14
N HIS A 222 -13.69 -2.96 44.18
CA HIS A 222 -13.15 -1.81 43.40
C HIS A 222 -13.32 -2.09 41.91
N ARG A 223 -12.96 -3.31 41.46
CA ARG A 223 -13.07 -3.75 40.07
C ARG A 223 -14.54 -3.72 39.61
N LEU A 224 -15.46 -4.28 40.42
CA LEU A 224 -16.90 -4.29 40.12
C LEU A 224 -17.48 -2.89 40.07
N LEU A 225 -17.10 -2.01 41.02
CA LEU A 225 -17.60 -0.64 41.05
C LEU A 225 -17.17 0.14 39.80
N LEU A 226 -15.92 -0.04 39.37
CA LEU A 226 -15.41 0.63 38.15
C LEU A 226 -16.18 0.18 36.90
N CYS A 227 -16.60 -1.10 36.86
CA CYS A 227 -17.38 -1.66 35.75
C CYS A 227 -18.76 -0.99 35.75
N LEU A 228 -19.44 -0.95 36.91
CA LEU A 228 -20.75 -0.30 37.05
C LEU A 228 -20.71 1.19 36.65
N LEU A 229 -19.70 1.92 37.14
CA LEU A 229 -19.54 3.35 36.85
C LEU A 229 -19.31 3.60 35.37
N MET A 230 -18.47 2.77 34.73
CA MET A 230 -18.20 2.88 33.29
C MET A 230 -19.50 2.66 32.49
N THR A 231 -20.28 1.61 32.85
CA THR A 231 -21.56 1.33 32.18
C THR A 231 -22.53 2.49 32.40
N SER A 232 -22.54 3.07 33.62
CA SER A 232 -23.36 4.23 33.97
C SER A 232 -22.99 5.44 33.09
N CYS A 233 -21.70 5.62 32.81
CA CYS A 233 -21.23 6.71 31.93
C CYS A 233 -21.65 6.46 30.47
N ASP A 234 -21.43 5.23 29.99
CA ASP A 234 -21.75 4.82 28.62
C ASP A 234 -23.23 4.96 28.23
N LEU A 235 -24.16 4.72 29.19
CA LEU A 235 -25.61 4.83 28.95
C LEU A 235 -26.21 6.14 29.48
N SER A 236 -25.34 7.08 29.92
CA SER A 236 -25.74 8.35 30.54
C SER A 236 -26.65 9.25 29.68
N ASP A 237 -26.69 9.02 28.35
CA ASP A 237 -27.59 9.76 27.44
C ASP A 237 -29.05 9.57 27.84
N GLN A 238 -29.34 8.47 28.57
CA GLN A 238 -30.70 8.16 29.04
C GLN A 238 -31.11 8.83 30.36
N THR A 239 -30.19 9.56 31.02
CA THR A 239 -30.43 10.20 32.32
C THR A 239 -30.84 11.66 32.20
N LYS A 240 -31.01 12.16 30.97
CA LYS A 240 -31.36 13.56 30.72
C LYS A 240 -32.89 13.64 30.42
N GLY A 241 -33.33 14.61 29.64
CA GLY A 241 -34.76 14.74 29.34
C GLY A 241 -35.22 13.92 28.15
N TRP A 242 -36.51 14.03 27.81
CA TRP A 242 -37.10 13.34 26.67
C TRP A 242 -36.44 13.76 25.35
N LYS A 243 -36.10 15.07 25.22
CA LYS A 243 -35.47 15.62 24.02
C LYS A 243 -34.18 14.87 23.66
N THR A 244 -33.34 14.56 24.67
CA THR A 244 -32.08 13.82 24.51
C THR A 244 -32.40 12.37 24.14
N THR A 245 -33.29 11.70 24.90
CA THR A 245 -33.72 10.31 24.67
C THR A 245 -34.23 10.11 23.24
N ARG A 246 -35.13 11.00 22.77
CA ARG A 246 -35.69 10.95 21.42
C ARG A 246 -34.58 11.07 20.35
N LYS A 247 -33.70 12.09 20.48
CA LYS A 247 -32.58 12.35 19.56
C LYS A 247 -31.59 11.17 19.54
N ILE A 248 -31.27 10.61 20.72
CA ILE A 248 -30.33 9.50 20.84
C ILE A 248 -30.90 8.24 20.18
N ALA A 249 -32.23 8.00 20.31
CA ALA A 249 -32.89 6.88 19.64
C ALA A 249 -32.77 7.00 18.10
N GLU A 250 -32.89 8.25 17.54
CA GLU A 250 -32.69 8.49 16.11
C GLU A 250 -31.28 8.10 15.66
N LEU A 251 -30.25 8.51 16.44
CA LEU A 251 -28.84 8.22 16.12
C LEU A 251 -28.52 6.74 16.22
N ILE A 252 -28.94 6.10 17.33
CA ILE A 252 -28.70 4.68 17.55
C ILE A 252 -29.35 3.80 16.46
N TYR A 253 -30.62 4.04 16.15
CA TYR A 253 -31.33 3.23 15.14
C TYR A 253 -30.84 3.53 13.73
N LYS A 254 -30.40 4.77 13.43
CA LYS A 254 -29.82 5.04 12.10
C LYS A 254 -28.55 4.18 11.93
N GLU A 255 -27.73 4.10 13.00
CA GLU A 255 -26.52 3.28 13.01
C GLU A 255 -26.86 1.80 12.91
N PHE A 256 -27.81 1.30 13.75
CA PHE A 256 -28.23 -0.11 13.76
C PHE A 256 -28.80 -0.54 12.41
N PHE A 257 -29.69 0.28 11.83
CA PHE A 257 -30.33 -0.06 10.55
C PHE A 257 -29.34 -0.07 9.40
N SER A 258 -28.27 0.78 9.44
CA SER A 258 -27.22 0.80 8.44
C SER A 258 -26.48 -0.56 8.49
N GLN A 259 -26.22 -1.08 9.72
CA GLN A 259 -25.60 -2.40 9.89
C GLN A 259 -26.53 -3.49 9.33
N GLY A 260 -27.81 -3.43 9.68
CA GLY A 260 -28.81 -4.38 9.21
C GLY A 260 -28.90 -4.46 7.70
N ASP A 261 -28.79 -3.29 7.02
CA ASP A 261 -28.78 -3.18 5.56
C ASP A 261 -27.56 -3.93 4.99
N LEU A 262 -26.39 -3.77 5.62
CA LEU A 262 -25.15 -4.46 5.21
C LEU A 262 -25.29 -5.98 5.39
N GLU A 263 -25.88 -6.42 6.51
CA GLU A 263 -26.09 -7.86 6.79
C GLU A 263 -27.02 -8.49 5.75
N LYS A 264 -28.13 -7.80 5.38
CA LYS A 264 -29.09 -8.27 4.36
C LYS A 264 -28.39 -8.41 3.01
N ALA A 265 -27.55 -7.43 2.64
CA ALA A 265 -26.79 -7.42 1.38
C ALA A 265 -25.77 -8.58 1.34
N MET A 266 -25.27 -9.03 2.51
CA MET A 266 -24.36 -10.15 2.72
C MET A 266 -25.11 -11.49 2.75
N GLY A 267 -26.44 -11.47 2.70
CA GLY A 267 -27.28 -12.66 2.74
C GLY A 267 -27.60 -13.16 4.13
N ASN A 268 -27.33 -12.33 5.15
CA ASN A 268 -27.59 -12.66 6.55
C ASN A 268 -28.84 -11.98 7.07
N ARG A 269 -29.53 -12.65 8.01
CA ARG A 269 -30.74 -12.14 8.64
C ARG A 269 -30.31 -11.28 9.85
N PRO A 270 -30.46 -9.93 9.80
CA PRO A 270 -30.06 -9.11 10.95
C PRO A 270 -30.93 -9.37 12.16
N MET A 271 -30.46 -8.97 13.35
CA MET A 271 -31.23 -9.06 14.60
C MET A 271 -32.45 -8.13 14.38
N GLU A 272 -33.58 -8.41 15.05
CA GLU A 272 -34.80 -7.60 14.95
C GLU A 272 -34.54 -6.08 15.12
N MET A 273 -33.75 -5.68 16.15
CA MET A 273 -33.45 -4.27 16.44
C MET A 273 -32.58 -3.58 15.39
N MET A 274 -31.97 -4.37 14.47
CA MET A 274 -31.11 -3.87 13.42
C MET A 274 -31.79 -3.98 12.03
N ASP A 275 -33.03 -4.46 11.99
CA ASP A 275 -33.81 -4.61 10.76
C ASP A 275 -34.87 -3.51 10.68
N ARG A 276 -34.68 -2.50 9.80
CA ARG A 276 -35.59 -1.37 9.62
C ARG A 276 -37.02 -1.77 9.20
N GLU A 277 -37.19 -3.00 8.66
CA GLU A 277 -38.51 -3.50 8.24
C GLU A 277 -39.25 -4.22 9.38
N LYS A 278 -38.52 -4.60 10.45
CA LYS A 278 -39.10 -5.33 11.58
C LYS A 278 -39.05 -4.60 12.92
N ALA A 279 -38.05 -3.74 13.12
CA ALA A 279 -37.83 -3.02 14.37
C ALA A 279 -38.97 -2.06 14.69
N TYR A 280 -39.56 -2.19 15.89
CA TYR A 280 -40.61 -1.31 16.39
C TYR A 280 -39.99 -0.57 17.56
N ILE A 281 -39.43 0.62 17.25
CA ILE A 281 -38.65 1.49 18.14
C ILE A 281 -39.25 1.66 19.56
N PRO A 282 -40.55 2.01 19.81
CA PRO A 282 -41.00 2.15 21.22
C PRO A 282 -40.85 0.89 22.08
N GLU A 283 -41.19 -0.28 21.50
CA GLU A 283 -41.11 -1.58 22.16
C GLU A 283 -39.65 -1.92 22.50
N LEU A 284 -38.74 -1.66 21.55
CA LEU A 284 -37.31 -1.93 21.70
C LEU A 284 -36.69 -1.01 22.72
N GLN A 285 -37.12 0.27 22.75
CA GLN A 285 -36.59 1.22 23.72
C GLN A 285 -37.12 0.92 25.12
N ILE A 286 -38.40 0.52 25.24
CA ILE A 286 -39.01 0.14 26.54
C ILE A 286 -38.22 -1.06 27.10
N SER A 287 -37.97 -2.08 26.26
CA SER A 287 -37.22 -3.29 26.61
C SER A 287 -35.80 -2.96 27.09
N PHE A 288 -35.08 -2.09 26.35
CA PHE A 288 -33.73 -1.67 26.73
C PHE A 288 -33.73 -0.91 28.05
N MET A 289 -34.69 0.03 28.25
CA MET A 289 -34.81 0.82 29.47
C MET A 289 -35.16 -0.06 30.67
N GLU A 290 -36.17 -0.91 30.52
CA GLU A 290 -36.64 -1.80 31.58
C GLU A 290 -35.64 -2.84 32.02
N HIS A 291 -34.98 -3.50 31.06
CA HIS A 291 -34.11 -4.63 31.36
C HIS A 291 -32.61 -4.31 31.41
N ILE A 292 -32.15 -3.19 30.83
CA ILE A 292 -30.72 -2.88 30.90
C ILE A 292 -30.47 -1.57 31.67
N ALA A 293 -30.98 -0.41 31.17
CA ALA A 293 -30.70 0.89 31.77
C ALA A 293 -31.23 1.09 33.20
N MET A 294 -32.53 0.85 33.44
CA MET A 294 -33.13 1.02 34.78
C MET A 294 -32.43 0.20 35.86
N PRO A 295 -32.14 -1.13 35.66
CA PRO A 295 -31.42 -1.89 36.71
C PRO A 295 -30.02 -1.36 37.04
N ILE A 296 -29.32 -0.76 36.06
CA ILE A 296 -27.99 -0.16 36.23
C ILE A 296 -28.07 1.03 37.18
N TYR A 297 -29.00 1.98 36.91
CA TYR A 297 -29.14 3.18 37.72
C TYR A 297 -29.79 2.88 39.06
N LYS A 298 -30.51 1.76 39.17
CA LYS A 298 -31.07 1.30 40.44
C LYS A 298 -29.91 0.83 41.33
N LEU A 299 -28.95 0.07 40.75
CA LEU A 299 -27.74 -0.38 41.47
C LEU A 299 -26.92 0.82 41.89
N LEU A 300 -26.77 1.82 41.00
CA LEU A 300 -26.03 3.05 41.27
C LEU A 300 -26.67 3.81 42.44
N GLN A 301 -28.03 3.86 42.46
CA GLN A 301 -28.82 4.50 43.52
C GLN A 301 -28.64 3.75 44.86
N ASP A 302 -28.64 2.40 44.82
CA ASP A 302 -28.45 1.55 46.02
C ASP A 302 -27.08 1.79 46.67
N LEU A 303 -26.03 1.99 45.85
CA LEU A 303 -24.67 2.25 46.33
C LEU A 303 -24.44 3.72 46.69
N PHE A 304 -25.08 4.64 45.94
CA PHE A 304 -24.93 6.07 46.14
C PHE A 304 -26.33 6.71 46.23
N PRO A 305 -26.80 7.09 47.45
CA PRO A 305 -28.14 7.70 47.54
C PRO A 305 -28.34 8.96 46.71
N LYS A 306 -27.27 9.78 46.53
CA LYS A 306 -27.32 11.02 45.74
C LYS A 306 -27.55 10.80 44.24
N ALA A 307 -27.47 9.53 43.76
CA ALA A 307 -27.69 9.15 42.36
C ALA A 307 -29.18 8.83 42.07
N ALA A 308 -30.07 9.02 43.07
CA ALA A 308 -31.51 8.74 42.98
C ALA A 308 -32.19 9.45 41.80
N GLU A 309 -31.81 10.72 41.55
CA GLU A 309 -32.39 11.50 40.45
C GLU A 309 -32.14 10.87 39.09
N LEU A 310 -30.99 10.18 38.91
CA LEU A 310 -30.62 9.53 37.66
C LEU A 310 -31.59 8.42 37.32
N TYR A 311 -31.88 7.53 38.30
CA TYR A 311 -32.83 6.43 38.13
C TYR A 311 -34.22 6.97 37.79
N GLU A 312 -34.66 8.02 38.52
CA GLU A 312 -35.96 8.67 38.31
C GLU A 312 -36.11 9.23 36.91
N ARG A 313 -35.05 9.87 36.35
CA ARG A 313 -35.07 10.39 34.98
C ARG A 313 -35.14 9.26 33.96
N VAL A 314 -34.40 8.16 34.19
CA VAL A 314 -34.43 6.99 33.30
C VAL A 314 -35.84 6.38 33.29
N ALA A 315 -36.45 6.23 34.48
CA ALA A 315 -37.82 5.70 34.63
C ALA A 315 -38.84 6.61 33.94
N SER A 316 -38.66 7.94 34.02
CA SER A 316 -39.52 8.95 33.39
C SER A 316 -39.41 8.85 31.87
N ASN A 317 -38.17 8.69 31.35
CA ASN A 317 -37.92 8.55 29.92
C ASN A 317 -38.53 7.26 29.35
N ARG A 318 -38.51 6.15 30.14
CA ARG A 318 -39.12 4.87 29.78
C ARG A 318 -40.64 5.06 29.66
N GLU A 319 -41.25 5.81 30.60
CA GLU A 319 -42.69 6.05 30.61
C GLU A 319 -43.15 6.91 29.43
N HIS A 320 -42.30 7.86 28.99
CA HIS A 320 -42.58 8.71 27.84
C HIS A 320 -42.70 7.89 26.53
N TRP A 321 -41.96 6.75 26.41
CA TRP A 321 -42.03 5.86 25.24
C TRP A 321 -43.43 5.22 25.14
N THR A 322 -43.99 4.77 26.29
CA THR A 322 -45.33 4.20 26.34
C THR A 322 -46.35 5.26 25.94
N LYS A 323 -46.16 6.52 26.39
CA LYS A 323 -47.05 7.64 26.10
C LYS A 323 -47.10 8.00 24.61
N VAL A 324 -45.95 7.95 23.89
CA VAL A 324 -45.91 8.31 22.46
C VAL A 324 -46.07 7.10 21.51
N SER A 325 -46.17 5.88 22.08
CA SER A 325 -46.26 4.63 21.35
C SER A 325 -47.39 4.57 20.30
N HIS A 326 -48.58 5.15 20.62
CA HIS A 326 -49.75 5.20 19.73
C HIS A 326 -49.47 5.96 18.41
N LYS A 327 -48.52 6.91 18.44
CA LYS A 327 -48.14 7.72 17.29
C LYS A 327 -47.44 6.90 16.19
N PHE A 328 -46.97 5.68 16.52
CA PHE A 328 -46.31 4.79 15.58
C PHE A 328 -47.31 3.97 14.75
N THR A 329 -48.62 4.19 14.97
CA THR A 329 -49.71 3.59 14.19
C THR A 329 -50.28 4.70 13.30
N ILE A 330 -50.34 4.44 11.98
CA ILE A 330 -50.87 5.35 10.96
C ILE A 330 -52.39 5.35 11.02
N ARG A 331 -52.93 6.39 11.65
CA ARG A 331 -54.38 6.59 11.76
C ARG A 331 -54.76 7.60 10.71
N GLY A 332 -55.91 7.40 10.06
CA GLY A 332 -56.37 8.19 8.93
C GLY A 332 -55.45 7.99 7.73
N LEU A 333 -55.26 9.05 6.94
CA LEU A 333 -54.34 9.02 5.80
C LEU A 333 -53.01 9.71 6.18
N PRO A 334 -51.88 9.43 5.49
CA PRO A 334 -50.65 10.23 5.76
C PRO A 334 -50.88 11.67 5.27
N SER A 335 -50.00 12.62 5.67
CA SER A 335 -50.10 14.05 5.34
C SER A 335 -50.35 14.38 3.86
N ASN A 336 -49.82 13.56 2.94
CA ASN A 336 -50.00 13.75 1.50
C ASN A 336 -51.36 13.26 0.95
N ASN A 337 -52.19 12.62 1.82
CA ASN A 337 -53.52 12.05 1.47
C ASN A 337 -53.43 10.93 0.43
N SER A 338 -52.30 10.23 0.40
CA SER A 338 -52.05 9.17 -0.55
C SER A 338 -51.71 7.88 0.15
N LEU A 339 -52.10 6.75 -0.44
CA LEU A 339 -51.77 5.44 0.09
C LEU A 339 -50.65 4.77 -0.74
N ASP A 340 -49.87 5.58 -1.53
CA ASP A 340 -48.76 5.11 -2.39
C ASP A 340 -47.75 4.24 -1.68
N PHE A 341 -47.50 4.52 -0.36
CA PHE A 341 -46.57 3.78 0.51
C PHE A 341 -46.91 2.28 0.62
N LEU A 342 -48.11 1.87 0.13
CA LEU A 342 -48.55 0.48 0.15
C LEU A 342 -48.11 -0.23 -1.12
N ASP B 6 14.96 5.60 -1.48
CA ASP B 6 16.36 5.36 -1.79
C ASP B 6 16.63 3.85 -1.94
N GLU B 7 16.29 3.08 -0.88
CA GLU B 7 16.42 1.63 -0.83
C GLU B 7 15.28 1.05 -1.64
N TYR B 8 14.08 1.63 -1.48
CA TYR B 8 12.87 1.27 -2.22
C TYR B 8 13.09 1.44 -3.72
N THR B 9 13.67 2.58 -4.14
CA THR B 9 13.92 2.87 -5.55
C THR B 9 14.74 1.77 -6.23
N LYS B 10 15.87 1.38 -5.61
CA LYS B 10 16.74 0.34 -6.14
C LYS B 10 16.06 -1.01 -6.09
N LEU B 11 15.39 -1.30 -4.99
CA LEU B 11 14.69 -2.56 -4.82
C LEU B 11 13.62 -2.81 -5.90
N LEU B 12 12.94 -1.74 -6.34
CA LEU B 12 11.91 -1.83 -7.36
C LEU B 12 12.40 -1.72 -8.79
N HIS B 13 13.28 -0.74 -9.09
CA HIS B 13 13.67 -0.46 -10.47
C HIS B 13 14.88 -1.26 -10.99
N ASP B 14 15.73 -1.82 -10.11
CA ASP B 14 16.86 -2.67 -10.49
C ASP B 14 16.33 -4.09 -10.74
N GLY B 15 16.93 -4.82 -11.65
CA GLY B 15 16.52 -6.19 -11.91
C GLY B 15 16.75 -7.06 -10.67
N ILE B 16 15.78 -7.94 -10.37
CA ILE B 16 15.91 -8.90 -9.26
C ILE B 16 17.03 -9.88 -9.63
N GLN B 17 18.14 -9.78 -8.91
CA GLN B 17 19.36 -10.58 -9.08
C GLN B 17 19.06 -12.09 -9.01
N PRO B 18 19.64 -12.95 -9.90
CA PRO B 18 19.40 -14.40 -9.78
C PRO B 18 20.05 -14.90 -8.48
N VAL B 19 19.42 -15.88 -7.84
CA VAL B 19 19.85 -16.49 -6.58
C VAL B 19 21.35 -16.84 -6.54
N ALA B 20 21.87 -17.50 -7.59
CA ALA B 20 23.27 -17.92 -7.65
C ALA B 20 24.24 -16.75 -7.79
N ALA B 21 23.76 -15.54 -8.21
CA ALA B 21 24.60 -14.34 -8.31
C ALA B 21 24.89 -13.69 -6.93
N ILE B 22 24.11 -14.09 -5.88
CA ILE B 22 24.29 -13.63 -4.50
C ILE B 22 25.52 -14.32 -3.91
N ASP B 23 25.55 -15.67 -4.05
CA ASP B 23 26.63 -16.56 -3.62
C ASP B 23 26.42 -17.88 -4.37
N SER B 24 27.52 -18.52 -4.82
CA SER B 24 27.46 -19.79 -5.55
C SER B 24 26.88 -20.93 -4.69
N ASN B 25 26.96 -20.79 -3.36
CA ASN B 25 26.48 -21.77 -2.39
C ASN B 25 25.14 -21.38 -1.72
N PHE B 26 24.50 -20.29 -2.17
CA PHE B 26 23.24 -19.76 -1.61
C PHE B 26 22.10 -20.78 -1.42
N ALA B 27 21.95 -21.77 -2.33
CA ALA B 27 20.88 -22.78 -2.23
C ALA B 27 21.28 -24.07 -1.49
N SER B 28 22.43 -24.05 -0.77
CA SER B 28 22.94 -25.18 0.00
C SER B 28 22.70 -25.02 1.51
N PHE B 29 22.49 -26.14 2.19
CA PHE B 29 22.35 -26.25 3.64
C PHE B 29 23.62 -25.80 4.40
N THR B 30 24.78 -25.78 3.71
CA THR B 30 26.07 -25.38 4.28
C THR B 30 26.22 -23.85 4.32
N TYR B 31 25.41 -23.13 3.53
CA TYR B 31 25.44 -21.67 3.46
C TYR B 31 24.92 -21.04 4.77
N THR B 32 25.61 -19.97 5.23
CA THR B 32 25.21 -19.24 6.44
C THR B 32 24.63 -17.90 6.02
N PRO B 33 23.28 -17.74 6.00
CA PRO B 33 22.69 -16.45 5.56
C PRO B 33 23.09 -15.23 6.37
N ARG B 34 23.55 -15.42 7.63
CA ARG B 34 24.02 -14.31 8.47
C ARG B 34 25.31 -13.68 7.94
N SER B 35 26.03 -14.39 7.01
CA SER B 35 27.23 -13.87 6.35
C SER B 35 26.86 -12.80 5.34
N LEU B 36 25.61 -12.80 4.84
CA LEU B 36 25.16 -11.81 3.87
C LEU B 36 25.02 -10.44 4.53
N PRO B 37 25.61 -9.35 3.96
CA PRO B 37 25.45 -8.02 4.58
C PRO B 37 23.97 -7.66 4.71
N GLU B 38 23.57 -7.02 5.84
CA GLU B 38 22.17 -6.63 6.08
C GLU B 38 21.56 -5.81 4.95
N ASP B 39 22.36 -4.94 4.31
CA ASP B 39 21.95 -4.08 3.19
C ASP B 39 21.53 -4.85 1.91
N ASP B 40 21.90 -6.14 1.79
CA ASP B 40 21.59 -7.00 0.64
C ASP B 40 20.46 -7.99 0.92
N THR B 41 19.93 -8.03 2.16
CA THR B 41 18.92 -9.00 2.57
C THR B 41 17.55 -8.80 1.92
N SER B 42 17.07 -7.55 1.75
CA SER B 42 15.76 -7.32 1.12
C SER B 42 15.77 -7.77 -0.36
N MET B 43 16.90 -7.53 -1.06
CA MET B 43 17.07 -7.99 -2.45
C MET B 43 17.15 -9.53 -2.49
N ALA B 44 17.78 -10.14 -1.48
CA ALA B 44 17.88 -11.61 -1.37
C ALA B 44 16.49 -12.25 -1.19
N ILE B 45 15.58 -11.60 -0.42
CA ILE B 45 14.20 -12.04 -0.22
C ILE B 45 13.48 -12.06 -1.58
N LEU B 46 13.66 -10.98 -2.40
CA LEU B 46 13.05 -10.89 -3.72
C LEU B 46 13.61 -11.97 -4.65
N SER B 47 14.94 -12.24 -4.56
CA SER B 47 15.60 -13.26 -5.36
C SER B 47 15.06 -14.66 -5.06
N MET B 48 14.80 -14.96 -3.79
CA MET B 48 14.25 -16.25 -3.34
C MET B 48 12.79 -16.40 -3.79
N LEU B 49 11.97 -15.33 -3.63
CA LEU B 49 10.57 -15.31 -4.09
C LEU B 49 10.50 -15.51 -5.59
N GLN B 50 11.41 -14.88 -6.35
CA GLN B 50 11.52 -15.00 -7.82
C GLN B 50 11.91 -16.43 -8.21
N ASP B 51 12.90 -17.02 -7.52
CA ASP B 51 13.37 -18.38 -7.79
C ASP B 51 12.32 -19.45 -7.48
N MET B 52 11.48 -19.21 -6.48
CA MET B 52 10.40 -20.13 -6.10
C MET B 52 9.18 -19.90 -7.02
N ASN B 53 9.25 -18.86 -7.89
CA ASN B 53 8.25 -18.42 -8.87
C ASN B 53 6.93 -17.89 -8.24
N PHE B 54 6.96 -17.43 -6.97
CA PHE B 54 5.76 -16.91 -6.29
C PHE B 54 5.26 -15.60 -6.86
N ILE B 55 6.17 -14.76 -7.35
CA ILE B 55 5.87 -13.45 -7.96
C ILE B 55 4.99 -13.62 -9.22
N ASN B 56 5.27 -14.66 -10.05
CA ASN B 56 4.50 -14.93 -11.27
C ASN B 56 3.18 -15.67 -11.02
N ASN B 57 3.24 -16.86 -10.39
CA ASN B 57 2.05 -17.67 -10.10
C ASN B 57 0.97 -16.91 -9.35
N TYR B 58 1.38 -15.96 -8.49
CA TYR B 58 0.49 -15.11 -7.71
C TYR B 58 0.43 -13.67 -8.24
N LYS B 59 0.89 -13.45 -9.48
CA LYS B 59 0.95 -12.17 -10.19
C LYS B 59 1.16 -10.97 -9.25
N ILE B 60 2.16 -11.06 -8.35
CA ILE B 60 2.47 -10.07 -7.33
C ILE B 60 2.98 -8.78 -7.94
N ASP B 61 2.29 -7.67 -7.63
CA ASP B 61 2.69 -6.34 -8.08
C ASP B 61 4.07 -6.03 -7.45
N CYS B 62 5.05 -5.69 -8.32
CA CYS B 62 6.42 -5.40 -7.91
C CYS B 62 6.53 -4.22 -6.92
N PRO B 63 5.91 -3.02 -7.16
CA PRO B 63 5.98 -1.95 -6.14
C PRO B 63 5.43 -2.40 -4.80
N THR B 64 4.31 -3.19 -4.80
CA THR B 64 3.68 -3.71 -3.58
C THR B 64 4.61 -4.66 -2.83
N LEU B 65 5.25 -5.60 -3.55
CA LEU B 65 6.17 -6.56 -2.94
C LEU B 65 7.42 -5.88 -2.34
N ALA B 66 7.96 -4.89 -3.07
CA ALA B 66 9.12 -4.12 -2.62
C ALA B 66 8.78 -3.38 -1.32
N ARG B 67 7.61 -2.71 -1.28
CA ARG B 67 7.15 -1.99 -0.10
C ARG B 67 6.89 -2.94 1.04
N PHE B 68 6.25 -4.10 0.77
CA PHE B 68 5.97 -5.11 1.80
C PHE B 68 7.26 -5.56 2.50
N CYS B 69 8.27 -5.99 1.71
CA CYS B 69 9.57 -6.46 2.21
C CYS B 69 10.28 -5.44 3.10
N LEU B 70 10.29 -4.16 2.70
CA LEU B 70 10.92 -3.10 3.50
C LEU B 70 10.12 -2.79 4.76
N MET B 71 8.78 -2.88 4.68
CA MET B 71 7.89 -2.66 5.83
C MET B 71 8.08 -3.76 6.87
N VAL B 72 8.28 -5.01 6.42
CA VAL B 72 8.50 -6.15 7.30
C VAL B 72 9.87 -5.96 8.02
N LYS B 73 10.93 -5.62 7.26
CA LYS B 73 12.27 -5.36 7.80
C LYS B 73 12.21 -4.24 8.86
N LYS B 74 11.49 -3.13 8.56
CA LYS B 74 11.32 -1.97 9.45
C LYS B 74 10.55 -2.35 10.73
N GLY B 75 9.70 -3.37 10.64
CA GLY B 75 8.88 -3.87 11.74
C GLY B 75 9.60 -4.60 12.85
N TYR B 76 10.88 -4.91 12.62
CA TYR B 76 11.71 -5.58 13.61
C TYR B 76 12.46 -4.56 14.41
N ARG B 77 12.55 -4.77 15.71
CA ARG B 77 13.33 -3.88 16.57
C ARG B 77 14.78 -4.40 16.55
N ASP B 78 15.63 -3.94 17.48
CA ASP B 78 17.02 -4.38 17.49
C ASP B 78 17.47 -5.06 18.79
N PRO B 79 16.74 -6.07 19.35
CA PRO B 79 17.29 -6.78 20.51
C PRO B 79 18.45 -7.67 20.02
N PRO B 80 19.32 -8.24 20.88
CA PRO B 80 20.44 -9.02 20.35
C PRO B 80 20.09 -10.19 19.42
N TYR B 81 18.98 -10.93 19.68
CA TYR B 81 18.64 -12.07 18.84
C TYR B 81 17.41 -11.86 17.94
N HIS B 82 16.26 -11.46 18.50
CA HIS B 82 15.03 -11.36 17.72
C HIS B 82 14.93 -10.06 16.90
N ASN B 83 15.81 -9.97 15.90
CA ASN B 83 15.90 -8.80 15.00
C ASN B 83 15.68 -9.26 13.56
N TRP B 84 15.81 -8.34 12.58
CA TRP B 84 15.59 -8.68 11.17
C TRP B 84 16.51 -9.79 10.67
N MET B 85 17.79 -9.81 11.09
CA MET B 85 18.72 -10.85 10.66
C MET B 85 18.25 -12.25 11.08
N HIS B 86 17.53 -12.36 12.20
CA HIS B 86 16.93 -13.65 12.60
C HIS B 86 15.82 -13.98 11.59
N ALA B 87 14.89 -13.03 11.32
CA ALA B 87 13.80 -13.29 10.37
C ALA B 87 14.29 -13.63 8.98
N PHE B 88 15.34 -12.93 8.49
CA PHE B 88 15.92 -13.17 7.18
C PHE B 88 16.52 -14.60 7.10
N SER B 89 17.28 -15.01 8.12
CA SER B 89 17.93 -16.32 8.12
C SER B 89 16.91 -17.45 8.27
N VAL B 90 15.80 -17.19 8.96
CA VAL B 90 14.69 -18.16 9.11
C VAL B 90 14.00 -18.30 7.73
N SER B 91 13.80 -17.17 7.01
CA SER B 91 13.20 -17.15 5.67
C SER B 91 14.12 -17.87 4.68
N HIS B 92 15.45 -17.66 4.81
CA HIS B 92 16.43 -18.34 3.95
C HIS B 92 16.35 -19.84 4.11
N PHE B 93 16.19 -20.32 5.36
CA PHE B 93 16.04 -21.76 5.61
C PHE B 93 14.80 -22.33 4.94
N CYS B 94 13.66 -21.60 4.98
CA CYS B 94 12.43 -22.04 4.31
C CYS B 94 12.71 -22.24 2.82
N TYR B 95 13.43 -21.28 2.19
CA TYR B 95 13.85 -21.37 0.81
C TYR B 95 14.72 -22.63 0.59
N LEU B 96 15.65 -22.94 1.52
CA LEU B 96 16.50 -24.13 1.45
C LEU B 96 15.67 -25.41 1.49
N LEU B 97 14.63 -25.46 2.33
CA LEU B 97 13.74 -26.62 2.43
C LEU B 97 12.99 -26.83 1.12
N TYR B 98 12.53 -25.72 0.49
CA TYR B 98 11.85 -25.74 -0.80
C TYR B 98 12.78 -26.28 -1.89
N LYS B 99 14.03 -25.77 -1.92
CA LYS B 99 15.03 -26.14 -2.93
C LYS B 99 15.59 -27.55 -2.79
N ASN B 100 15.87 -27.99 -1.55
CA ASN B 100 16.51 -29.28 -1.29
C ASN B 100 15.57 -30.44 -0.98
N LEU B 101 14.38 -30.18 -0.44
CA LEU B 101 13.44 -31.25 -0.11
C LEU B 101 12.31 -31.32 -1.13
N GLU B 102 12.35 -30.42 -2.15
CA GLU B 102 11.34 -30.32 -3.20
C GLU B 102 9.92 -30.28 -2.60
N LEU B 103 9.63 -29.20 -1.84
CA LEU B 103 8.35 -29.02 -1.14
C LEU B 103 7.10 -29.07 -2.03
N THR B 104 7.20 -28.65 -3.32
CA THR B 104 6.07 -28.69 -4.27
C THR B 104 5.43 -30.11 -4.41
N ASN B 105 6.18 -31.16 -4.02
CA ASN B 105 5.71 -32.54 -4.04
C ASN B 105 4.99 -32.93 -2.76
N TYR B 106 4.99 -32.05 -1.74
CA TYR B 106 4.37 -32.31 -0.43
C TYR B 106 3.27 -31.31 -0.12
N LEU B 107 3.45 -30.05 -0.51
CA LEU B 107 2.48 -29.01 -0.18
C LEU B 107 2.03 -28.27 -1.41
N GLU B 108 0.83 -27.69 -1.34
CA GLU B 108 0.27 -26.87 -2.41
C GLU B 108 1.05 -25.55 -2.38
N ASP B 109 1.16 -24.87 -3.54
CA ASP B 109 1.88 -23.59 -3.65
C ASP B 109 1.46 -22.55 -2.61
N ILE B 110 0.13 -22.44 -2.31
CA ILE B 110 -0.39 -21.46 -1.36
C ILE B 110 0.19 -21.68 0.06
N GLU B 111 0.35 -22.95 0.49
CA GLU B 111 0.88 -23.33 1.81
C GLU B 111 2.34 -22.99 1.94
N ILE B 112 3.12 -23.21 0.85
CA ILE B 112 4.55 -22.88 0.79
C ILE B 112 4.72 -21.36 0.83
N PHE B 113 3.85 -20.62 0.13
CA PHE B 113 3.86 -19.17 0.08
C PHE B 113 3.57 -18.62 1.50
N ALA B 114 2.57 -19.22 2.18
CA ALA B 114 2.18 -18.88 3.55
C ALA B 114 3.33 -19.14 4.51
N LEU B 115 4.07 -20.27 4.33
CA LEU B 115 5.21 -20.63 5.17
C LEU B 115 6.34 -19.61 5.05
N PHE B 116 6.70 -19.22 3.80
CA PHE B 116 7.77 -18.26 3.57
C PHE B 116 7.44 -16.88 4.12
N ILE B 117 6.21 -16.40 3.84
CA ILE B 117 5.71 -15.11 4.32
C ILE B 117 5.65 -15.12 5.84
N SER B 118 5.19 -16.24 6.45
CA SER B 118 5.14 -16.37 7.89
C SER B 118 6.56 -16.31 8.48
N CYS B 119 7.57 -16.92 7.82
CA CYS B 119 8.98 -16.88 8.29
C CYS B 119 9.46 -15.43 8.38
N MET B 120 9.17 -14.63 7.34
CA MET B 120 9.56 -13.21 7.32
C MET B 120 8.94 -12.42 8.49
N CYS B 121 7.67 -12.73 8.81
CA CYS B 121 6.81 -12.01 9.78
C CYS B 121 6.79 -12.57 11.21
N HIS B 122 7.26 -13.81 11.41
CA HIS B 122 7.04 -14.61 12.63
C HIS B 122 7.50 -14.00 13.96
N ASP B 123 8.41 -13.01 13.96
CA ASP B 123 8.84 -12.40 15.23
C ASP B 123 8.71 -10.86 15.18
N LEU B 124 7.84 -10.33 14.30
CA LEU B 124 7.66 -8.89 14.11
C LEU B 124 7.43 -8.14 15.42
N ASP B 125 8.13 -7.00 15.58
CA ASP B 125 8.03 -6.15 16.78
C ASP B 125 8.39 -6.86 18.11
N HIS B 126 9.26 -7.88 18.05
CA HIS B 126 9.74 -8.58 19.25
C HIS B 126 10.53 -7.57 20.09
N ARG B 127 10.32 -7.57 21.41
CA ARG B 127 10.94 -6.59 22.30
C ARG B 127 12.09 -7.19 23.11
N GLY B 128 12.48 -8.40 22.77
CA GLY B 128 13.55 -9.11 23.47
C GLY B 128 13.08 -9.75 24.77
N THR B 129 11.75 -9.86 24.98
CA THR B 129 11.19 -10.50 26.17
C THR B 129 10.25 -11.64 25.76
N ASN B 130 10.12 -12.67 26.60
CA ASN B 130 9.31 -13.83 26.23
C ASN B 130 7.85 -13.74 26.68
N ASN B 131 7.08 -14.83 26.47
CA ASN B 131 5.67 -14.91 26.86
C ASN B 131 5.45 -14.78 28.35
N SER B 132 6.26 -15.48 29.18
CA SER B 132 6.14 -15.40 30.64
C SER B 132 6.29 -13.95 31.14
N PHE B 133 7.23 -13.17 30.54
CA PHE B 133 7.45 -11.77 30.91
C PHE B 133 6.21 -10.91 30.67
N GLN B 134 5.51 -11.10 29.54
CA GLN B 134 4.31 -10.34 29.17
C GLN B 134 3.23 -10.50 30.23
N VAL B 135 3.00 -11.74 30.68
CA VAL B 135 2.03 -12.09 31.70
C VAL B 135 2.44 -11.53 33.07
N ALA B 136 3.71 -11.75 33.48
CA ALA B 136 4.26 -11.28 34.76
C ALA B 136 4.22 -9.75 34.88
N SER B 137 4.61 -9.03 33.80
CA SER B 137 4.63 -7.56 33.77
C SER B 137 3.25 -6.96 33.43
N LYS B 138 2.22 -7.81 33.21
CA LYS B 138 0.87 -7.42 32.81
C LYS B 138 0.88 -6.45 31.62
N SER B 139 1.66 -6.82 30.58
CA SER B 139 1.84 -6.01 29.38
C SER B 139 0.53 -5.84 28.60
N VAL B 140 0.50 -4.86 27.68
CA VAL B 140 -0.66 -4.59 26.82
C VAL B 140 -0.94 -5.78 25.90
N LEU B 141 0.12 -6.57 25.60
CA LEU B 141 0.04 -7.76 24.77
C LEU B 141 -0.68 -8.87 25.53
N ALA B 142 -0.33 -9.06 26.82
CA ALA B 142 -1.00 -10.05 27.68
C ALA B 142 -2.44 -9.61 27.98
N ALA B 143 -2.69 -8.29 27.97
CA ALA B 143 -4.01 -7.67 28.20
C ALA B 143 -4.96 -8.00 27.06
N LEU B 144 -4.48 -7.90 25.80
CA LEU B 144 -5.25 -8.18 24.59
C LEU B 144 -5.48 -9.69 24.44
N TYR B 145 -4.40 -10.47 24.55
CA TYR B 145 -4.40 -11.93 24.34
C TYR B 145 -4.35 -12.71 25.65
N SER B 146 -5.40 -12.55 26.45
CA SER B 146 -5.60 -13.22 27.73
C SER B 146 -6.24 -14.61 27.47
N SER B 147 -6.58 -15.41 28.52
CA SER B 147 -7.17 -16.78 28.42
C SER B 147 -6.15 -17.80 27.90
N GLU B 148 -5.42 -17.40 26.86
CA GLU B 148 -4.28 -18.03 26.23
C GLU B 148 -3.10 -17.06 26.63
N GLY B 149 -1.83 -17.37 26.37
CA GLY B 149 -1.31 -18.47 25.56
C GLY B 149 -0.79 -17.88 24.27
N SER B 150 0.52 -18.12 23.99
CA SER B 150 1.23 -17.62 22.80
C SER B 150 0.97 -16.12 22.59
N VAL B 151 1.18 -15.32 23.64
CA VAL B 151 0.94 -13.88 23.62
C VAL B 151 1.78 -13.16 22.55
N MET B 152 3.10 -13.41 22.52
CA MET B 152 3.99 -12.77 21.53
C MET B 152 3.66 -13.20 20.10
N GLU B 153 3.29 -14.49 19.91
CA GLU B 153 2.95 -15.04 18.59
C GLU B 153 1.65 -14.47 18.05
N ARG B 154 0.72 -14.14 18.95
CA ARG B 154 -0.53 -13.48 18.59
C ARG B 154 -0.20 -12.04 18.12
N HIS B 155 0.72 -11.36 18.82
CA HIS B 155 1.18 -10.01 18.47
C HIS B 155 1.91 -10.00 17.12
N HIS B 156 2.83 -10.98 16.87
CA HIS B 156 3.55 -11.03 15.59
C HIS B 156 2.58 -11.17 14.42
N PHE B 157 1.57 -12.03 14.58
CA PHE B 157 0.52 -12.21 13.59
C PHE B 157 -0.24 -10.90 13.38
N ALA B 158 -0.63 -10.20 14.47
CA ALA B 158 -1.36 -8.93 14.36
C ALA B 158 -0.54 -7.86 13.64
N GLN B 159 0.80 -7.88 13.83
CA GLN B 159 1.69 -6.93 13.17
C GLN B 159 1.78 -7.23 11.66
N ALA B 160 1.76 -8.52 11.30
CA ALA B 160 1.82 -8.97 9.91
C ALA B 160 0.54 -8.54 9.18
N ILE B 161 -0.62 -8.70 9.85
CA ILE B 161 -1.94 -8.27 9.34
C ILE B 161 -1.97 -6.75 9.11
N ALA B 162 -1.45 -5.96 10.08
CA ALA B 162 -1.40 -4.51 10.01
C ALA B 162 -0.53 -4.06 8.81
N ILE B 163 0.57 -4.80 8.51
CA ILE B 163 1.43 -4.51 7.34
C ILE B 163 0.63 -4.78 6.08
N LEU B 164 -0.01 -5.96 5.97
CA LEU B 164 -0.84 -6.34 4.81
C LEU B 164 -1.98 -5.37 4.56
N ASN B 165 -2.48 -4.70 5.61
CA ASN B 165 -3.58 -3.73 5.50
C ASN B 165 -3.08 -2.28 5.37
N THR B 166 -1.76 -2.06 5.21
CA THR B 166 -1.21 -0.73 4.99
C THR B 166 -1.29 -0.47 3.50
N HIS B 167 -1.74 0.73 3.10
CA HIS B 167 -1.86 1.11 1.69
C HIS B 167 -0.55 0.87 0.95
N GLY B 168 -0.65 0.13 -0.15
CA GLY B 168 0.50 -0.21 -0.99
C GLY B 168 1.33 -1.40 -0.55
N CYS B 169 0.88 -2.17 0.48
CA CYS B 169 1.62 -3.31 1.02
C CYS B 169 0.88 -4.65 0.92
N ASN B 170 -0.32 -4.70 0.32
CA ASN B 170 -1.06 -5.95 0.26
C ASN B 170 -0.63 -6.87 -0.88
N ILE B 171 0.34 -7.75 -0.59
CA ILE B 171 0.88 -8.74 -1.52
C ILE B 171 -0.13 -9.89 -1.79
N PHE B 172 -1.26 -9.92 -1.07
CA PHE B 172 -2.31 -10.93 -1.24
C PHE B 172 -3.52 -10.36 -2.00
N ASP B 173 -3.35 -9.18 -2.64
CA ASP B 173 -4.39 -8.48 -3.41
C ASP B 173 -4.92 -9.34 -4.56
N HIS B 174 -4.07 -10.19 -5.15
CA HIS B 174 -4.43 -11.07 -6.26
C HIS B 174 -5.42 -12.17 -5.85
N PHE B 175 -5.37 -12.64 -4.58
CA PHE B 175 -6.24 -13.71 -4.12
C PHE B 175 -7.71 -13.34 -4.09
N SER B 176 -8.56 -14.34 -4.36
CA SER B 176 -10.01 -14.24 -4.21
C SER B 176 -10.27 -14.09 -2.71
N ARG B 177 -11.46 -13.62 -2.31
CA ARG B 177 -11.81 -13.47 -0.89
C ARG B 177 -11.66 -14.77 -0.13
N LYS B 178 -12.02 -15.91 -0.74
CA LYS B 178 -11.83 -17.22 -0.12
C LYS B 178 -10.33 -17.59 0.06
N ASP B 179 -9.50 -17.34 -0.97
CA ASP B 179 -8.06 -17.65 -0.81
C ASP B 179 -7.37 -16.68 0.12
N TYR B 180 -7.83 -15.42 0.18
CA TYR B 180 -7.29 -14.43 1.12
C TYR B 180 -7.54 -14.93 2.55
N GLN B 181 -8.76 -15.40 2.83
CA GLN B 181 -9.10 -15.93 4.16
C GLN B 181 -8.23 -17.12 4.50
N ARG B 182 -8.07 -18.05 3.54
CA ARG B 182 -7.25 -19.25 3.68
C ARG B 182 -5.81 -18.88 4.04
N MET B 183 -5.28 -17.83 3.42
CA MET B 183 -3.94 -17.30 3.60
C MET B 183 -3.78 -16.74 5.02
N LEU B 184 -4.74 -15.92 5.50
CA LEU B 184 -4.70 -15.37 6.85
C LEU B 184 -4.74 -16.47 7.89
N ASP B 185 -5.60 -17.47 7.69
CA ASP B 185 -5.73 -18.60 8.60
C ASP B 185 -4.46 -19.46 8.62
N LEU B 186 -3.80 -19.64 7.46
CA LEU B 186 -2.53 -20.36 7.36
C LEU B 186 -1.44 -19.62 8.12
N MET B 187 -1.28 -18.30 7.86
CA MET B 187 -0.29 -17.46 8.54
C MET B 187 -0.51 -17.46 10.08
N ARG B 188 -1.78 -17.45 10.53
CA ARG B 188 -2.05 -17.51 11.98
C ARG B 188 -1.57 -18.83 12.55
N ASP B 189 -1.90 -19.97 11.91
CA ASP B 189 -1.51 -21.31 12.38
C ASP B 189 0.02 -21.48 12.41
N ILE B 190 0.70 -21.01 11.35
CA ILE B 190 2.15 -21.11 11.22
C ILE B 190 2.86 -20.23 12.25
N ILE B 191 2.42 -18.96 12.38
CA ILE B 191 3.02 -18.05 13.38
C ILE B 191 2.74 -18.57 14.79
N LEU B 192 1.56 -19.12 15.07
CA LEU B 192 1.28 -19.69 16.40
C LEU B 192 2.14 -20.91 16.71
N ALA B 193 2.50 -21.67 15.66
CA ALA B 193 3.35 -22.84 15.75
C ALA B 193 4.80 -22.51 16.21
N THR B 194 5.24 -21.22 16.07
CA THR B 194 6.57 -20.78 16.51
C THR B 194 6.70 -20.77 18.03
N ASP B 195 5.57 -20.89 18.77
CA ASP B 195 5.64 -20.96 20.23
C ASP B 195 6.14 -22.38 20.53
N LEU B 196 7.34 -22.49 21.16
CA LEU B 196 7.92 -23.80 21.50
C LEU B 196 7.02 -24.63 22.41
N ALA B 197 6.12 -23.98 23.17
CA ALA B 197 5.17 -24.70 24.04
C ALA B 197 4.16 -25.40 23.16
N HIS B 198 3.84 -24.81 21.98
CA HIS B 198 2.90 -25.42 21.03
C HIS B 198 3.61 -26.63 20.40
N HIS B 199 4.87 -26.46 20.00
CA HIS B 199 5.65 -27.57 19.45
C HIS B 199 5.67 -28.78 20.40
N LEU B 200 5.96 -28.52 21.70
CA LEU B 200 6.02 -29.59 22.71
C LEU B 200 4.68 -30.28 22.91
N ARG B 201 3.55 -29.57 22.69
CA ARG B 201 2.21 -30.15 22.81
C ARG B 201 1.89 -31.09 21.61
N ILE B 202 2.33 -30.74 20.40
CA ILE B 202 2.05 -31.55 19.20
C ILE B 202 3.15 -32.57 18.86
N PHE B 203 4.26 -32.58 19.62
CA PHE B 203 5.40 -33.46 19.36
C PHE B 203 5.02 -34.95 19.17
N LYS B 204 4.09 -35.48 19.99
CA LYS B 204 3.66 -36.87 19.85
C LYS B 204 2.92 -37.11 18.51
N ASP B 205 2.12 -36.11 18.06
CA ASP B 205 1.42 -36.17 16.77
C ASP B 205 2.42 -36.14 15.61
N LEU B 206 3.51 -35.36 15.77
CA LEU B 206 4.58 -35.26 14.76
C LEU B 206 5.31 -36.58 14.67
N GLN B 207 5.60 -37.23 15.81
CA GLN B 207 6.25 -38.55 15.88
C GLN B 207 5.41 -39.60 15.16
N LYS B 208 4.07 -39.61 15.40
CA LYS B 208 3.17 -40.58 14.76
C LYS B 208 3.18 -40.39 13.25
N MET B 209 3.12 -39.13 12.78
CA MET B 209 3.14 -38.81 11.34
C MET B 209 4.44 -39.31 10.69
N ALA B 210 5.59 -39.10 11.35
CA ALA B 210 6.91 -39.55 10.86
C ALA B 210 6.98 -41.07 10.82
N GLU B 211 6.32 -41.73 11.80
CA GLU B 211 6.25 -43.19 11.92
C GLU B 211 5.43 -43.84 10.79
N VAL B 212 4.21 -43.33 10.55
CA VAL B 212 3.30 -43.87 9.53
C VAL B 212 3.70 -43.43 8.12
N GLY B 213 4.36 -42.28 8.04
CA GLY B 213 4.78 -41.67 6.79
C GLY B 213 3.80 -40.60 6.37
N TYR B 214 4.33 -39.51 5.80
CA TYR B 214 3.54 -38.38 5.34
C TYR B 214 2.56 -38.79 4.23
N ASP B 215 1.28 -38.41 4.39
CA ASP B 215 0.20 -38.67 3.44
C ASP B 215 -0.27 -37.32 2.89
N ARG B 216 0.09 -36.97 1.62
CA ARG B 216 -0.34 -35.70 1.00
C ARG B 216 -1.89 -35.54 0.94
N ASN B 217 -2.62 -36.66 0.95
CA ASN B 217 -4.07 -36.62 0.92
C ASN B 217 -4.69 -36.46 2.31
N ASN B 218 -3.85 -36.39 3.36
CA ASN B 218 -4.29 -36.20 4.74
C ASN B 218 -4.11 -34.73 5.14
N LYS B 219 -5.23 -34.01 5.37
CA LYS B 219 -5.23 -32.60 5.76
C LYS B 219 -4.55 -32.32 7.10
N GLN B 220 -4.66 -33.29 8.05
CA GLN B 220 -4.01 -33.17 9.36
C GLN B 220 -2.50 -33.25 9.21
N HIS B 221 -2.01 -34.03 8.23
CA HIS B 221 -0.56 -34.14 7.94
C HIS B 221 -0.02 -32.83 7.38
N HIS B 222 -0.81 -32.12 6.57
CA HIS B 222 -0.43 -30.82 6.01
C HIS B 222 -0.21 -29.82 7.14
N ARG B 223 -1.17 -29.75 8.08
CA ARG B 223 -1.12 -28.85 9.23
C ARG B 223 0.11 -29.15 10.11
N LEU B 224 0.33 -30.44 10.40
CA LEU B 224 1.46 -30.89 11.22
C LEU B 224 2.79 -30.62 10.55
N LEU B 225 2.89 -30.88 9.22
CA LEU B 225 4.12 -30.66 8.46
C LEU B 225 4.50 -29.20 8.46
N LEU B 226 3.52 -28.30 8.29
CA LEU B 226 3.77 -26.85 8.28
C LEU B 226 4.31 -26.39 9.63
N CYS B 227 3.82 -26.99 10.74
CA CYS B 227 4.27 -26.68 12.10
C CYS B 227 5.74 -27.13 12.23
N LEU B 228 6.05 -28.39 11.84
CA LEU B 228 7.41 -28.93 11.90
C LEU B 228 8.40 -28.09 11.08
N LEU B 229 8.03 -27.75 9.84
CA LEU B 229 8.88 -26.96 8.94
C LEU B 229 9.15 -25.58 9.49
N MET B 230 8.11 -24.92 10.05
CA MET B 230 8.26 -23.61 10.66
C MET B 230 9.25 -23.69 11.85
N THR B 231 9.11 -24.70 12.75
CA THR B 231 10.00 -24.87 13.89
C THR B 231 11.44 -25.16 13.38
N SER B 232 11.56 -25.97 12.28
CA SER B 232 12.84 -26.29 11.68
C SER B 232 13.51 -25.01 11.16
N CYS B 233 12.73 -24.09 10.61
CA CYS B 233 13.26 -22.80 10.13
C CYS B 233 13.70 -21.91 11.30
N ASP B 234 12.86 -21.81 12.32
CA ASP B 234 13.09 -20.97 13.50
C ASP B 234 14.37 -21.36 14.30
N LEU B 235 14.70 -22.67 14.36
CA LEU B 235 15.90 -23.16 15.06
C LEU B 235 17.07 -23.46 14.12
N SER B 236 16.95 -23.07 12.83
CA SER B 236 17.93 -23.38 11.79
C SER B 236 19.36 -22.83 12.04
N ASP B 237 19.51 -21.88 12.97
CA ASP B 237 20.82 -21.34 13.37
C ASP B 237 21.69 -22.46 13.95
N GLN B 238 21.07 -23.55 14.42
CA GLN B 238 21.76 -24.70 15.01
C GLN B 238 22.22 -25.76 13.99
N THR B 239 21.87 -25.60 12.70
CA THR B 239 22.20 -26.56 11.65
C THR B 239 23.46 -26.20 10.87
N LYS B 240 24.14 -25.12 11.29
CA LYS B 240 25.35 -24.65 10.61
C LYS B 240 26.60 -25.14 11.40
N GLY B 241 27.71 -24.43 11.35
CA GLY B 241 28.91 -24.84 12.06
C GLY B 241 28.95 -24.38 13.50
N TRP B 242 30.06 -24.70 14.20
CA TRP B 242 30.25 -24.28 15.59
C TRP B 242 30.30 -22.76 15.71
N LYS B 243 30.91 -22.07 14.71
CA LYS B 243 31.04 -20.62 14.68
C LYS B 243 29.68 -19.92 14.82
N THR B 244 28.65 -20.42 14.10
CA THR B 244 27.28 -19.90 14.16
C THR B 244 26.66 -20.20 15.52
N THR B 245 26.73 -21.48 15.97
CA THR B 245 26.21 -21.95 17.27
C THR B 245 26.75 -21.10 18.44
N ARG B 246 28.08 -20.87 18.46
CA ARG B 246 28.75 -20.06 19.48
C ARG B 246 28.21 -18.62 19.48
N LYS B 247 28.18 -17.97 18.29
CA LYS B 247 27.70 -16.59 18.11
C LYS B 247 26.22 -16.46 18.51
N ILE B 248 25.39 -17.42 18.11
CA ILE B 248 23.96 -17.40 18.41
C ILE B 248 23.73 -17.53 19.92
N ALA B 249 24.56 -18.35 20.60
CA ALA B 249 24.48 -18.53 22.05
C ALA B 249 24.76 -17.19 22.76
N GLU B 250 25.74 -16.39 22.25
CA GLU B 250 26.06 -15.05 22.78
C GLU B 250 24.84 -14.13 22.69
N LEU B 251 24.18 -14.09 21.52
CA LEU B 251 23.01 -13.23 21.26
C LEU B 251 21.82 -13.62 22.10
N ILE B 252 21.50 -14.92 22.13
CA ILE B 252 20.36 -15.44 22.89
C ILE B 252 20.49 -15.12 24.40
N TYR B 253 21.65 -15.42 25.00
CA TYR B 253 21.84 -15.19 26.44
C TYR B 253 21.98 -13.72 26.78
N LYS B 254 22.53 -12.88 25.88
CA LYS B 254 22.54 -11.44 26.14
C LYS B 254 21.08 -10.93 26.25
N GLU B 255 20.19 -11.43 25.36
CA GLU B 255 18.78 -11.09 25.36
C GLU B 255 18.09 -11.63 26.61
N PHE B 256 18.28 -12.94 26.93
CA PHE B 256 17.69 -13.57 28.10
C PHE B 256 18.09 -12.87 29.40
N PHE B 257 19.40 -12.59 29.57
CA PHE B 257 19.91 -11.96 30.79
C PHE B 257 19.41 -10.53 30.96
N SER B 258 19.17 -9.80 29.85
CA SER B 258 18.61 -8.44 29.91
C SER B 258 17.18 -8.52 30.49
N GLN B 259 16.39 -9.56 30.06
CA GLN B 259 15.05 -9.79 30.61
C GLN B 259 15.14 -10.11 32.11
N GLY B 260 16.06 -11.02 32.48
CA GLY B 260 16.29 -11.43 33.86
C GLY B 260 16.60 -10.26 34.77
N ASP B 261 17.43 -9.31 34.28
CA ASP B 261 17.79 -8.08 35.00
C ASP B 261 16.54 -7.23 35.26
N LEU B 262 15.64 -7.10 34.26
CA LEU B 262 14.38 -6.37 34.40
C LEU B 262 13.46 -7.03 35.41
N GLU B 263 13.35 -8.38 35.38
CA GLU B 263 12.53 -9.14 36.30
C GLU B 263 13.00 -8.95 37.75
N LYS B 264 14.33 -9.01 38.00
CA LYS B 264 14.93 -8.81 39.34
C LYS B 264 14.60 -7.42 39.87
N ALA B 265 14.75 -6.39 39.01
CA ALA B 265 14.46 -4.99 39.32
C ALA B 265 12.98 -4.78 39.66
N MET B 266 12.09 -5.62 39.08
CA MET B 266 10.65 -5.60 39.30
C MET B 266 10.24 -6.35 40.56
N GLY B 267 11.18 -7.08 41.16
CA GLY B 267 10.93 -7.89 42.34
C GLY B 267 10.51 -9.30 42.05
N ASN B 268 10.73 -9.75 40.81
CA ASN B 268 10.39 -11.10 40.36
C ASN B 268 11.63 -11.97 40.21
N ARG B 269 11.47 -13.28 40.45
CA ARG B 269 12.56 -14.22 40.37
C ARG B 269 12.65 -14.72 38.92
N PRO B 270 13.73 -14.38 38.17
CA PRO B 270 13.79 -14.90 36.79
C PRO B 270 14.04 -16.40 36.74
N MET B 271 13.70 -17.03 35.59
CA MET B 271 13.99 -18.44 35.33
C MET B 271 15.53 -18.57 35.37
N GLU B 272 16.05 -19.75 35.74
CA GLU B 272 17.50 -20.02 35.80
C GLU B 272 18.24 -19.57 34.52
N MET B 273 17.73 -19.91 33.31
CA MET B 273 18.37 -19.57 32.02
C MET B 273 18.37 -18.07 31.69
N MET B 274 17.60 -17.26 32.44
CA MET B 274 17.45 -15.82 32.29
C MET B 274 18.24 -15.06 33.35
N ASP B 275 18.78 -15.78 34.35
CA ASP B 275 19.52 -15.21 35.48
C ASP B 275 21.03 -15.32 35.23
N ARG B 276 21.69 -14.19 34.90
CA ARG B 276 23.14 -14.14 34.61
C ARG B 276 24.03 -14.61 35.78
N GLU B 277 23.49 -14.63 37.02
CA GLU B 277 24.23 -15.07 38.21
C GLU B 277 24.08 -16.57 38.44
N LYS B 278 23.09 -17.22 37.80
CA LYS B 278 22.83 -18.65 38.00
C LYS B 278 23.00 -19.50 36.74
N ALA B 279 22.75 -18.92 35.55
CA ALA B 279 22.82 -19.63 34.28
C ALA B 279 24.20 -20.18 33.97
N TYR B 280 24.29 -21.46 33.62
CA TYR B 280 25.52 -22.13 33.22
C TYR B 280 25.30 -22.55 31.76
N ILE B 281 25.69 -21.65 30.83
CA ILE B 281 25.47 -21.70 29.38
C ILE B 281 25.74 -23.10 28.76
N PRO B 282 26.90 -23.81 28.95
CA PRO B 282 27.06 -25.12 28.27
C PRO B 282 26.03 -26.19 28.63
N GLU B 283 25.59 -26.23 29.90
CA GLU B 283 24.59 -27.17 30.42
C GLU B 283 23.21 -26.87 29.81
N LEU B 284 22.85 -25.58 29.76
CA LEU B 284 21.59 -25.09 29.21
C LEU B 284 21.52 -25.36 27.71
N GLN B 285 22.64 -25.13 27.01
CA GLN B 285 22.74 -25.38 25.58
C GLN B 285 22.67 -26.86 25.24
N ILE B 286 23.31 -27.74 26.05
CA ILE B 286 23.27 -29.21 25.86
C ILE B 286 21.81 -29.68 26.02
N SER B 287 21.15 -29.24 27.11
CA SER B 287 19.75 -29.53 27.42
C SER B 287 18.81 -29.11 26.27
N PHE B 288 18.97 -27.89 25.73
CA PHE B 288 18.16 -27.40 24.61
C PHE B 288 18.40 -28.24 23.34
N MET B 289 19.68 -28.55 23.04
CA MET B 289 20.06 -29.36 21.88
C MET B 289 19.49 -30.77 21.98
N GLU B 290 19.65 -31.43 23.14
CA GLU B 290 19.20 -32.80 23.37
C GLU B 290 17.70 -32.97 23.43
N HIS B 291 17.03 -32.10 24.14
CA HIS B 291 15.60 -32.25 24.33
C HIS B 291 14.73 -31.48 23.36
N ILE B 292 15.24 -30.44 22.68
CA ILE B 292 14.38 -29.70 21.76
C ILE B 292 14.88 -29.79 20.31
N ALA B 293 16.08 -29.26 20.00
CA ALA B 293 16.59 -29.19 18.63
C ALA B 293 16.84 -30.53 17.94
N MET B 294 17.63 -31.44 18.56
CA MET B 294 17.91 -32.76 17.96
C MET B 294 16.64 -33.56 17.62
N PRO B 295 15.62 -33.68 18.53
CA PRO B 295 14.41 -34.42 18.17
C PRO B 295 13.64 -33.82 16.97
N ILE B 296 13.70 -32.48 16.78
CA ILE B 296 13.06 -31.77 15.65
C ILE B 296 13.69 -32.21 14.32
N TYR B 297 15.03 -32.16 14.25
CA TYR B 297 15.73 -32.50 13.02
C TYR B 297 15.76 -33.99 12.77
N LYS B 298 15.55 -34.81 13.83
CA LYS B 298 15.44 -36.25 13.71
C LYS B 298 14.12 -36.54 13.00
N LEU B 299 13.02 -35.85 13.41
CA LEU B 299 11.70 -35.95 12.78
C LEU B 299 11.79 -35.53 11.33
N LEU B 300 12.49 -34.40 11.05
CA LEU B 300 12.68 -33.89 9.70
C LEU B 300 13.43 -34.90 8.83
N GLN B 301 14.46 -35.57 9.41
CA GLN B 301 15.24 -36.62 8.73
C GLN B 301 14.35 -37.85 8.43
N ASP B 302 13.48 -38.26 9.40
CA ASP B 302 12.57 -39.40 9.25
C ASP B 302 11.58 -39.18 8.10
N LEU B 303 11.11 -37.95 7.92
CA LEU B 303 10.18 -37.58 6.85
C LEU B 303 10.89 -37.34 5.51
N PHE B 304 12.07 -36.72 5.55
CA PHE B 304 12.82 -36.39 4.33
C PHE B 304 14.25 -36.93 4.47
N PRO B 305 14.61 -38.08 3.84
CA PRO B 305 15.98 -38.58 3.96
C PRO B 305 17.08 -37.57 3.60
N LYS B 306 16.80 -36.66 2.65
CA LYS B 306 17.74 -35.61 2.21
C LYS B 306 18.01 -34.56 3.31
N ALA B 307 17.24 -34.56 4.41
CA ALA B 307 17.44 -33.63 5.51
C ALA B 307 18.38 -34.24 6.57
N ALA B 308 18.96 -35.43 6.29
CA ALA B 308 19.88 -36.15 7.18
C ALA B 308 21.06 -35.32 7.69
N GLU B 309 21.66 -34.49 6.81
CA GLU B 309 22.83 -33.66 7.15
C GLU B 309 22.54 -32.63 8.21
N LEU B 310 21.27 -32.15 8.29
CA LEU B 310 20.84 -31.17 9.27
C LEU B 310 20.92 -31.74 10.66
N TYR B 311 20.37 -32.95 10.88
CA TYR B 311 20.43 -33.64 12.18
C TYR B 311 21.87 -33.88 12.60
N GLU B 312 22.72 -34.34 11.66
CA GLU B 312 24.14 -34.61 11.90
C GLU B 312 24.89 -33.37 12.37
N ARG B 313 24.62 -32.21 11.75
CA ARG B 313 25.25 -30.94 12.16
C ARG B 313 24.78 -30.53 13.55
N VAL B 314 23.47 -30.69 13.86
CA VAL B 314 22.92 -30.35 15.18
C VAL B 314 23.56 -31.24 16.24
N ALA B 315 23.69 -32.55 15.96
CA ALA B 315 24.32 -33.52 16.87
C ALA B 315 25.80 -33.17 17.10
N SER B 316 26.50 -32.74 16.04
CA SER B 316 27.91 -32.33 16.08
C SER B 316 28.06 -31.08 16.94
N ASN B 317 27.15 -30.10 16.76
CA ASN B 317 27.15 -28.85 17.53
C ASN B 317 26.88 -29.10 19.03
N ARG B 318 26.00 -30.07 19.37
CA ARG B 318 25.73 -30.47 20.75
C ARG B 318 26.99 -31.07 21.38
N GLU B 319 27.70 -31.94 20.61
CA GLU B 319 28.93 -32.57 21.09
C GLU B 319 30.04 -31.57 21.35
N HIS B 320 30.12 -30.52 20.52
CA HIS B 320 31.10 -29.45 20.68
C HIS B 320 30.91 -28.69 22.02
N TRP B 321 29.64 -28.56 22.54
CA TRP B 321 29.36 -27.90 23.83
C TRP B 321 29.96 -28.71 24.97
N THR B 322 29.86 -30.06 24.92
CA THR B 322 30.43 -30.95 25.93
C THR B 322 31.96 -30.82 25.91
N LYS B 323 32.55 -30.71 24.70
CA LYS B 323 33.99 -30.57 24.49
C LYS B 323 34.57 -29.27 25.07
N VAL B 324 33.83 -28.14 24.94
CA VAL B 324 34.28 -26.83 25.41
C VAL B 324 33.75 -26.47 26.82
N SER B 325 32.93 -27.36 27.43
CA SER B 325 32.31 -27.16 28.75
C SER B 325 33.30 -26.85 29.87
N HIS B 326 34.48 -27.51 29.88
CA HIS B 326 35.55 -27.31 30.86
C HIS B 326 36.09 -25.88 30.85
N LYS B 327 36.01 -25.17 29.70
CA LYS B 327 36.48 -23.78 29.55
C LYS B 327 35.66 -22.77 30.35
N PHE B 328 34.47 -23.19 30.85
CA PHE B 328 33.60 -22.35 31.66
C PHE B 328 34.01 -22.35 33.14
N THR B 329 35.02 -23.13 33.50
CA THR B 329 35.64 -23.15 34.83
C THR B 329 37.00 -22.47 34.64
N ILE B 330 37.31 -21.41 35.39
CA ILE B 330 38.56 -20.68 35.22
C ILE B 330 39.73 -21.48 35.76
N ARG B 331 40.45 -22.13 34.84
CA ARG B 331 41.67 -22.89 35.17
C ARG B 331 42.84 -22.01 34.78
N GLY B 332 43.89 -22.06 35.61
CA GLY B 332 45.02 -21.18 35.48
C GLY B 332 44.61 -19.76 35.86
N LEU B 333 45.26 -18.78 35.24
CA LEU B 333 44.92 -17.37 35.49
C LEU B 333 44.13 -16.83 34.28
N PRO B 334 43.34 -15.74 34.41
CA PRO B 334 42.73 -15.14 33.21
C PRO B 334 43.84 -14.49 32.35
N SER B 335 43.53 -14.13 31.09
CA SER B 335 44.49 -13.55 30.13
C SER B 335 45.36 -12.39 30.65
N ASN B 336 44.81 -11.57 31.56
CA ASN B 336 45.53 -10.44 32.15
C ASN B 336 46.48 -10.82 33.29
N ASN B 337 46.51 -12.12 33.69
CA ASN B 337 47.35 -12.66 34.79
C ASN B 337 47.03 -12.04 36.16
N SER B 338 45.78 -11.60 36.33
CA SER B 338 45.33 -10.96 37.55
C SER B 338 44.12 -11.66 38.12
N LEU B 339 43.97 -11.63 39.45
CA LEU B 339 42.81 -12.22 40.12
C LEU B 339 41.90 -11.08 40.65
N ASP B 340 42.01 -9.85 40.07
CA ASP B 340 41.21 -8.67 40.47
C ASP B 340 39.70 -8.90 40.39
N PHE B 341 39.24 -9.79 39.49
CA PHE B 341 37.83 -10.15 39.29
C PHE B 341 37.19 -10.75 40.56
N ILE C 16 21.13 -0.43 -53.17
CA ILE C 16 21.38 -1.19 -51.94
C ILE C 16 22.36 -2.33 -52.22
N GLN C 17 23.56 -2.23 -51.63
CA GLN C 17 24.67 -3.17 -51.77
C GLN C 17 24.26 -4.59 -51.32
N PRO C 18 24.63 -5.67 -52.06
CA PRO C 18 24.29 -7.03 -51.56
C PRO C 18 25.11 -7.33 -50.30
N VAL C 19 24.56 -8.15 -49.37
CA VAL C 19 25.19 -8.51 -48.09
C VAL C 19 26.63 -9.03 -48.23
N ALA C 20 26.88 -9.93 -49.21
CA ALA C 20 28.21 -10.49 -49.45
C ALA C 20 29.24 -9.45 -49.91
N ALA C 21 28.79 -8.30 -50.46
CA ALA C 21 29.67 -7.22 -50.89
C ALA C 21 30.18 -6.37 -49.72
N ILE C 22 29.56 -6.50 -48.52
CA ILE C 22 29.99 -5.80 -47.31
C ILE C 22 31.22 -6.54 -46.76
N ASP C 23 31.06 -7.88 -46.57
CA ASP C 23 32.07 -8.81 -46.07
C ASP C 23 31.60 -10.20 -46.44
N SER C 24 32.53 -11.09 -46.86
CA SER C 24 32.20 -12.47 -47.23
C SER C 24 31.66 -13.28 -46.05
N ASN C 25 31.99 -12.87 -44.82
CA ASN C 25 31.60 -13.53 -43.57
C ASN C 25 30.44 -12.82 -42.83
N PHE C 26 29.85 -11.78 -43.45
CA PHE C 26 28.77 -10.97 -42.88
C PHE C 26 27.58 -11.75 -42.26
N ALA C 27 27.19 -12.90 -42.84
CA ALA C 27 26.05 -13.70 -42.37
C ALA C 27 26.43 -14.82 -41.39
N SER C 28 27.68 -14.81 -40.88
CA SER C 28 28.17 -15.80 -39.94
C SER C 28 28.18 -15.30 -38.50
N PHE C 29 27.97 -16.23 -37.54
CA PHE C 29 28.04 -15.98 -36.09
C PHE C 29 29.46 -15.56 -35.66
N THR C 30 30.49 -15.84 -36.46
CA THR C 30 31.88 -15.48 -36.18
C THR C 30 32.19 -14.03 -36.54
N TYR C 31 31.34 -13.40 -37.37
CA TYR C 31 31.50 -12.01 -37.79
C TYR C 31 31.26 -11.04 -36.62
N THR C 32 32.10 -10.00 -36.51
CA THR C 32 31.95 -8.98 -35.46
C THR C 32 31.45 -7.70 -36.13
N PRO C 33 30.14 -7.37 -36.03
CA PRO C 33 29.62 -6.16 -36.68
C PRO C 33 30.25 -4.86 -36.22
N ARG C 34 30.85 -4.83 -35.00
CA ARG C 34 31.55 -3.63 -34.51
C ARG C 34 32.78 -3.28 -35.33
N SER C 35 33.32 -4.26 -36.13
CA SER C 35 34.46 -4.06 -37.03
C SER C 35 34.05 -3.22 -38.24
N LEU C 36 32.74 -3.14 -38.56
CA LEU C 36 32.26 -2.35 -39.68
C LEU C 36 32.37 -0.85 -39.33
N PRO C 37 32.97 0.00 -40.21
CA PRO C 37 33.04 1.44 -39.89
C PRO C 37 31.64 2.02 -39.68
N GLU C 38 31.48 2.94 -38.70
CA GLU C 38 30.19 3.54 -38.36
C GLU C 38 29.48 4.17 -39.56
N ASP C 39 30.25 4.78 -40.48
CA ASP C 39 29.73 5.42 -41.70
C ASP C 39 29.08 4.46 -42.71
N ASP C 40 29.32 3.13 -42.57
CA ASP C 40 28.78 2.09 -43.47
C ASP C 40 27.61 1.31 -42.84
N THR C 41 27.26 1.62 -41.59
CA THR C 41 26.23 0.90 -40.83
C THR C 41 24.81 1.12 -41.35
N SER C 42 24.44 2.35 -41.76
CA SER C 42 23.08 2.62 -42.28
C SER C 42 22.83 1.86 -43.59
N MET C 43 23.84 1.77 -44.46
CA MET C 43 23.78 1.01 -45.71
C MET C 43 23.69 -0.50 -45.39
N ALA C 44 24.40 -0.95 -44.34
CA ALA C 44 24.35 -2.36 -43.90
C ALA C 44 22.95 -2.75 -43.40
N ILE C 45 22.24 -1.81 -42.69
CA ILE C 45 20.87 -2.01 -42.22
C ILE C 45 19.95 -2.26 -43.43
N LEU C 46 20.08 -1.42 -44.50
CA LEU C 46 19.30 -1.56 -45.73
C LEU C 46 19.61 -2.87 -46.43
N SER C 47 20.90 -3.26 -46.47
CA SER C 47 21.35 -4.52 -47.09
C SER C 47 20.77 -5.74 -46.36
N MET C 48 20.65 -5.66 -45.00
CA MET C 48 20.08 -6.74 -44.18
C MET C 48 18.58 -6.87 -44.42
N LEU C 49 17.87 -5.74 -44.43
CA LEU C 49 16.43 -5.67 -44.70
C LEU C 49 16.12 -6.20 -46.11
N GLN C 50 16.96 -5.84 -47.10
CA GLN C 50 16.85 -6.29 -48.48
C GLN C 50 17.10 -7.79 -48.58
N ASP C 51 18.14 -8.32 -47.89
CA ASP C 51 18.48 -9.74 -47.91
C ASP C 51 17.38 -10.62 -47.28
N MET C 52 16.69 -10.09 -46.26
CA MET C 52 15.58 -10.80 -45.60
C MET C 52 14.29 -10.67 -46.45
N ASN C 53 14.36 -9.84 -47.52
CA ASN C 53 13.30 -9.48 -48.48
C ASN C 53 12.11 -8.76 -47.84
N PHE C 54 12.35 -8.07 -46.72
CA PHE C 54 11.32 -7.31 -46.01
C PHE C 54 10.85 -6.08 -46.77
N ILE C 55 11.76 -5.40 -47.50
CA ILE C 55 11.46 -4.21 -48.30
C ILE C 55 10.38 -4.54 -49.36
N ASN C 56 10.61 -5.59 -50.16
CA ASN C 56 9.70 -6.03 -51.22
C ASN C 56 8.43 -6.70 -50.68
N ASN C 57 8.56 -7.61 -49.69
CA ASN C 57 7.41 -8.32 -49.09
C ASN C 57 6.36 -7.39 -48.48
N TYR C 58 6.80 -6.33 -47.77
CA TYR C 58 5.88 -5.38 -47.15
C TYR C 58 5.71 -4.09 -47.96
N LYS C 59 6.33 -4.01 -49.18
CA LYS C 59 6.27 -2.86 -50.11
C LYS C 59 6.70 -1.55 -49.43
N ILE C 60 7.76 -1.62 -48.61
CA ILE C 60 8.33 -0.46 -47.91
C ILE C 60 8.91 0.50 -48.98
N ASP C 61 8.68 1.79 -48.82
CA ASP C 61 9.18 2.86 -49.68
C ASP C 61 10.64 3.12 -49.30
N CYS C 62 11.56 3.03 -50.29
CA CYS C 62 12.99 3.22 -50.07
C CYS C 62 13.38 4.62 -49.57
N PRO C 63 12.89 5.76 -50.12
CA PRO C 63 13.22 7.06 -49.50
C PRO C 63 12.79 7.14 -48.03
N THR C 64 11.59 6.58 -47.69
CA THR C 64 11.05 6.55 -46.31
C THR C 64 11.94 5.71 -45.39
N LEU C 65 12.36 4.51 -45.85
CA LEU C 65 13.22 3.61 -45.09
C LEU C 65 14.61 4.24 -44.86
N ALA C 66 15.17 4.91 -45.87
CA ALA C 66 16.46 5.59 -45.78
C ALA C 66 16.39 6.68 -44.72
N ARG C 67 15.32 7.49 -44.75
CA ARG C 67 15.11 8.58 -43.77
C ARG C 67 14.91 8.00 -42.38
N PHE C 68 14.12 6.93 -42.27
CA PHE C 68 13.88 6.27 -40.97
C PHE C 68 15.19 5.80 -40.33
N CYS C 69 16.01 5.04 -41.09
CA CYS C 69 17.29 4.50 -40.64
C CYS C 69 18.26 5.57 -40.14
N LEU C 70 18.36 6.71 -40.86
CA LEU C 70 19.24 7.82 -40.46
C LEU C 70 18.69 8.53 -39.22
N MET C 71 17.35 8.64 -39.10
CA MET C 71 16.72 9.26 -37.94
C MET C 71 16.93 8.41 -36.68
N VAL C 72 16.88 7.07 -36.84
CA VAL C 72 17.10 6.14 -35.72
C VAL C 72 18.56 6.28 -35.25
N LYS C 73 19.52 6.26 -36.19
CA LYS C 73 20.95 6.44 -35.89
C LYS C 73 21.20 7.75 -35.15
N LYS C 74 20.60 8.85 -35.64
CA LYS C 74 20.72 10.19 -35.06
C LYS C 74 20.14 10.25 -33.63
N GLY C 75 19.17 9.37 -33.35
CA GLY C 75 18.45 9.30 -32.08
C GLY C 75 19.23 8.73 -30.92
N TYR C 76 20.42 8.18 -31.20
CA TYR C 76 21.28 7.64 -30.16
C TYR C 76 22.28 8.68 -29.72
N ARG C 77 22.53 8.73 -28.40
CA ARG C 77 23.52 9.61 -27.82
C ARG C 77 24.88 8.91 -27.85
N ASP C 78 25.88 9.48 -27.16
CA ASP C 78 27.22 8.88 -27.19
C ASP C 78 27.78 8.46 -25.82
N PRO C 79 27.03 7.68 -24.98
CA PRO C 79 27.67 7.15 -23.76
C PRO C 79 28.64 6.04 -24.19
N PRO C 80 29.54 5.53 -23.31
CA PRO C 80 30.49 4.51 -23.77
C PRO C 80 29.87 3.24 -24.37
N TYR C 81 28.76 2.75 -23.82
CA TYR C 81 28.16 1.51 -24.31
C TYR C 81 26.83 1.69 -25.09
N HIS C 82 25.83 2.37 -24.49
CA HIS C 82 24.51 2.49 -25.13
C HIS C 82 24.43 3.57 -26.21
N ASN C 83 25.12 3.31 -27.32
CA ASN C 83 25.20 4.22 -28.46
C ASN C 83 24.70 3.50 -29.74
N TRP C 84 24.78 4.15 -30.92
CA TRP C 84 24.33 3.54 -32.18
C TRP C 84 25.04 2.24 -32.51
N MET C 85 26.36 2.13 -32.23
CA MET C 85 27.09 0.90 -32.52
C MET C 85 26.53 -0.29 -31.74
N HIS C 86 25.95 -0.06 -30.53
CA HIS C 86 25.27 -1.13 -29.77
C HIS C 86 24.01 -1.53 -30.54
N ALA C 87 23.19 -0.53 -30.91
CA ALA C 87 21.94 -0.83 -31.64
C ALA C 87 22.20 -1.53 -32.97
N PHE C 88 23.23 -1.10 -33.71
CA PHE C 88 23.60 -1.72 -35.00
C PHE C 88 24.03 -3.17 -34.82
N SER C 89 24.90 -3.46 -33.84
CA SER C 89 25.40 -4.81 -33.57
C SER C 89 24.29 -5.73 -33.06
N VAL C 90 23.30 -5.19 -32.33
CA VAL C 90 22.13 -5.93 -31.82
C VAL C 90 21.24 -6.29 -33.04
N SER C 91 21.06 -5.34 -33.96
CA SER C 91 20.28 -5.52 -35.20
C SER C 91 20.95 -6.56 -36.09
N HIS C 92 22.29 -6.53 -36.18
CA HIS C 92 23.06 -7.50 -36.95
C HIS C 92 22.84 -8.91 -36.41
N PHE C 93 22.81 -9.07 -35.08
CA PHE C 93 22.57 -10.38 -34.47
C PHE C 93 21.18 -10.92 -34.81
N CYS C 94 20.15 -10.04 -34.82
CA CYS C 94 18.81 -10.46 -35.22
C CYS C 94 18.84 -11.04 -36.65
N TYR C 95 19.55 -10.36 -37.56
CA TYR C 95 19.75 -10.81 -38.93
C TYR C 95 20.46 -12.18 -38.95
N LEU C 96 21.47 -12.39 -38.08
CA LEU C 96 22.18 -13.66 -37.95
C LEU C 96 21.25 -14.79 -37.52
N LEU C 97 20.32 -14.51 -36.59
CA LEU C 97 19.35 -15.50 -36.09
C LEU C 97 18.43 -15.90 -37.23
N TYR C 98 18.00 -14.92 -38.06
CA TYR C 98 17.15 -15.16 -39.23
C TYR C 98 17.89 -16.04 -40.25
N LYS C 99 19.15 -15.71 -40.54
CA LYS C 99 19.98 -16.40 -41.53
C LYS C 99 20.41 -17.79 -41.13
N ASN C 100 20.80 -17.98 -39.86
CA ASN C 100 21.33 -19.25 -39.38
C ASN C 100 20.34 -20.19 -38.68
N LEU C 101 19.27 -19.67 -38.06
CA LEU C 101 18.35 -20.53 -37.29
C LEU C 101 17.00 -20.79 -37.95
N GLU C 102 16.78 -20.14 -39.11
CA GLU C 102 15.56 -20.22 -39.92
C GLU C 102 14.32 -19.93 -39.08
N LEU C 103 14.24 -18.69 -38.54
CA LEU C 103 13.15 -18.24 -37.70
C LEU C 103 11.76 -18.35 -38.35
N THR C 104 11.69 -18.39 -39.70
CA THR C 104 10.45 -18.54 -40.47
C THR C 104 9.68 -19.85 -40.18
N ASN C 105 10.33 -20.82 -39.55
CA ASN C 105 9.73 -22.10 -39.18
C ASN C 105 9.11 -22.02 -37.80
N TYR C 106 9.43 -20.93 -37.06
CA TYR C 106 9.00 -20.70 -35.69
C TYR C 106 8.14 -19.43 -35.52
N LEU C 107 8.41 -18.36 -36.29
CA LEU C 107 7.68 -17.08 -36.18
C LEU C 107 7.05 -16.58 -37.48
N GLU C 108 6.05 -15.69 -37.34
CA GLU C 108 5.40 -15.04 -38.48
C GLU C 108 6.40 -14.04 -39.08
N ASP C 109 6.26 -13.75 -40.39
CA ASP C 109 7.12 -12.80 -41.07
C ASP C 109 7.14 -11.42 -40.39
N ILE C 110 5.95 -10.95 -39.96
CA ILE C 110 5.77 -9.65 -39.30
C ILE C 110 6.46 -9.61 -37.93
N GLU C 111 6.52 -10.75 -37.23
CA GLU C 111 7.13 -10.86 -35.92
C GLU C 111 8.65 -10.72 -36.04
N ILE C 112 9.27 -11.34 -37.07
CA ILE C 112 10.71 -11.28 -37.36
C ILE C 112 11.06 -9.83 -37.79
N PHE C 113 10.17 -9.19 -38.58
CA PHE C 113 10.39 -7.82 -39.03
C PHE C 113 10.28 -6.86 -37.83
N ALA C 114 9.27 -7.08 -36.93
CA ALA C 114 9.10 -6.26 -35.72
C ALA C 114 10.31 -6.41 -34.81
N LEU C 115 10.88 -7.63 -34.71
CA LEU C 115 12.05 -7.91 -33.90
C LEU C 115 13.24 -7.10 -34.42
N PHE C 116 13.46 -7.07 -35.75
CA PHE C 116 14.58 -6.34 -36.34
C PHE C 116 14.45 -4.84 -36.12
N ILE C 117 13.27 -4.27 -36.39
CA ILE C 117 13.00 -2.84 -36.20
C ILE C 117 13.15 -2.48 -34.70
N SER C 118 12.67 -3.36 -33.80
CA SER C 118 12.80 -3.14 -32.37
C SER C 118 14.26 -3.13 -31.96
N CYS C 119 15.10 -4.02 -32.53
CA CYS C 119 16.55 -4.08 -32.25
C CYS C 119 17.18 -2.72 -32.58
N MET C 120 16.84 -2.14 -33.73
CA MET C 120 17.39 -0.83 -34.14
C MET C 120 17.01 0.28 -33.13
N CYS C 121 15.75 0.26 -32.63
CA CYS C 121 15.15 1.30 -31.76
C CYS C 121 15.28 1.09 -30.26
N HIS C 122 15.63 -0.12 -29.81
CA HIS C 122 15.50 -0.57 -28.44
C HIS C 122 16.22 0.26 -27.35
N ASP C 123 17.23 1.08 -27.68
CA ASP C 123 17.91 1.89 -26.65
C ASP C 123 17.97 3.37 -27.08
N LEU C 124 17.02 3.81 -27.94
CA LEU C 124 16.99 5.19 -28.45
C LEU C 124 17.07 6.23 -27.35
N ASP C 125 17.93 7.26 -27.53
CA ASP C 125 18.11 8.34 -26.55
C ASP C 125 18.56 7.88 -25.14
N HIS C 126 19.27 6.74 -25.03
CA HIS C 126 19.81 6.26 -23.74
C HIS C 126 20.83 7.28 -23.26
N ARG C 127 20.82 7.58 -21.96
CA ARG C 127 21.66 8.57 -21.30
C ARG C 127 22.86 7.99 -20.56
N GLY C 128 23.08 6.69 -20.71
CA GLY C 128 24.18 6.02 -20.03
C GLY C 128 23.88 5.75 -18.56
N THR C 129 22.59 5.87 -18.13
CA THR C 129 22.17 5.59 -16.76
C THR C 129 21.00 4.60 -16.78
N ASN C 130 20.93 3.70 -15.78
CA ASN C 130 19.86 2.70 -15.68
C ASN C 130 18.53 3.32 -15.22
N ASN C 131 17.53 2.46 -14.97
CA ASN C 131 16.20 2.88 -14.54
C ASN C 131 16.17 3.44 -13.15
N SER C 132 16.86 2.82 -12.16
CA SER C 132 16.83 3.33 -10.78
C SER C 132 17.42 4.74 -10.67
N PHE C 133 18.45 5.06 -11.48
CA PHE C 133 19.07 6.39 -11.48
C PHE C 133 18.06 7.43 -11.94
N GLN C 134 17.24 7.10 -12.94
CA GLN C 134 16.19 8.02 -13.41
C GLN C 134 15.26 8.44 -12.26
N VAL C 135 14.81 7.46 -11.47
CA VAL C 135 13.91 7.62 -10.32
C VAL C 135 14.64 8.36 -9.18
N ALA C 136 15.90 7.95 -8.87
CA ALA C 136 16.70 8.55 -7.81
C ALA C 136 17.04 10.02 -8.13
N SER C 137 17.28 10.35 -9.41
CA SER C 137 17.59 11.73 -9.83
C SER C 137 16.34 12.55 -10.13
N LYS C 138 15.14 11.94 -10.02
CA LYS C 138 13.84 12.56 -10.27
C LYS C 138 13.86 13.24 -11.64
N SER C 139 14.32 12.49 -12.66
CA SER C 139 14.34 13.00 -14.03
C SER C 139 12.92 13.13 -14.55
N VAL C 140 12.74 13.87 -15.68
CA VAL C 140 11.45 14.00 -16.36
C VAL C 140 10.95 12.60 -16.79
N LEU C 141 11.88 11.70 -17.19
CA LEU C 141 11.52 10.34 -17.59
C LEU C 141 10.90 9.56 -16.45
N ALA C 142 11.43 9.74 -15.23
CA ALA C 142 10.92 9.11 -14.01
C ALA C 142 9.52 9.66 -13.73
N ALA C 143 9.32 10.98 -13.90
CA ALA C 143 8.01 11.61 -13.67
C ALA C 143 6.96 10.99 -14.62
N LEU C 144 7.35 10.75 -15.89
CA LEU C 144 6.46 10.18 -16.90
C LEU C 144 6.19 8.68 -16.76
N TYR C 145 7.23 7.88 -16.41
CA TYR C 145 7.08 6.42 -16.44
C TYR C 145 7.35 5.61 -15.18
N SER C 146 7.81 6.22 -14.06
CA SER C 146 8.16 5.44 -12.86
C SER C 146 7.04 4.55 -12.30
N SER C 147 5.79 5.03 -12.34
CA SER C 147 4.62 4.30 -11.83
C SER C 147 4.29 3.06 -12.70
N GLU C 148 4.72 3.06 -13.95
CA GLU C 148 4.48 1.95 -14.87
C GLU C 148 5.65 0.94 -14.90
N GLY C 149 6.85 1.37 -14.49
CA GLY C 149 8.07 0.56 -14.50
C GLY C 149 8.79 0.61 -15.84
N SER C 150 10.02 0.04 -15.92
CA SER C 150 10.87 0.03 -17.12
C SER C 150 10.97 1.43 -17.74
N VAL C 151 11.37 2.41 -16.91
CA VAL C 151 11.44 3.83 -17.27
C VAL C 151 12.11 4.07 -18.62
N MET C 152 13.35 3.60 -18.78
CA MET C 152 14.11 3.83 -20.01
C MET C 152 13.50 3.15 -21.22
N GLU C 153 12.99 1.92 -21.06
CA GLU C 153 12.38 1.12 -22.13
C GLU C 153 11.11 1.78 -22.63
N ARG C 154 10.31 2.39 -21.71
CA ARG C 154 9.12 3.14 -22.11
C ARG C 154 9.54 4.38 -22.92
N HIS C 155 10.68 4.99 -22.56
CA HIS C 155 11.20 6.15 -23.28
C HIS C 155 11.70 5.73 -24.69
N HIS C 156 12.40 4.59 -24.79
CA HIS C 156 12.92 4.12 -26.08
C HIS C 156 11.76 3.89 -27.07
N PHE C 157 10.69 3.24 -26.59
CA PHE C 157 9.51 3.01 -27.40
C PHE C 157 8.89 4.34 -27.82
N ALA C 158 8.74 5.31 -26.87
CA ALA C 158 8.15 6.62 -27.18
C ALA C 158 9.00 7.40 -28.21
N GLN C 159 10.34 7.23 -28.17
CA GLN C 159 11.25 7.88 -29.13
C GLN C 159 11.06 7.27 -30.53
N ALA C 160 10.81 5.95 -30.62
CA ALA C 160 10.56 5.22 -31.88
C ALA C 160 9.25 5.69 -32.49
N ILE C 161 8.21 5.89 -31.66
CA ILE C 161 6.92 6.41 -32.08
C ILE C 161 7.07 7.84 -32.65
N ALA C 162 7.86 8.68 -31.99
CA ALA C 162 8.10 10.06 -32.43
C ALA C 162 8.82 10.09 -33.78
N ILE C 163 9.76 9.13 -34.00
CA ILE C 163 10.46 8.99 -35.27
C ILE C 163 9.48 8.58 -36.36
N LEU C 164 8.64 7.56 -36.10
CA LEU C 164 7.65 7.09 -37.09
C LEU C 164 6.67 8.19 -37.44
N ASN C 165 6.36 9.07 -36.49
CA ASN C 165 5.42 10.16 -36.75
C ASN C 165 6.08 11.43 -37.29
N THR C 166 7.37 11.36 -37.65
CA THR C 166 8.08 12.49 -38.26
C THR C 166 7.82 12.40 -39.77
N HIS C 167 7.52 13.53 -40.43
CA HIS C 167 7.25 13.57 -41.87
C HIS C 167 8.35 12.88 -42.67
N GLY C 168 7.94 11.96 -43.55
CA GLY C 168 8.81 11.17 -44.42
C GLY C 168 9.51 9.98 -43.80
N CYS C 169 9.17 9.64 -42.53
CA CYS C 169 9.82 8.56 -41.78
C CYS C 169 8.89 7.40 -41.42
N ASN C 170 7.57 7.47 -41.75
CA ASN C 170 6.67 6.36 -41.38
C ASN C 170 6.76 5.22 -42.38
N ILE C 171 7.65 4.26 -42.08
CA ILE C 171 7.89 3.09 -42.93
C ILE C 171 6.68 2.15 -43.00
N PHE C 172 5.70 2.33 -42.12
CA PHE C 172 4.48 1.50 -42.07
C PHE C 172 3.17 2.27 -42.44
N ASP C 173 3.25 3.51 -42.99
CA ASP C 173 2.04 4.30 -43.21
C ASP C 173 1.09 3.76 -44.31
N HIS C 174 1.58 2.85 -45.16
CA HIS C 174 0.78 2.22 -46.21
C HIS C 174 0.22 0.86 -45.75
N PHE C 175 0.66 0.35 -44.57
CA PHE C 175 0.22 -0.95 -44.03
C PHE C 175 -1.28 -0.96 -43.77
N SER C 176 -1.89 -2.15 -43.78
CA SER C 176 -3.31 -2.27 -43.43
C SER C 176 -3.42 -1.87 -41.95
N ARG C 177 -4.60 -1.41 -41.52
CA ARG C 177 -4.86 -1.00 -40.14
C ARG C 177 -4.47 -2.09 -39.15
N LYS C 178 -4.80 -3.36 -39.48
CA LYS C 178 -4.47 -4.55 -38.68
C LYS C 178 -2.95 -4.77 -38.61
N ASP C 179 -2.25 -4.70 -39.75
CA ASP C 179 -0.78 -4.88 -39.78
C ASP C 179 -0.04 -3.74 -39.09
N TYR C 180 -0.59 -2.51 -39.18
CA TYR C 180 -0.03 -1.32 -38.53
C TYR C 180 -0.12 -1.49 -37.01
N GLN C 181 -1.29 -1.92 -36.51
CA GLN C 181 -1.52 -2.14 -35.09
C GLN C 181 -0.63 -3.25 -34.56
N ARG C 182 -0.45 -4.32 -35.34
CA ARG C 182 0.39 -5.47 -34.99
C ARG C 182 1.84 -5.03 -34.83
N MET C 183 2.34 -4.19 -35.75
CA MET C 183 3.69 -3.67 -35.70
C MET C 183 3.93 -2.87 -34.44
N LEU C 184 3.02 -1.94 -34.10
CA LEU C 184 3.13 -1.11 -32.90
C LEU C 184 3.09 -1.94 -31.64
N ASP C 185 2.15 -2.92 -31.56
CA ASP C 185 2.02 -3.79 -30.39
C ASP C 185 3.23 -4.66 -30.18
N LEU C 186 3.80 -5.24 -31.26
CA LEU C 186 5.01 -6.07 -31.17
C LEU C 186 6.20 -5.25 -30.76
N MET C 187 6.40 -4.06 -31.38
CA MET C 187 7.51 -3.18 -31.03
C MET C 187 7.45 -2.78 -29.55
N ARG C 188 6.25 -2.48 -29.01
CA ARG C 188 6.12 -2.15 -27.59
C ARG C 188 6.53 -3.32 -26.71
N ASP C 189 5.98 -4.54 -26.99
CA ASP C 189 6.28 -5.74 -26.19
C ASP C 189 7.76 -6.13 -26.28
N ILE C 190 8.35 -6.05 -27.47
CA ILE C 190 9.76 -6.42 -27.69
C ILE C 190 10.69 -5.42 -27.01
N ILE C 191 10.42 -4.10 -27.16
CA ILE C 191 11.24 -3.08 -26.50
C ILE C 191 11.09 -3.19 -24.97
N LEU C 192 9.89 -3.48 -24.47
CA LEU C 192 9.69 -3.65 -23.02
C LEU C 192 10.46 -4.88 -22.48
N ALA C 193 10.60 -5.93 -23.32
CA ALA C 193 11.34 -7.17 -23.03
C ALA C 193 12.85 -6.95 -22.83
N THR C 194 13.41 -5.80 -23.31
CA THR C 194 14.83 -5.49 -23.17
C THR C 194 15.20 -5.11 -21.73
N ASP C 195 14.21 -4.83 -20.85
CA ASP C 195 14.53 -4.55 -19.46
C ASP C 195 14.94 -5.91 -18.89
N LEU C 196 16.21 -6.05 -18.40
CA LEU C 196 16.68 -7.30 -17.81
C LEU C 196 15.82 -7.76 -16.65
N ALA C 197 15.13 -6.81 -15.96
CA ALA C 197 14.20 -7.10 -14.86
C ALA C 197 13.04 -7.94 -15.39
N HIS C 198 12.57 -7.64 -16.63
CA HIS C 198 11.49 -8.37 -17.30
C HIS C 198 11.98 -9.76 -17.68
N HIS C 199 13.21 -9.86 -18.23
CA HIS C 199 13.79 -11.16 -18.58
C HIS C 199 13.83 -12.09 -17.35
N LEU C 200 14.35 -11.57 -16.21
CA LEU C 200 14.47 -12.35 -14.97
C LEU C 200 13.12 -12.79 -14.41
N ARG C 201 12.07 -11.98 -14.63
CA ARG C 201 10.69 -12.24 -14.23
C ARG C 201 10.12 -13.44 -15.02
N ILE C 202 10.30 -13.43 -16.37
CA ILE C 202 9.77 -14.46 -17.28
C ILE C 202 10.67 -15.70 -17.50
N PHE C 203 11.89 -15.71 -16.91
CA PHE C 203 12.86 -16.79 -17.11
C PHE C 203 12.26 -18.20 -16.86
N LYS C 204 11.44 -18.36 -15.81
CA LYS C 204 10.81 -19.65 -15.52
C LYS C 204 9.80 -20.06 -16.62
N ASP C 205 9.08 -19.08 -17.20
CA ASP C 205 8.16 -19.32 -18.33
C ASP C 205 8.93 -19.73 -19.59
N LEU C 206 10.13 -19.15 -19.80
CA LEU C 206 11.02 -19.49 -20.92
C LEU C 206 11.53 -20.92 -20.77
N GLN C 207 11.93 -21.30 -19.55
CA GLN C 207 12.40 -22.66 -19.22
C GLN C 207 11.27 -23.67 -19.47
N LYS C 208 10.03 -23.33 -19.03
CA LYS C 208 8.85 -24.19 -19.20
C LYS C 208 8.55 -24.42 -20.69
N MET C 209 8.64 -23.38 -21.52
CA MET C 209 8.39 -23.47 -22.97
C MET C 209 9.44 -24.39 -23.62
N ALA C 210 10.71 -24.25 -23.25
CA ALA C 210 11.80 -25.08 -23.78
C ALA C 210 11.57 -26.56 -23.47
N GLU C 211 10.99 -26.86 -22.29
CA GLU C 211 10.71 -28.24 -21.87
C GLU C 211 9.48 -28.85 -22.57
N VAL C 212 8.32 -28.15 -22.55
CA VAL C 212 7.09 -28.66 -23.21
C VAL C 212 7.29 -28.76 -24.75
N GLY C 213 8.21 -27.93 -25.27
CA GLY C 213 8.57 -27.90 -26.68
C GLY C 213 7.85 -26.80 -27.40
N TYR C 214 8.60 -25.93 -28.11
CA TYR C 214 8.02 -24.81 -28.84
C TYR C 214 6.84 -25.27 -29.70
N ASP C 215 5.68 -24.61 -29.51
CA ASP C 215 4.46 -24.91 -30.24
C ASP C 215 4.16 -23.70 -31.14
N ARG C 216 4.38 -23.86 -32.46
CA ARG C 216 4.15 -22.84 -33.51
C ARG C 216 2.67 -22.36 -33.54
N ASN C 217 1.74 -23.18 -33.01
CA ASN C 217 0.32 -22.85 -32.94
C ASN C 217 -0.08 -22.15 -31.64
N ASN C 218 0.89 -21.98 -30.71
CA ASN C 218 0.67 -21.31 -29.43
C ASN C 218 1.17 -19.87 -29.51
N LYS C 219 0.24 -18.90 -29.46
CA LYS C 219 0.55 -17.47 -29.52
C LYS C 219 1.38 -16.99 -28.32
N GLN C 220 1.24 -17.61 -27.13
CA GLN C 220 2.06 -17.22 -25.98
C GLN C 220 3.52 -17.66 -26.19
N HIS C 221 3.72 -18.79 -26.89
CA HIS C 221 5.06 -19.27 -27.21
C HIS C 221 5.76 -18.29 -28.17
N HIS C 222 5.01 -17.70 -29.13
CA HIS C 222 5.53 -16.66 -30.06
C HIS C 222 5.98 -15.43 -29.26
N ARG C 223 5.17 -15.01 -28.26
CA ARG C 223 5.49 -13.86 -27.39
C ARG C 223 6.74 -14.12 -26.56
N LEU C 224 6.82 -15.32 -25.94
CA LEU C 224 7.98 -15.72 -25.13
C LEU C 224 9.24 -15.86 -25.97
N LEU C 225 9.14 -16.46 -27.16
CA LEU C 225 10.29 -16.64 -28.06
C LEU C 225 10.85 -15.28 -28.50
N LEU C 226 9.96 -14.31 -28.81
CA LEU C 226 10.41 -12.96 -29.21
C LEU C 226 11.16 -12.27 -28.06
N CYS C 227 10.75 -12.51 -26.81
CA CYS C 227 11.42 -11.94 -25.62
C CYS C 227 12.82 -12.55 -25.52
N LEU C 228 12.93 -13.91 -25.61
CA LEU C 228 14.23 -14.60 -25.57
C LEU C 228 15.18 -14.13 -26.67
N LEU C 229 14.69 -14.04 -27.92
CA LEU C 229 15.47 -13.63 -29.08
C LEU C 229 15.97 -12.21 -28.93
N MET C 230 15.11 -11.30 -28.43
CA MET C 230 15.49 -9.91 -28.19
C MET C 230 16.61 -9.85 -27.16
N THR C 231 16.48 -10.60 -26.05
CA THR C 231 17.53 -10.63 -25.00
C THR C 231 18.82 -11.22 -25.56
N SER C 232 18.73 -12.29 -26.40
N SER C 232 18.73 -12.29 -26.38
CA SER C 232 19.89 -12.91 -27.04
CA SER C 232 19.88 -12.91 -27.02
C SER C 232 20.59 -11.91 -27.97
C SER C 232 20.59 -11.91 -27.97
N CYS C 233 19.82 -11.01 -28.63
CA CYS C 233 20.40 -9.97 -29.50
C CYS C 233 21.09 -8.90 -28.65
N ASP C 234 20.42 -8.44 -27.57
CA ASP C 234 20.92 -7.40 -26.67
C ASP C 234 22.26 -7.77 -25.98
N LEU C 235 22.47 -9.07 -25.65
CA LEU C 235 23.69 -9.56 -25.00
C LEU C 235 24.69 -10.23 -25.96
N SER C 236 24.40 -10.16 -27.27
CA SER C 236 25.17 -10.80 -28.33
C SER C 236 26.67 -10.42 -28.42
N ASP C 237 27.07 -9.30 -27.77
CA ASP C 237 28.47 -8.89 -27.69
C ASP C 237 29.31 -9.97 -26.98
N GLN C 238 28.66 -10.83 -26.17
CA GLN C 238 29.32 -11.91 -25.44
C GLN C 238 29.51 -13.22 -26.23
N THR C 239 28.97 -13.31 -27.45
CA THR C 239 29.03 -14.51 -28.28
C THR C 239 30.17 -14.50 -29.29
N LYS C 240 31.03 -13.48 -29.24
CA LYS C 240 32.17 -13.32 -30.15
C LYS C 240 33.45 -13.80 -29.43
N GLY C 241 34.61 -13.26 -29.78
CA GLY C 241 35.87 -13.67 -29.15
C GLY C 241 36.18 -12.91 -27.88
N TRP C 242 37.34 -13.20 -27.28
CA TRP C 242 37.82 -12.53 -26.09
C TRP C 242 38.03 -11.04 -26.35
N LYS C 243 38.55 -10.68 -27.55
CA LYS C 243 38.80 -9.29 -27.94
C LYS C 243 37.57 -8.41 -27.76
N THR C 244 36.39 -8.91 -28.19
CA THR C 244 35.10 -8.22 -28.08
C THR C 244 34.69 -8.14 -26.61
N THR C 245 34.70 -9.29 -25.91
CA THR C 245 34.35 -9.40 -24.47
C THR C 245 35.15 -8.40 -23.61
N ARG C 246 36.49 -8.36 -23.82
CA ARG C 246 37.40 -7.46 -23.11
C ARG C 246 37.03 -6.00 -23.36
N LYS C 247 36.84 -5.61 -24.65
CA LYS C 247 36.49 -4.25 -25.06
C LYS C 247 35.13 -3.83 -24.52
N ILE C 248 34.15 -4.75 -24.56
CA ILE C 248 32.78 -4.47 -24.10
C ILE C 248 32.76 -4.24 -22.58
N ALA C 249 33.57 -4.99 -21.78
CA ALA C 249 33.63 -4.78 -20.33
C ALA C 249 34.14 -3.37 -20.03
N GLU C 250 35.14 -2.92 -20.80
CA GLU C 250 35.74 -1.59 -20.69
C GLU C 250 34.63 -0.53 -20.86
N LEU C 251 33.83 -0.62 -21.93
CA LEU C 251 32.73 0.30 -22.23
C LEU C 251 31.62 0.26 -21.17
N ILE C 252 31.18 -0.95 -20.80
CA ILE C 252 30.14 -1.13 -19.80
C ILE C 252 30.53 -0.55 -18.43
N TYR C 253 31.73 -0.87 -17.93
CA TYR C 253 32.15 -0.36 -16.61
C TYR C 253 32.47 1.11 -16.63
N LYS C 254 32.97 1.66 -17.76
CA LYS C 254 33.16 3.12 -17.84
C LYS C 254 31.77 3.80 -17.69
N GLU C 255 30.73 3.25 -18.33
CA GLU C 255 29.38 3.77 -18.23
C GLU C 255 28.82 3.62 -16.81
N PHE C 256 28.92 2.41 -16.22
CA PHE C 256 28.45 2.11 -14.86
C PHE C 256 29.13 3.00 -13.81
N PHE C 257 30.48 3.14 -13.89
CA PHE C 257 31.22 3.93 -12.92
C PHE C 257 30.91 5.42 -13.00
N SER C 258 30.61 5.93 -14.21
CA SER C 258 30.19 7.31 -14.42
C SER C 258 28.85 7.55 -13.66
N GLN C 259 27.92 6.56 -13.74
CA GLN C 259 26.66 6.64 -12.99
C GLN C 259 26.92 6.63 -11.49
N GLY C 260 27.78 5.72 -11.02
CA GLY C 260 28.17 5.59 -9.63
C GLY C 260 28.72 6.88 -9.06
N ASP C 261 29.55 7.59 -9.86
CA ASP C 261 30.12 8.90 -9.49
C ASP C 261 29.00 9.93 -9.27
N LEU C 262 27.98 9.93 -10.17
CA LEU C 262 26.82 10.83 -10.04
C LEU C 262 26.00 10.52 -8.79
N GLU C 263 25.79 9.23 -8.48
CA GLU C 263 25.06 8.79 -7.29
C GLU C 263 25.77 9.23 -6.00
N LYS C 264 27.11 9.08 -5.93
CA LYS C 264 27.94 9.52 -4.80
C LYS C 264 27.81 11.03 -4.59
N ALA C 265 27.85 11.82 -5.68
CA ALA C 265 27.71 13.27 -5.66
C ALA C 265 26.31 13.70 -5.17
N MET C 266 25.30 12.82 -5.39
CA MET C 266 23.92 13.03 -4.95
C MET C 266 23.72 12.63 -3.48
N GLY C 267 24.73 12.02 -2.88
CA GLY C 267 24.69 11.54 -1.50
C GLY C 267 24.17 10.13 -1.36
N ASN C 268 24.09 9.38 -2.48
CA ASN C 268 23.60 8.01 -2.51
C ASN C 268 24.72 7.00 -2.65
N ARG C 269 24.50 5.80 -2.11
CA ARG C 269 25.44 4.70 -2.18
C ARG C 269 25.15 3.91 -3.47
N PRO C 270 26.04 3.96 -4.48
CA PRO C 270 25.80 3.19 -5.71
C PRO C 270 25.86 1.68 -5.48
N MET C 271 25.30 0.89 -6.40
CA MET C 271 25.43 -0.57 -6.30
C MET C 271 26.91 -0.91 -6.46
N GLU C 272 27.34 -2.05 -5.89
CA GLU C 272 28.74 -2.50 -5.97
C GLU C 272 29.33 -2.43 -7.39
N MET C 273 28.59 -2.93 -8.42
CA MET C 273 29.06 -2.95 -9.80
C MET C 273 29.19 -1.57 -10.47
N MET C 274 28.69 -0.51 -9.82
CA MET C 274 28.80 0.84 -10.37
C MET C 274 29.75 1.72 -9.54
N ASP C 275 30.28 1.15 -8.46
CA ASP C 275 31.18 1.85 -7.57
C ASP C 275 32.62 1.49 -7.97
N ARG C 276 33.35 2.42 -8.62
CA ARG C 276 34.74 2.22 -9.07
C ARG C 276 35.73 1.89 -7.93
N GLU C 277 35.38 2.21 -6.68
CA GLU C 277 36.21 1.94 -5.50
C GLU C 277 35.95 0.55 -4.92
N LYS C 278 34.82 -0.09 -5.29
CA LYS C 278 34.44 -1.39 -4.76
C LYS C 278 34.34 -2.51 -5.80
N ALA C 279 33.99 -2.16 -7.04
CA ALA C 279 33.79 -3.13 -8.13
C ALA C 279 35.06 -3.91 -8.47
N TYR C 280 34.97 -5.25 -8.49
CA TYR C 280 36.08 -6.14 -8.87
C TYR C 280 35.62 -6.82 -10.15
N ILE C 281 35.99 -6.19 -11.29
CA ILE C 281 35.55 -6.54 -12.65
C ILE C 281 35.59 -8.05 -12.98
N PRO C 282 36.67 -8.84 -12.77
CA PRO C 282 36.59 -10.27 -13.15
C PRO C 282 35.50 -11.07 -12.46
N GLU C 283 35.28 -10.82 -11.15
CA GLU C 283 34.25 -11.47 -10.33
C GLU C 283 32.84 -11.10 -10.84
N LEU C 284 32.64 -9.82 -11.14
CA LEU C 284 31.36 -9.30 -11.62
C LEU C 284 31.04 -9.83 -13.02
N GLN C 285 32.06 -9.94 -13.88
CA GLN C 285 31.86 -10.47 -15.23
C GLN C 285 31.60 -11.97 -15.21
N ILE C 286 32.30 -12.72 -14.31
CA ILE C 286 32.10 -14.17 -14.16
C ILE C 286 30.64 -14.40 -13.74
N SER C 287 30.18 -13.65 -12.73
CA SER C 287 28.82 -13.71 -12.19
C SER C 287 27.78 -13.42 -13.29
N PHE C 288 27.97 -12.34 -14.08
CA PHE C 288 27.04 -11.97 -15.16
C PHE C 288 26.99 -13.06 -16.24
N MET C 289 28.17 -13.57 -16.67
CA MET C 289 28.28 -14.60 -17.68
C MET C 289 27.64 -15.91 -17.21
N GLU C 290 27.98 -16.37 -16.01
CA GLU C 290 27.46 -17.61 -15.43
C GLU C 290 25.97 -17.61 -15.12
N HIS C 291 25.44 -16.52 -14.54
CA HIS C 291 24.07 -16.47 -14.07
C HIS C 291 23.08 -15.71 -14.96
N ILE C 292 23.54 -14.89 -15.92
CA ILE C 292 22.59 -14.22 -16.82
C ILE C 292 22.80 -14.68 -18.28
N ALA C 293 23.98 -14.41 -18.87
CA ALA C 293 24.27 -14.72 -20.27
C ALA C 293 24.24 -16.21 -20.64
N MET C 294 25.00 -17.08 -19.94
CA MET C 294 25.04 -18.53 -20.24
C MET C 294 23.65 -19.18 -20.19
N PRO C 295 22.78 -18.93 -19.16
CA PRO C 295 21.42 -19.53 -19.17
C PRO C 295 20.56 -19.13 -20.36
N ILE C 296 20.74 -17.89 -20.88
CA ILE C 296 20.01 -17.36 -22.05
C ILE C 296 20.38 -18.18 -23.31
N TYR C 297 21.69 -18.33 -23.56
CA TYR C 297 22.17 -19.05 -24.75
C TYR C 297 21.99 -20.55 -24.62
N LYS C 298 21.88 -21.06 -23.39
CA LYS C 298 21.57 -22.47 -23.13
C LYS C 298 20.12 -22.72 -23.56
N LEU C 299 19.18 -21.80 -23.19
CA LEU C 299 17.78 -21.87 -23.59
C LEU C 299 17.69 -21.79 -25.11
N LEU C 300 18.45 -20.87 -25.74
CA LEU C 300 18.48 -20.69 -27.19
C LEU C 300 18.96 -21.97 -27.88
N GLN C 301 19.99 -22.63 -27.29
CA GLN C 301 20.55 -23.90 -27.78
C GLN C 301 19.50 -25.04 -27.67
N ASP C 302 18.77 -25.09 -26.53
CA ASP C 302 17.72 -26.10 -26.29
C ASP C 302 16.60 -26.01 -27.33
N LEU C 303 16.23 -24.78 -27.73
CA LEU C 303 15.18 -24.55 -28.73
C LEU C 303 15.71 -24.67 -30.16
N PHE C 304 16.96 -24.24 -30.40
CA PHE C 304 17.58 -24.28 -31.72
C PHE C 304 18.95 -24.98 -31.63
N PRO C 305 19.08 -26.26 -32.07
CA PRO C 305 20.38 -26.94 -31.99
C PRO C 305 21.53 -26.22 -32.70
N LYS C 306 21.24 -25.49 -33.81
CA LYS C 306 22.25 -24.73 -34.57
C LYS C 306 22.84 -23.54 -33.80
N ALA C 307 22.25 -23.17 -32.64
CA ALA C 307 22.71 -22.07 -31.79
C ALA C 307 23.75 -22.54 -30.76
N ALA C 308 24.16 -23.83 -30.80
CA ALA C 308 25.12 -24.45 -29.90
C ALA C 308 26.45 -23.69 -29.81
N GLU C 309 26.96 -23.18 -30.96
CA GLU C 309 28.23 -22.45 -30.99
C GLU C 309 28.19 -21.17 -30.18
N LEU C 310 27.00 -20.53 -30.07
CA LEU C 310 26.82 -19.30 -29.29
C LEU C 310 27.05 -19.55 -27.81
N TYR C 311 26.42 -20.59 -27.25
CA TYR C 311 26.59 -20.98 -25.85
C TYR C 311 28.07 -21.33 -25.57
N GLU C 312 28.70 -22.10 -26.47
CA GLU C 312 30.10 -22.51 -26.35
C GLU C 312 31.04 -21.31 -26.31
N ARG C 313 30.82 -20.29 -27.16
CA ARG C 313 31.63 -19.06 -27.16
C ARG C 313 31.44 -18.28 -25.86
N VAL C 314 30.18 -18.19 -25.35
CA VAL C 314 29.90 -17.47 -24.09
C VAL C 314 30.64 -18.19 -22.95
N ALA C 315 30.56 -19.54 -22.91
CA ALA C 315 31.23 -20.37 -21.89
C ALA C 315 32.77 -20.22 -21.97
N SER C 316 33.31 -20.12 -23.19
CA SER C 316 34.75 -19.92 -23.44
C SER C 316 35.18 -18.55 -22.93
N ASN C 317 34.39 -17.51 -23.22
CA ASN C 317 34.65 -16.13 -22.77
C ASN C 317 34.61 -16.01 -21.24
N ARG C 318 33.70 -16.76 -20.56
CA ARG C 318 33.58 -16.78 -19.10
C ARG C 318 34.86 -17.41 -18.50
N GLU C 319 35.33 -18.51 -19.13
CA GLU C 319 36.53 -19.22 -18.69
C GLU C 319 37.76 -18.35 -18.85
N HIS C 320 37.79 -17.48 -19.88
CA HIS C 320 38.90 -16.56 -20.12
C HIS C 320 39.01 -15.52 -18.98
N TRP C 321 37.86 -15.08 -18.39
CA TRP C 321 37.86 -14.15 -17.26
C TRP C 321 38.55 -14.77 -16.05
N THR C 322 38.34 -16.10 -15.83
CA THR C 322 38.99 -16.87 -14.78
C THR C 322 40.50 -16.88 -15.03
N LYS C 323 40.93 -17.07 -16.30
CA LYS C 323 42.33 -17.10 -16.70
C LYS C 323 43.08 -15.77 -16.45
N VAL C 324 42.44 -14.62 -16.69
CA VAL C 324 43.08 -13.29 -16.51
C VAL C 324 42.82 -12.65 -15.14
N SER C 325 42.01 -13.30 -14.29
CA SER C 325 41.62 -12.77 -12.97
C SER C 325 42.80 -12.40 -12.07
N HIS C 326 43.88 -13.21 -12.07
CA HIS C 326 45.09 -12.99 -11.28
C HIS C 326 45.77 -11.65 -11.62
N LYS C 327 45.59 -11.15 -12.87
CA LYS C 327 46.17 -9.88 -13.33
C LYS C 327 45.62 -8.65 -12.61
N PHE C 328 44.48 -8.81 -11.91
CA PHE C 328 43.83 -7.72 -11.16
C PHE C 328 44.46 -7.52 -9.76
N THR C 329 45.43 -8.37 -9.41
CA THR C 329 46.21 -8.26 -8.17
C THR C 329 47.60 -7.78 -8.59
N ILE C 330 48.08 -6.67 -8.02
CA ILE C 330 49.40 -6.11 -8.32
C ILE C 330 50.49 -6.96 -7.70
N ARG C 331 51.10 -7.80 -8.54
CA ARG C 331 52.22 -8.65 -8.15
C ARG C 331 53.48 -7.96 -8.68
N GLY C 332 54.54 -8.03 -7.89
CA GLY C 332 55.78 -7.33 -8.13
C GLY C 332 55.57 -5.84 -7.94
N LEU C 333 56.31 -5.02 -8.70
CA LEU C 333 56.16 -3.57 -8.69
C LEU C 333 55.37 -3.13 -9.94
N PRO C 334 54.70 -1.94 -9.94
CA PRO C 334 54.09 -1.45 -11.18
C PRO C 334 55.21 -1.08 -12.19
N SER C 335 54.87 -0.87 -13.47
CA SER C 335 55.82 -0.57 -14.57
C SER C 335 56.84 0.55 -14.27
N ASN C 336 56.45 1.55 -13.47
CA ASN C 336 57.34 2.67 -13.10
C ASN C 336 58.33 2.32 -11.96
N ASN C 337 58.21 1.11 -11.37
CA ASN C 337 59.07 0.62 -10.25
C ASN C 337 58.93 1.47 -8.99
N SER C 338 57.76 2.09 -8.81
CA SER C 338 57.48 2.96 -7.67
C SER C 338 56.24 2.48 -6.94
N LEU C 339 56.18 2.73 -5.63
CA LEU C 339 55.01 2.39 -4.82
C LEU C 339 54.24 3.67 -4.45
N ASP C 340 54.44 4.78 -5.22
CA ASP C 340 53.80 6.09 -4.96
C ASP C 340 52.27 6.04 -4.94
N PHE C 341 51.66 5.08 -5.67
CA PHE C 341 50.21 4.85 -5.73
C PHE C 341 49.60 4.52 -4.35
N LEU C 342 50.44 4.25 -3.34
CA LEU C 342 50.03 3.93 -1.97
C LEU C 342 49.90 5.22 -1.16
N ILE D 16 -2.26 41.04 -6.20
CA ILE D 16 -3.29 40.00 -6.27
C ILE D 16 -4.56 40.49 -5.57
N GLN D 17 -5.64 40.68 -6.35
CA GLN D 17 -6.95 41.16 -5.91
C GLN D 17 -7.54 40.25 -4.82
N PRO D 18 -8.16 40.78 -3.73
CA PRO D 18 -8.80 39.88 -2.74
C PRO D 18 -10.04 39.23 -3.36
N VAL D 19 -10.44 38.03 -2.87
CA VAL D 19 -11.59 37.26 -3.38
C VAL D 19 -12.91 38.07 -3.35
N ALA D 20 -13.17 38.81 -2.24
CA ALA D 20 -14.38 39.64 -2.06
C ALA D 20 -14.54 40.70 -3.16
N ALA D 21 -13.42 41.19 -3.71
CA ALA D 21 -13.40 42.19 -4.78
C ALA D 21 -13.81 41.65 -6.16
N ILE D 22 -13.62 40.33 -6.44
CA ILE D 22 -14.02 39.69 -7.72
C ILE D 22 -15.53 39.71 -7.79
N ASP D 23 -16.18 39.18 -6.74
CA ASP D 23 -17.62 39.10 -6.54
C ASP D 23 -17.86 38.82 -5.07
N SER D 24 -18.88 39.45 -4.46
CA SER D 24 -19.21 39.26 -3.04
C SER D 24 -19.65 37.83 -2.73
N ASN D 25 -20.13 37.10 -3.75
CA ASN D 25 -20.62 35.72 -3.65
C ASN D 25 -19.61 34.68 -4.18
N PHE D 26 -18.39 35.10 -4.55
CA PHE D 26 -17.33 34.25 -5.09
C PHE D 26 -17.04 32.93 -4.32
N ALA D 27 -17.15 32.95 -2.98
CA ALA D 27 -16.87 31.78 -2.14
C ALA D 27 -18.09 30.91 -1.82
N SER D 28 -19.23 31.17 -2.49
CA SER D 28 -20.46 30.42 -2.29
C SER D 28 -20.71 29.37 -3.36
N PHE D 29 -21.37 28.26 -2.97
CA PHE D 29 -21.81 27.19 -3.85
C PHE D 29 -22.84 27.68 -4.89
N THR D 30 -23.49 28.82 -4.64
CA THR D 30 -24.49 29.41 -5.56
C THR D 30 -23.82 30.19 -6.70
N TYR D 31 -22.53 30.57 -6.53
CA TYR D 31 -21.79 31.34 -7.54
C TYR D 31 -21.48 30.47 -8.79
N THR D 32 -21.60 31.06 -9.99
CA THR D 32 -21.33 30.37 -11.24
C THR D 32 -20.03 30.95 -11.81
N PRO D 33 -18.89 30.24 -11.66
CA PRO D 33 -17.61 30.79 -12.17
C PRO D 33 -17.56 31.06 -13.67
N ARG D 34 -18.42 30.38 -14.46
CA ARG D 34 -18.50 30.62 -15.91
C ARG D 34 -18.99 32.03 -16.26
N SER D 35 -19.63 32.73 -15.28
CA SER D 35 -20.10 34.11 -15.43
C SER D 35 -18.91 35.09 -15.44
N LEU D 36 -17.76 34.68 -14.88
CA LEU D 36 -16.56 35.52 -14.85
C LEU D 36 -15.97 35.66 -16.26
N PRO D 37 -15.68 36.88 -16.76
CA PRO D 37 -15.06 36.99 -18.10
C PRO D 37 -13.74 36.22 -18.18
N GLU D 38 -13.47 35.57 -19.33
CA GLU D 38 -12.26 34.74 -19.52
C GLU D 38 -10.96 35.48 -19.23
N ASP D 39 -10.90 36.79 -19.58
CA ASP D 39 -9.76 37.67 -19.35
C ASP D 39 -9.42 37.92 -17.86
N ASP D 40 -10.34 37.60 -16.93
CA ASP D 40 -10.16 37.79 -15.48
C ASP D 40 -9.89 36.49 -14.73
N THR D 41 -9.91 35.35 -15.45
CA THR D 41 -9.75 34.02 -14.84
C THR D 41 -8.35 33.71 -14.28
N SER D 42 -7.27 34.15 -14.95
CA SER D 42 -5.91 33.91 -14.45
C SER D 42 -5.66 34.66 -13.14
N MET D 43 -6.18 35.90 -13.02
CA MET D 43 -6.10 36.70 -11.80
C MET D 43 -6.94 36.04 -10.70
N ALA D 44 -8.10 35.46 -11.06
CA ALA D 44 -8.97 34.75 -10.11
C ALA D 44 -8.28 33.52 -9.53
N ILE D 45 -7.48 32.79 -10.35
CA ILE D 45 -6.69 31.62 -9.92
C ILE D 45 -5.70 32.08 -8.84
N LEU D 46 -4.98 33.20 -9.08
CA LEU D 46 -4.03 33.77 -8.11
C LEU D 46 -4.74 34.19 -6.83
N SER D 47 -5.93 34.81 -6.96
CA SER D 47 -6.74 35.25 -5.81
C SER D 47 -7.19 34.08 -4.94
N MET D 48 -7.55 32.95 -5.56
CA MET D 48 -7.96 31.74 -4.85
C MET D 48 -6.78 31.10 -4.13
N LEU D 49 -5.61 30.98 -4.81
CA LEU D 49 -4.38 30.46 -4.24
C LEU D 49 -3.95 31.30 -3.03
N GLN D 50 -4.06 32.65 -3.17
CA GLN D 50 -3.73 33.61 -2.11
C GLN D 50 -4.69 33.47 -0.92
N ASP D 51 -6.01 33.35 -1.20
CA ASP D 51 -7.02 33.21 -0.16
C ASP D 51 -6.90 31.89 0.63
N MET D 52 -6.44 30.81 -0.02
CA MET D 52 -6.20 29.52 0.62
C MET D 52 -4.86 29.54 1.36
N ASN D 53 -4.09 30.63 1.17
CA ASN D 53 -2.77 30.92 1.74
C ASN D 53 -1.70 29.93 1.28
N PHE D 54 -1.90 29.32 0.09
CA PHE D 54 -0.93 28.37 -0.47
C PHE D 54 0.35 29.06 -0.94
N ILE D 55 0.26 30.31 -1.43
CA ILE D 55 1.43 31.07 -1.90
C ILE D 55 2.43 31.25 -0.76
N ASN D 56 1.97 31.76 0.40
CA ASN D 56 2.80 31.98 1.59
C ASN D 56 3.20 30.69 2.30
N ASN D 57 2.25 29.76 2.52
CA ASN D 57 2.52 28.47 3.19
C ASN D 57 3.61 27.64 2.49
N TYR D 58 3.61 27.61 1.14
CA TYR D 58 4.60 26.88 0.35
C TYR D 58 5.69 27.75 -0.24
N LYS D 59 5.74 29.02 0.18
CA LYS D 59 6.74 29.99 -0.29
C LYS D 59 6.87 29.95 -1.82
N ILE D 60 5.70 29.90 -2.50
CA ILE D 60 5.61 29.87 -3.96
C ILE D 60 6.03 31.25 -4.49
N ASP D 61 6.94 31.26 -5.47
CA ASP D 61 7.42 32.48 -6.12
C ASP D 61 6.29 33.00 -7.01
N CYS D 62 5.79 34.21 -6.73
CA CYS D 62 4.66 34.79 -7.47
C CYS D 62 4.93 34.92 -8.99
N PRO D 63 6.10 35.43 -9.47
CA PRO D 63 6.33 35.47 -10.94
C PRO D 63 6.31 34.09 -11.60
N THR D 64 6.87 33.04 -10.96
CA THR D 64 6.88 31.66 -11.47
C THR D 64 5.44 31.14 -11.50
N LEU D 65 4.65 31.47 -10.46
CA LEU D 65 3.24 31.09 -10.39
C LEU D 65 2.43 31.76 -11.50
N ALA D 66 2.71 33.05 -11.80
CA ALA D 66 2.06 33.80 -12.88
C ALA D 66 2.36 33.21 -14.26
N ARG D 67 3.63 32.79 -14.51
CA ARG D 67 4.02 32.15 -15.78
C ARG D 67 3.34 30.78 -15.90
N PHE D 68 3.33 30.01 -14.81
CA PHE D 68 2.69 28.69 -14.77
C PHE D 68 1.20 28.79 -15.14
N CYS D 69 0.46 29.69 -14.46
CA CYS D 69 -0.98 29.90 -14.67
C CYS D 69 -1.32 30.24 -16.13
N LEU D 70 -0.54 31.12 -16.77
CA LEU D 70 -0.75 31.50 -18.17
C LEU D 70 -0.40 30.36 -19.12
N MET D 71 0.64 29.58 -18.79
CA MET D 71 1.05 28.43 -19.58
C MET D 71 -0.02 27.34 -19.55
N VAL D 72 -0.65 27.14 -18.38
CA VAL D 72 -1.72 26.15 -18.22
C VAL D 72 -2.93 26.58 -19.06
N LYS D 73 -3.35 27.85 -18.94
CA LYS D 73 -4.46 28.42 -19.73
C LYS D 73 -4.21 28.25 -21.24
N LYS D 74 -2.98 28.56 -21.71
CA LYS D 74 -2.55 28.47 -23.12
C LYS D 74 -2.57 26.99 -23.61
N GLY D 75 -2.42 26.05 -22.68
CA GLY D 75 -2.38 24.61 -22.94
C GLY D 75 -3.70 23.98 -23.32
N TYR D 76 -4.80 24.74 -23.18
CA TYR D 76 -6.15 24.28 -23.50
C TYR D 76 -6.47 24.69 -24.92
N ARG D 77 -7.18 23.80 -25.65
CA ARG D 77 -7.65 24.06 -27.01
C ARG D 77 -9.06 24.67 -26.89
N ASP D 78 -9.79 24.79 -28.01
CA ASP D 78 -11.13 25.38 -27.96
C ASP D 78 -12.28 24.44 -28.44
N PRO D 79 -12.40 23.16 -27.97
CA PRO D 79 -13.60 22.38 -28.31
C PRO D 79 -14.79 22.97 -27.54
N PRO D 80 -16.07 22.61 -27.84
CA PRO D 80 -17.19 23.27 -27.13
C PRO D 80 -17.16 23.14 -25.59
N TYR D 81 -16.76 21.99 -25.06
CA TYR D 81 -16.76 21.78 -23.60
C TYR D 81 -15.37 21.75 -22.94
N HIS D 82 -14.44 20.90 -23.43
CA HIS D 82 -13.13 20.72 -22.77
C HIS D 82 -12.11 21.82 -23.13
N ASN D 83 -12.40 23.04 -22.66
CA ASN D 83 -11.60 24.23 -22.90
C ASN D 83 -11.16 24.82 -21.56
N TRP D 84 -10.46 25.99 -21.57
CA TRP D 84 -9.94 26.58 -20.32
C TRP D 84 -11.07 26.93 -19.34
N MET D 85 -12.24 27.41 -19.84
CA MET D 85 -13.35 27.74 -18.96
C MET D 85 -13.85 26.53 -18.16
N HIS D 86 -13.72 25.32 -18.72
CA HIS D 86 -14.05 24.09 -17.98
C HIS D 86 -13.01 23.92 -16.86
N ALA D 87 -11.68 24.00 -17.20
CA ALA D 87 -10.63 23.86 -16.18
C ALA D 87 -10.72 24.89 -15.06
N PHE D 88 -11.01 26.15 -15.42
CA PHE D 88 -11.18 27.24 -14.46
C PHE D 88 -12.34 26.97 -13.50
N SER D 89 -13.52 26.60 -14.03
CA SER D 89 -14.73 26.33 -13.24
C SER D 89 -14.54 25.10 -12.33
N VAL D 90 -13.75 24.11 -12.77
CA VAL D 90 -13.40 22.90 -12.00
C VAL D 90 -12.48 23.31 -10.82
N SER D 91 -11.52 24.20 -11.10
CA SER D 91 -10.57 24.73 -10.10
C SER D 91 -11.34 25.58 -9.08
N HIS D 92 -12.32 26.37 -9.54
CA HIS D 92 -13.17 27.20 -8.67
C HIS D 92 -13.94 26.30 -7.70
N PHE D 93 -14.46 25.16 -8.18
CA PHE D 93 -15.19 24.23 -7.30
C PHE D 93 -14.30 23.66 -6.21
N CYS D 94 -13.02 23.31 -6.55
CA CYS D 94 -12.06 22.83 -5.55
C CYS D 94 -11.91 23.87 -4.43
N TYR D 95 -11.77 25.15 -4.81
CA TYR D 95 -11.71 26.28 -3.89
C TYR D 95 -12.95 26.34 -3.01
N LEU D 96 -14.16 26.14 -3.59
CA LEU D 96 -15.44 26.13 -2.83
C LEU D 96 -15.48 25.00 -1.81
N LEU D 97 -14.94 23.82 -2.15
CA LEU D 97 -14.89 22.67 -1.24
C LEU D 97 -14.00 23.01 -0.05
N TYR D 98 -12.86 23.67 -0.32
CA TYR D 98 -11.92 24.13 0.71
C TYR D 98 -12.59 25.16 1.65
N LYS D 99 -13.27 26.15 1.05
CA LYS D 99 -13.93 27.24 1.77
C LYS D 99 -15.15 26.83 2.57
N ASN D 100 -15.98 25.92 2.03
CA ASN D 100 -17.25 25.54 2.66
C ASN D 100 -17.24 24.26 3.47
N LEU D 101 -16.46 23.29 3.05
CA LEU D 101 -16.39 22.02 3.80
C LEU D 101 -15.10 22.06 4.62
N GLU D 102 -15.01 21.23 5.64
CA GLU D 102 -13.82 21.23 6.49
C GLU D 102 -12.81 20.22 5.94
N LEU D 103 -12.27 20.53 4.74
CA LEU D 103 -11.31 19.66 4.04
C LEU D 103 -10.04 19.39 4.82
N THR D 104 -9.55 20.41 5.57
CA THR D 104 -8.34 20.34 6.40
C THR D 104 -8.50 19.40 7.61
N ASN D 105 -9.74 19.02 7.92
CA ASN D 105 -10.04 18.06 9.00
C ASN D 105 -9.74 16.63 8.53
N TYR D 106 -9.86 16.37 7.22
CA TYR D 106 -9.71 15.06 6.59
C TYR D 106 -8.46 14.88 5.72
N LEU D 107 -7.95 15.98 5.13
CA LEU D 107 -6.80 15.95 4.23
C LEU D 107 -5.65 16.83 4.64
N GLU D 108 -4.43 16.44 4.22
CA GLU D 108 -3.20 17.18 4.46
C GLU D 108 -3.21 18.42 3.57
N ASP D 109 -2.51 19.50 3.99
CA ASP D 109 -2.42 20.74 3.22
C ASP D 109 -1.90 20.51 1.81
N ILE D 110 -0.86 19.65 1.67
CA ILE D 110 -0.23 19.32 0.38
C ILE D 110 -1.21 18.59 -0.57
N GLU D 111 -2.10 17.76 -0.02
CA GLU D 111 -3.09 17.01 -0.74
C GLU D 111 -4.13 17.95 -1.34
N ILE D 112 -4.56 18.97 -0.56
CA ILE D 112 -5.53 19.96 -1.01
C ILE D 112 -4.90 20.81 -2.11
N PHE D 113 -3.61 21.18 -1.93
CA PHE D 113 -2.89 21.98 -2.93
C PHE D 113 -2.73 21.19 -4.22
N ALA D 114 -2.36 19.88 -4.12
CA ALA D 114 -2.20 19.01 -5.29
C ALA D 114 -3.53 18.88 -6.03
N LEU D 115 -4.65 18.83 -5.29
CA LEU D 115 -5.99 18.73 -5.85
C LEU D 115 -6.30 19.97 -6.70
N PHE D 116 -5.99 21.18 -6.18
CA PHE D 116 -6.24 22.44 -6.91
C PHE D 116 -5.41 22.54 -8.19
N ILE D 117 -4.11 22.25 -8.10
CA ILE D 117 -3.21 22.27 -9.26
C ILE D 117 -3.65 21.23 -10.28
N SER D 118 -4.06 20.03 -9.83
CA SER D 118 -4.55 18.99 -10.72
C SER D 118 -5.81 19.44 -11.43
N CYS D 119 -6.72 20.17 -10.73
CA CYS D 119 -7.96 20.70 -11.33
C CYS D 119 -7.62 21.60 -12.52
N MET D 120 -6.63 22.50 -12.34
CA MET D 120 -6.20 23.43 -13.40
C MET D 120 -5.68 22.66 -14.63
N CYS D 121 -4.92 21.56 -14.42
CA CYS D 121 -4.20 20.79 -15.44
C CYS D 121 -4.96 19.59 -16.03
N HIS D 122 -6.03 19.13 -15.38
CA HIS D 122 -6.66 17.83 -15.59
C HIS D 122 -7.15 17.53 -17.01
N ASP D 123 -7.36 18.52 -17.89
CA ASP D 123 -7.83 18.24 -19.26
C ASP D 123 -6.93 18.93 -20.28
N LEU D 124 -5.68 19.25 -19.91
CA LEU D 124 -4.72 19.96 -20.80
C LEU D 124 -4.63 19.33 -22.18
N ASP D 125 -4.67 20.19 -23.22
CA ASP D 125 -4.59 19.76 -24.63
C ASP D 125 -5.71 18.76 -25.07
N HIS D 126 -6.89 18.81 -24.43
CA HIS D 126 -8.03 17.96 -24.83
C HIS D 126 -8.45 18.36 -26.25
N ARG D 127 -8.71 17.37 -27.11
CA ARG D 127 -9.03 17.61 -28.51
C ARG D 127 -10.54 17.46 -28.80
N GLY D 128 -11.35 17.31 -27.74
CA GLY D 128 -12.79 17.14 -27.89
C GLY D 128 -13.22 15.72 -28.23
N THR D 129 -12.30 14.77 -28.11
CA THR D 129 -12.58 13.36 -28.37
C THR D 129 -12.19 12.51 -27.15
N ASN D 130 -12.90 11.39 -26.94
CA ASN D 130 -12.64 10.56 -25.76
C ASN D 130 -11.52 9.50 -25.97
N ASN D 131 -11.34 8.62 -24.96
CA ASN D 131 -10.32 7.58 -24.98
C ASN D 131 -10.51 6.56 -26.10
N SER D 132 -11.74 6.07 -26.27
CA SER D 132 -12.09 5.11 -27.34
C SER D 132 -11.74 5.67 -28.71
N PHE D 133 -12.01 6.97 -28.94
CA PHE D 133 -11.69 7.60 -30.23
C PHE D 133 -10.19 7.57 -30.55
N GLN D 134 -9.34 7.85 -29.57
CA GLN D 134 -7.88 7.83 -29.74
C GLN D 134 -7.40 6.47 -30.26
N VAL D 135 -7.94 5.38 -29.68
CA VAL D 135 -7.59 4.01 -30.03
C VAL D 135 -8.15 3.65 -31.43
N ALA D 136 -9.43 3.97 -31.67
CA ALA D 136 -10.11 3.70 -32.94
C ALA D 136 -9.47 4.45 -34.12
N SER D 137 -9.04 5.72 -33.90
CA SER D 137 -8.40 6.53 -34.94
C SER D 137 -6.89 6.30 -35.03
N LYS D 138 -6.34 5.43 -34.16
CA LYS D 138 -4.93 5.10 -34.08
C LYS D 138 -4.06 6.37 -33.98
N SER D 139 -4.46 7.29 -33.09
CA SER D 139 -3.70 8.53 -32.87
C SER D 139 -2.35 8.21 -32.19
N VAL D 140 -1.40 9.18 -32.20
CA VAL D 140 -0.09 9.03 -31.54
C VAL D 140 -0.31 8.79 -30.02
N LEU D 141 -1.33 9.46 -29.41
CA LEU D 141 -1.64 9.29 -28.00
C LEU D 141 -2.01 7.84 -27.69
N ALA D 142 -2.78 7.19 -28.58
CA ALA D 142 -3.14 5.78 -28.40
C ALA D 142 -1.92 4.89 -28.53
N ALA D 143 -0.99 5.22 -29.44
CA ALA D 143 0.25 4.45 -29.61
C ALA D 143 1.07 4.49 -28.31
N LEU D 144 1.14 5.68 -27.68
CA LEU D 144 1.87 5.91 -26.43
C LEU D 144 1.23 5.31 -25.20
N TYR D 145 -0.11 5.41 -25.05
CA TYR D 145 -0.78 5.06 -23.79
C TYR D 145 -1.90 4.00 -23.80
N SER D 146 -2.34 3.50 -24.96
CA SER D 146 -3.48 2.57 -25.01
C SER D 146 -3.33 1.31 -24.17
N SER D 147 -2.12 0.72 -24.12
CA SER D 147 -1.85 -0.51 -23.36
C SER D 147 -1.95 -0.29 -21.84
N GLU D 148 -1.73 0.96 -21.38
CA GLU D 148 -1.80 1.33 -19.97
C GLU D 148 -3.20 1.81 -19.54
N GLY D 149 -4.02 2.23 -20.50
CA GLY D 149 -5.37 2.75 -20.25
C GLY D 149 -5.39 4.25 -19.95
N SER D 150 -6.60 4.84 -19.92
CA SER D 150 -6.83 6.26 -19.67
C SER D 150 -5.92 7.13 -20.56
N VAL D 151 -5.99 6.90 -21.86
CA VAL D 151 -5.16 7.55 -22.88
C VAL D 151 -5.07 9.07 -22.69
N MET D 152 -6.21 9.76 -22.68
CA MET D 152 -6.24 11.21 -22.55
C MET D 152 -5.70 11.70 -21.24
N GLU D 153 -6.03 11.01 -20.13
CA GLU D 153 -5.58 11.39 -18.78
C GLU D 153 -4.07 11.24 -18.64
N ARG D 154 -3.48 10.22 -19.27
CA ARG D 154 -2.03 10.07 -19.29
C ARG D 154 -1.40 11.24 -20.09
N HIS D 155 -2.08 11.69 -21.15
CA HIS D 155 -1.61 12.84 -21.94
C HIS D 155 -1.73 14.14 -21.11
N HIS D 156 -2.85 14.34 -20.40
CA HIS D 156 -3.04 15.56 -19.58
C HIS D 156 -1.93 15.69 -18.53
N PHE D 157 -1.61 14.57 -17.87
CA PHE D 157 -0.55 14.54 -16.88
C PHE D 157 0.80 14.85 -17.55
N ALA D 158 1.10 14.23 -18.71
CA ALA D 158 2.36 14.47 -19.43
C ALA D 158 2.48 15.95 -19.88
N GLN D 159 1.35 16.59 -20.23
CA GLN D 159 1.34 18.01 -20.62
C GLN D 159 1.65 18.90 -19.39
N ALA D 160 1.14 18.50 -18.20
CA ALA D 160 1.34 19.22 -16.93
C ALA D 160 2.83 19.15 -16.55
N ILE D 161 3.46 17.96 -16.73
CA ILE D 161 4.89 17.74 -16.49
C ILE D 161 5.74 18.61 -17.44
N ALA D 162 5.35 18.69 -18.73
CA ALA D 162 6.07 19.50 -19.72
C ALA D 162 6.02 20.99 -19.35
N ILE D 163 4.87 21.45 -18.81
CA ILE D 163 4.72 22.84 -18.33
C ILE D 163 5.65 23.07 -17.15
N LEU D 164 5.63 22.19 -16.16
CA LEU D 164 6.50 22.32 -14.96
C LEU D 164 7.98 22.31 -15.32
N ASN D 165 8.34 21.58 -16.38
CA ASN D 165 9.73 21.51 -16.82
C ASN D 165 10.10 22.58 -17.85
N THR D 166 9.22 23.57 -18.07
CA THR D 166 9.51 24.71 -18.95
C THR D 166 10.22 25.74 -18.07
N HIS D 167 11.31 26.35 -18.59
CA HIS D 167 12.07 27.34 -17.84
C HIS D 167 11.18 28.45 -17.28
N GLY D 168 11.32 28.69 -15.97
CA GLY D 168 10.56 29.69 -15.23
C GLY D 168 9.13 29.34 -14.85
N CYS D 169 8.72 28.06 -15.03
CA CYS D 169 7.35 27.62 -14.74
C CYS D 169 7.27 26.57 -13.63
N ASN D 170 8.42 26.13 -13.05
CA ASN D 170 8.38 25.12 -12.00
C ASN D 170 8.05 25.72 -10.64
N ILE D 171 6.75 25.79 -10.33
CA ILE D 171 6.23 26.35 -9.06
C ILE D 171 6.67 25.52 -7.83
N PHE D 172 7.20 24.29 -8.04
CA PHE D 172 7.67 23.42 -6.95
C PHE D 172 9.19 23.20 -6.94
N ASP D 173 10.00 23.95 -7.71
CA ASP D 173 11.43 23.65 -7.81
C ASP D 173 12.23 23.92 -6.51
N HIS D 174 11.68 24.69 -5.56
CA HIS D 174 12.32 24.99 -4.28
C HIS D 174 11.85 24.00 -3.19
N PHE D 175 10.84 23.14 -3.48
CA PHE D 175 10.32 22.17 -2.53
C PHE D 175 11.38 21.15 -2.16
N SER D 176 11.27 20.54 -0.95
CA SER D 176 12.19 19.48 -0.57
C SER D 176 11.95 18.32 -1.55
N ARG D 177 12.95 17.47 -1.75
CA ARG D 177 12.89 16.29 -2.62
C ARG D 177 11.64 15.44 -2.30
N LYS D 178 11.36 15.24 -1.00
CA LYS D 178 10.20 14.47 -0.53
C LYS D 178 8.89 15.16 -0.88
N ASP D 179 8.78 16.49 -0.66
CA ASP D 179 7.57 17.25 -0.97
C ASP D 179 7.34 17.37 -2.47
N TYR D 180 8.43 17.43 -3.27
CA TYR D 180 8.38 17.49 -4.72
C TYR D 180 7.82 16.18 -5.26
N GLN D 181 8.33 15.03 -4.74
CA GLN D 181 7.87 13.71 -5.14
C GLN D 181 6.41 13.51 -4.81
N ARG D 182 6.00 13.94 -3.61
CA ARG D 182 4.63 13.87 -3.13
C ARG D 182 3.68 14.62 -4.08
N MET D 183 4.08 15.82 -4.56
CA MET D 183 3.28 16.63 -5.50
C MET D 183 3.07 15.94 -6.82
N LEU D 184 4.15 15.41 -7.40
CA LEU D 184 4.09 14.69 -8.65
C LEU D 184 3.21 13.47 -8.54
N ASP D 185 3.36 12.68 -7.46
CA ASP D 185 2.57 11.47 -7.23
C ASP D 185 1.11 11.76 -7.06
N LEU D 186 0.79 12.81 -6.29
CA LEU D 186 -0.58 13.23 -6.07
C LEU D 186 -1.22 13.70 -7.37
N MET D 187 -0.54 14.57 -8.16
CA MET D 187 -1.03 15.04 -9.43
C MET D 187 -1.29 13.89 -10.43
N ARG D 188 -0.40 12.90 -10.50
CA ARG D 188 -0.62 11.76 -11.39
C ARG D 188 -1.87 10.98 -10.98
N ASP D 189 -2.01 10.65 -9.68
CA ASP D 189 -3.16 9.88 -9.21
C ASP D 189 -4.48 10.64 -9.38
N ILE D 190 -4.47 11.95 -9.08
CA ILE D 190 -5.66 12.79 -9.18
C ILE D 190 -6.07 12.96 -10.65
N ILE D 191 -5.11 13.27 -11.53
CA ILE D 191 -5.42 13.41 -12.96
C ILE D 191 -5.90 12.06 -13.54
N LEU D 192 -5.28 10.93 -13.14
CA LEU D 192 -5.74 9.63 -13.62
C LEU D 192 -7.17 9.31 -13.16
N ALA D 193 -7.55 9.82 -11.97
CA ALA D 193 -8.88 9.67 -11.35
C ALA D 193 -10.00 10.36 -12.14
N THR D 194 -9.65 11.32 -13.03
CA THR D 194 -10.64 12.04 -13.85
C THR D 194 -11.24 11.18 -14.97
N ASP D 195 -10.65 10.00 -15.25
CA ASP D 195 -11.25 9.11 -16.24
C ASP D 195 -12.47 8.52 -15.55
N LEU D 196 -13.69 8.77 -16.09
CA LEU D 196 -14.92 8.23 -15.49
C LEU D 196 -14.91 6.70 -15.41
N ALA D 197 -14.11 6.02 -16.28
CA ALA D 197 -13.91 4.57 -16.24
C ALA D 197 -13.24 4.16 -14.91
N HIS D 198 -12.29 4.99 -14.44
CA HIS D 198 -11.59 4.80 -13.16
C HIS D 198 -12.56 5.03 -12.00
N HIS D 199 -13.39 6.10 -12.09
CA HIS D 199 -14.39 6.37 -11.05
C HIS D 199 -15.33 5.17 -10.88
N LEU D 200 -15.85 4.62 -12.01
CA LEU D 200 -16.77 3.48 -11.98
C LEU D 200 -16.13 2.22 -11.43
N ARG D 201 -14.81 2.04 -11.63
CA ARG D 201 -14.05 0.90 -11.11
C ARG D 201 -13.86 0.99 -9.58
N ILE D 202 -13.61 2.20 -9.05
CA ILE D 202 -13.39 2.40 -7.60
C ILE D 202 -14.68 2.71 -6.81
N PHE D 203 -15.83 2.87 -7.48
CA PHE D 203 -17.09 3.26 -6.83
C PHE D 203 -17.45 2.39 -5.61
N LYS D 204 -17.25 1.05 -5.72
CA LYS D 204 -17.54 0.15 -4.58
C LYS D 204 -16.60 0.42 -3.40
N ASP D 205 -15.32 0.78 -3.66
CA ASP D 205 -14.36 1.14 -2.62
C ASP D 205 -14.75 2.47 -1.94
N LEU D 206 -15.31 3.41 -2.73
CA LEU D 206 -15.80 4.70 -2.21
C LEU D 206 -17.00 4.47 -1.31
N GLN D 207 -17.94 3.58 -1.74
CA GLN D 207 -19.14 3.22 -0.94
C GLN D 207 -18.69 2.56 0.37
N LYS D 208 -17.70 1.65 0.30
CA LYS D 208 -17.19 0.94 1.47
C LYS D 208 -16.60 1.90 2.49
N MET D 209 -15.85 2.92 2.02
CA MET D 209 -15.25 3.96 2.87
C MET D 209 -16.33 4.77 3.56
N ALA D 210 -17.40 5.18 2.83
CA ALA D 210 -18.53 5.91 3.39
C ALA D 210 -19.28 5.05 4.42
N GLU D 211 -19.32 3.72 4.22
CA GLU D 211 -20.00 2.76 5.13
C GLU D 211 -19.26 2.57 6.46
N VAL D 212 -17.94 2.34 6.39
CA VAL D 212 -17.12 2.15 7.61
C VAL D 212 -16.84 3.49 8.32
N GLY D 213 -16.88 4.58 7.55
CA GLY D 213 -16.58 5.92 8.01
C GLY D 213 -15.15 6.28 7.65
N TYR D 214 -14.92 7.53 7.22
CA TYR D 214 -13.59 8.01 6.85
C TYR D 214 -12.61 7.88 8.04
N ASP D 215 -11.44 7.28 7.78
CA ASP D 215 -10.39 7.08 8.78
C ASP D 215 -9.21 7.96 8.36
N ARG D 216 -9.00 9.05 9.13
CA ARG D 216 -7.94 10.05 8.96
C ARG D 216 -6.52 9.43 9.03
N ASN D 217 -6.40 8.25 9.66
CA ASN D 217 -5.13 7.51 9.77
C ASN D 217 -4.94 6.44 8.69
N ASN D 218 -5.91 6.30 7.77
CA ASN D 218 -5.86 5.34 6.67
C ASN D 218 -5.46 6.07 5.40
N LYS D 219 -4.24 5.77 4.88
CA LYS D 219 -3.69 6.39 3.67
C LYS D 219 -4.52 6.06 2.42
N GLN D 220 -5.17 4.86 2.39
CA GLN D 220 -6.00 4.52 1.22
C GLN D 220 -7.29 5.37 1.22
N HIS D 221 -7.79 5.74 2.42
CA HIS D 221 -8.96 6.61 2.54
C HIS D 221 -8.64 8.02 1.99
N HIS D 222 -7.41 8.52 2.24
CA HIS D 222 -6.95 9.81 1.72
C HIS D 222 -6.96 9.78 0.22
N ARG D 223 -6.39 8.71 -0.37
CA ARG D 223 -6.31 8.48 -1.80
C ARG D 223 -7.74 8.44 -2.40
N LEU D 224 -8.65 7.62 -1.82
CA LEU D 224 -10.04 7.50 -2.29
C LEU D 224 -10.81 8.80 -2.19
N LEU D 225 -10.62 9.56 -1.08
CA LEU D 225 -11.29 10.84 -0.90
C LEU D 225 -10.84 11.86 -1.97
N LEU D 226 -9.54 11.87 -2.31
CA LEU D 226 -9.03 12.78 -3.35
C LEU D 226 -9.63 12.44 -4.73
N CYS D 227 -9.88 11.15 -5.01
CA CYS D 227 -10.51 10.70 -6.25
C CYS D 227 -11.95 11.22 -6.29
N LEU D 228 -12.72 11.02 -5.19
CA LEU D 228 -14.10 11.49 -5.06
C LEU D 228 -14.21 13.02 -5.25
N LEU D 229 -13.32 13.78 -4.57
CA LEU D 229 -13.31 15.24 -4.62
C LEU D 229 -12.99 15.74 -6.02
N MET D 230 -12.02 15.10 -6.70
CA MET D 230 -11.66 15.45 -8.09
C MET D 230 -12.86 15.22 -9.01
N THR D 231 -13.55 14.08 -8.88
CA THR D 231 -14.74 13.77 -9.69
C THR D 231 -15.85 14.78 -9.39
N SER D 232 -16.00 15.17 -8.08
CA SER D 232 -16.98 16.18 -7.65
C SER D 232 -16.69 17.53 -8.33
N CYS D 233 -15.41 17.88 -8.47
CA CYS D 233 -15.00 19.13 -9.14
C CYS D 233 -15.28 19.07 -10.63
N ASP D 234 -14.92 17.95 -11.27
CA ASP D 234 -15.06 17.73 -12.71
C ASP D 234 -16.53 17.78 -13.19
N LEU D 235 -17.49 17.33 -12.36
CA LEU D 235 -18.93 17.33 -12.68
C LEU D 235 -19.70 18.48 -12.03
N SER D 236 -18.99 19.41 -11.39
CA SER D 236 -19.56 20.53 -10.64
C SER D 236 -20.49 21.47 -11.44
N ASP D 237 -20.43 21.44 -12.79
CA ASP D 237 -21.34 22.21 -13.65
C ASP D 237 -22.80 21.81 -13.39
N GLN D 238 -23.02 20.60 -12.83
CA GLN D 238 -24.34 20.08 -12.50
C GLN D 238 -24.91 20.51 -11.12
N THR D 239 -24.10 21.21 -10.31
CA THR D 239 -24.50 21.63 -8.95
C THR D 239 -25.04 23.06 -8.90
N LYS D 240 -25.17 23.71 -10.07
CA LYS D 240 -25.68 25.10 -10.16
C LYS D 240 -27.18 25.06 -10.55
N GLY D 241 -27.69 26.08 -11.23
CA GLY D 241 -29.09 26.12 -11.62
C GLY D 241 -29.38 25.42 -12.94
N TRP D 242 -30.66 25.46 -13.36
CA TRP D 242 -31.10 24.87 -14.63
C TRP D 242 -30.41 25.54 -15.82
N LYS D 243 -30.20 26.87 -15.75
CA LYS D 243 -29.56 27.65 -16.80
C LYS D 243 -28.18 27.12 -17.16
N THR D 244 -27.37 26.76 -16.13
CA THR D 244 -26.03 26.17 -16.31
C THR D 244 -26.16 24.78 -16.92
N THR D 245 -27.01 23.90 -16.32
CA THR D 245 -27.28 22.53 -16.75
C THR D 245 -27.67 22.47 -18.24
N ARG D 246 -28.62 23.32 -18.65
CA ARG D 246 -29.09 23.42 -20.04
C ARG D 246 -27.95 23.81 -20.98
N LYS D 247 -27.19 24.88 -20.65
CA LYS D 247 -26.05 25.37 -21.44
C LYS D 247 -24.94 24.33 -21.54
N ILE D 248 -24.63 23.64 -20.43
CA ILE D 248 -23.58 22.63 -20.39
C ILE D 248 -23.96 21.42 -21.27
N ALA D 249 -25.26 21.02 -21.27
CA ALA D 249 -25.74 19.93 -22.14
C ALA D 249 -25.55 20.30 -23.63
N GLU D 250 -25.75 21.60 -24.01
CA GLU D 250 -25.51 22.07 -25.38
C GLU D 250 -24.04 21.88 -25.76
N LEU D 251 -23.10 22.31 -24.89
CA LEU D 251 -21.66 22.20 -25.14
C LEU D 251 -21.19 20.75 -25.21
N ILE D 252 -21.59 19.94 -24.24
CA ILE D 252 -21.21 18.52 -24.17
C ILE D 252 -21.69 17.75 -25.42
N TYR D 253 -22.98 17.88 -25.80
CA TYR D 253 -23.51 17.13 -26.94
C TYR D 253 -22.99 17.68 -28.26
N LYS D 254 -22.69 18.99 -28.37
CA LYS D 254 -22.08 19.50 -29.61
C LYS D 254 -20.71 18.79 -29.79
N GLU D 255 -19.94 18.66 -28.69
CA GLU D 255 -18.64 17.98 -28.70
C GLU D 255 -18.80 16.50 -29.02
N PHE D 256 -19.70 15.78 -28.30
CA PHE D 256 -19.98 14.37 -28.51
C PHE D 256 -20.41 14.05 -29.95
N PHE D 257 -21.37 14.84 -30.47
CA PHE D 257 -21.89 14.61 -31.83
C PHE D 257 -20.86 14.86 -32.90
N SER D 258 -19.92 15.80 -32.69
CA SER D 258 -18.83 16.07 -33.62
C SER D 258 -17.91 14.81 -33.69
N GLN D 259 -17.65 14.17 -32.53
CA GLN D 259 -16.90 12.92 -32.48
C GLN D 259 -17.64 11.82 -33.24
N GLY D 260 -18.94 11.68 -32.97
CA GLY D 260 -19.81 10.70 -33.61
C GLY D 260 -19.79 10.82 -35.13
N ASP D 261 -19.79 12.07 -35.65
CA ASP D 261 -19.71 12.35 -37.08
C ASP D 261 -18.38 11.84 -37.65
N LEU D 262 -17.27 12.05 -36.93
CA LEU D 262 -15.93 11.55 -37.34
C LEU D 262 -15.90 10.02 -37.36
N GLU D 263 -16.50 9.36 -36.34
CA GLU D 263 -16.56 7.90 -36.27
C GLU D 263 -17.36 7.30 -37.44
N LYS D 264 -18.51 7.91 -37.79
CA LYS D 264 -19.34 7.49 -38.92
C LYS D 264 -18.55 7.60 -40.24
N ALA D 265 -17.79 8.71 -40.42
CA ALA D 265 -16.95 8.95 -41.60
C ALA D 265 -15.82 7.92 -41.70
N MET D 266 -15.40 7.37 -40.55
CA MET D 266 -14.37 6.34 -40.46
C MET D 266 -14.94 4.92 -40.69
N GLY D 267 -16.27 4.82 -40.78
CA GLY D 267 -16.98 3.55 -40.97
C GLY D 267 -17.32 2.84 -39.67
N ASN D 268 -17.23 3.56 -38.54
CA ASN D 268 -17.52 3.02 -37.21
C ASN D 268 -18.86 3.49 -36.69
N ARG D 269 -19.52 2.64 -35.86
CA ARG D 269 -20.78 2.94 -35.23
C ARG D 269 -20.49 3.66 -33.89
N PRO D 270 -20.79 4.98 -33.81
CA PRO D 270 -20.55 5.70 -32.55
C PRO D 270 -21.44 5.20 -31.43
N MET D 271 -21.06 5.50 -30.17
CA MET D 271 -21.90 5.15 -29.03
C MET D 271 -23.20 5.95 -29.18
N GLU D 272 -24.30 5.45 -28.62
CA GLU D 272 -25.61 6.10 -28.69
C GLU D 272 -25.55 7.59 -28.34
N MET D 273 -24.87 7.96 -27.23
CA MET D 273 -24.79 9.34 -26.76
C MET D 273 -23.96 10.27 -27.65
N MET D 274 -23.26 9.73 -28.65
CA MET D 274 -22.46 10.55 -29.57
C MET D 274 -23.03 10.51 -30.98
N ASP D 275 -24.13 9.80 -31.16
CA ASP D 275 -24.81 9.69 -32.44
C ASP D 275 -25.98 10.66 -32.46
N ARG D 276 -25.85 11.79 -33.20
CA ARG D 276 -26.89 12.82 -33.29
C ARG D 276 -28.25 12.31 -33.86
N GLU D 277 -28.24 11.15 -34.55
CA GLU D 277 -29.46 10.56 -35.11
C GLU D 277 -30.15 9.62 -34.11
N LYS D 278 -29.46 9.20 -33.04
CA LYS D 278 -30.00 8.25 -32.05
C LYS D 278 -30.08 8.82 -30.63
N ALA D 279 -29.22 9.78 -30.28
CA ALA D 279 -29.16 10.35 -28.94
C ALA D 279 -30.44 11.13 -28.58
N TYR D 280 -31.08 10.77 -27.46
CA TYR D 280 -32.28 11.45 -26.96
C TYR D 280 -31.82 12.12 -25.66
N ILE D 281 -31.37 13.38 -25.79
CA ILE D 281 -30.76 14.19 -24.73
C ILE D 281 -31.49 14.11 -23.36
N PRO D 282 -32.84 14.26 -23.21
CA PRO D 282 -33.42 14.18 -21.85
C PRO D 282 -33.19 12.85 -21.12
N GLU D 283 -33.33 11.75 -21.84
CA GLU D 283 -33.15 10.39 -21.33
C GLU D 283 -31.70 10.16 -20.93
N LEU D 284 -30.74 10.62 -21.76
CA LEU D 284 -29.30 10.47 -21.53
C LEU D 284 -28.88 11.31 -20.36
N GLN D 285 -29.42 12.54 -20.22
CA GLN D 285 -29.09 13.39 -19.09
C GLN D 285 -29.69 12.87 -17.79
N ILE D 286 -30.93 12.33 -17.83
CA ILE D 286 -31.59 11.74 -16.64
C ILE D 286 -30.74 10.58 -16.16
N SER D 287 -30.35 9.69 -17.07
CA SER D 287 -29.52 8.53 -16.80
C SER D 287 -28.17 8.92 -16.18
N PHE D 288 -27.46 9.91 -16.77
CA PHE D 288 -26.18 10.39 -16.28
C PHE D 288 -26.36 11.02 -14.89
N MET D 289 -27.40 11.86 -14.73
CA MET D 289 -27.63 12.57 -13.47
C MET D 289 -28.02 11.65 -12.33
N GLU D 290 -28.94 10.71 -12.58
CA GLU D 290 -29.42 9.79 -11.57
C GLU D 290 -28.41 8.69 -11.20
N HIS D 291 -27.67 8.15 -12.18
CA HIS D 291 -26.77 7.00 -11.97
C HIS D 291 -25.28 7.30 -11.93
N ILE D 292 -24.84 8.51 -12.36
CA ILE D 292 -23.43 8.90 -12.27
C ILE D 292 -23.25 10.07 -11.28
N ALA D 293 -23.82 11.25 -11.58
CA ALA D 293 -23.70 12.47 -10.79
C ALA D 293 -24.31 12.39 -9.39
N MET D 294 -25.61 12.01 -9.25
CA MET D 294 -26.25 11.96 -7.91
C MET D 294 -25.53 11.01 -6.92
N PRO D 295 -25.10 9.77 -7.31
CA PRO D 295 -24.37 8.91 -6.36
C PRO D 295 -23.05 9.52 -5.88
N ILE D 296 -22.37 10.34 -6.72
CA ILE D 296 -21.12 11.04 -6.37
C ILE D 296 -21.40 12.07 -5.26
N TYR D 297 -22.42 12.94 -5.47
CA TYR D 297 -22.75 13.98 -4.50
C TYR D 297 -23.43 13.41 -3.27
N LYS D 298 -24.02 12.22 -3.37
CA LYS D 298 -24.61 11.51 -2.23
C LYS D 298 -23.47 11.03 -1.33
N LEU D 299 -22.39 10.45 -1.94
CA LEU D 299 -21.21 10.03 -1.20
C LEU D 299 -20.55 11.24 -0.55
N LEU D 300 -20.46 12.37 -1.28
CA LEU D 300 -19.89 13.62 -0.76
C LEU D 300 -20.69 14.13 0.44
N GLN D 301 -22.03 14.04 0.38
CA GLN D 301 -22.95 14.43 1.44
C GLN D 301 -22.78 13.51 2.68
N ASP D 302 -22.63 12.19 2.45
CA ASP D 302 -22.43 11.20 3.52
C ASP D 302 -21.15 11.51 4.32
N LEU D 303 -20.07 11.92 3.62
CA LEU D 303 -18.78 12.23 4.24
C LEU D 303 -18.74 13.65 4.80
N PHE D 304 -19.43 14.61 4.13
CA PHE D 304 -19.47 16.01 4.55
C PHE D 304 -20.92 16.48 4.62
N PRO D 305 -21.51 16.62 5.82
CA PRO D 305 -22.92 17.07 5.92
C PRO D 305 -23.22 18.42 5.25
N LYS D 306 -22.26 19.37 5.27
CA LYS D 306 -22.40 20.69 4.65
C LYS D 306 -22.47 20.66 3.11
N ALA D 307 -22.24 19.48 2.49
CA ALA D 307 -22.30 19.29 1.03
C ALA D 307 -23.71 18.88 0.57
N ALA D 308 -24.68 18.81 1.52
CA ALA D 308 -26.07 18.43 1.29
C ALA D 308 -26.74 19.25 0.18
N GLU D 309 -26.50 20.58 0.14
CA GLU D 309 -27.09 21.46 -0.87
C GLU D 309 -26.66 21.07 -2.29
N LEU D 310 -25.44 20.54 -2.47
CA LEU D 310 -24.92 20.11 -3.78
C LEU D 310 -25.73 18.96 -4.34
N TYR D 311 -25.97 17.91 -3.52
CA TYR D 311 -26.79 16.76 -3.91
C TYR D 311 -28.22 17.21 -4.27
N GLU D 312 -28.80 18.11 -3.44
CA GLU D 312 -30.15 18.63 -3.65
C GLU D 312 -30.26 19.40 -4.95
N ARG D 313 -29.26 20.23 -5.33
CA ARG D 313 -29.25 20.96 -6.61
C ARG D 313 -29.14 19.98 -7.79
N VAL D 314 -28.30 18.93 -7.66
CA VAL D 314 -28.15 17.93 -8.73
C VAL D 314 -29.49 17.20 -8.92
N ALA D 315 -30.16 16.82 -7.81
CA ALA D 315 -31.46 16.14 -7.83
C ALA D 315 -32.54 17.06 -8.45
N SER D 316 -32.49 18.37 -8.15
CA SER D 316 -33.42 19.37 -8.70
C SER D 316 -33.21 19.51 -10.21
N ASN D 317 -31.94 19.54 -10.67
CA ASN D 317 -31.58 19.64 -12.09
C ASN D 317 -32.01 18.38 -12.87
N ARG D 318 -31.93 17.18 -12.25
CA ARG D 318 -32.39 15.92 -12.84
C ARG D 318 -33.92 15.98 -13.02
N GLU D 319 -34.65 16.51 -12.01
CA GLU D 319 -36.11 16.64 -12.09
C GLU D 319 -36.52 17.59 -13.20
N HIS D 320 -35.73 18.67 -13.45
CA HIS D 320 -35.98 19.63 -14.53
C HIS D 320 -35.97 18.96 -15.91
N TRP D 321 -35.12 17.92 -16.11
CA TRP D 321 -35.04 17.20 -17.39
C TRP D 321 -36.33 16.43 -17.66
N THR D 322 -36.91 15.79 -16.61
CA THR D 322 -38.18 15.07 -16.71
C THR D 322 -39.32 16.03 -17.06
N LYS D 323 -39.32 17.26 -16.46
CA LYS D 323 -40.38 18.22 -16.70
C LYS D 323 -40.30 18.88 -18.09
N VAL D 324 -39.10 18.97 -18.70
CA VAL D 324 -38.98 19.54 -20.05
C VAL D 324 -38.94 18.45 -21.14
N SER D 325 -38.96 17.16 -20.74
CA SER D 325 -38.85 16.00 -21.64
C SER D 325 -39.88 15.98 -22.77
N HIS D 326 -41.15 16.37 -22.47
CA HIS D 326 -42.26 16.41 -23.44
C HIS D 326 -41.98 17.37 -24.60
N LYS D 327 -41.16 18.42 -24.37
CA LYS D 327 -40.80 19.42 -25.38
C LYS D 327 -39.96 18.84 -26.52
N PHE D 328 -39.35 17.65 -26.32
CA PHE D 328 -38.52 16.95 -27.31
C PHE D 328 -39.35 16.15 -28.30
N THR D 329 -40.68 16.13 -28.14
CA THR D 329 -41.60 15.49 -29.08
C THR D 329 -42.22 16.66 -29.85
N ILE D 330 -42.16 16.60 -31.17
CA ILE D 330 -42.75 17.63 -32.02
C ILE D 330 -44.24 17.37 -32.13
N ARG D 331 -45.02 18.15 -31.39
CA ARG D 331 -46.49 18.10 -31.44
C ARG D 331 -46.92 19.28 -32.29
N GLY D 332 -47.91 19.06 -33.14
CA GLY D 332 -48.35 20.07 -34.11
C GLY D 332 -47.30 20.26 -35.17
N LEU D 333 -47.14 21.50 -35.67
CA LEU D 333 -46.11 21.84 -36.65
C LEU D 333 -44.95 22.57 -35.93
N PRO D 334 -43.69 22.57 -36.46
CA PRO D 334 -42.64 23.40 -35.83
C PRO D 334 -42.98 24.89 -36.03
N SER D 335 -42.31 25.80 -35.32
CA SER D 335 -42.56 27.26 -35.34
C SER D 335 -42.66 27.89 -36.75
N ASN D 336 -41.92 27.35 -37.73
CA ASN D 336 -41.94 27.84 -39.11
C ASN D 336 -43.12 27.34 -39.94
N ASN D 337 -43.97 26.43 -39.37
CA ASN D 337 -45.15 25.83 -40.03
C ASN D 337 -44.79 24.99 -41.26
N SER D 338 -43.58 24.43 -41.26
CA SER D 338 -43.07 23.64 -42.38
C SER D 338 -42.63 22.27 -41.90
N LEU D 339 -42.78 21.27 -42.77
CA LEU D 339 -42.32 19.91 -42.48
C LEU D 339 -41.09 19.61 -43.36
N3 7XS E . -29.61 0.53 22.73
C4 7XS E . -26.10 0.99 23.56
N2 7XS E . -30.75 2.40 23.19
C7 7XS E . -28.63 3.61 24.39
C6 7XS E . -28.38 2.34 23.86
C9 7XS E . -29.55 1.78 23.26
C13 7XS E . -29.94 -3.56 23.60
C20 7XS E . -27.25 5.40 25.45
C8 7XS E . -30.76 3.62 23.73
N5 7XS E . -26.44 3.15 24.68
C18 7XS E . -30.77 -4.50 24.20
C16 7XS E . -28.91 -5.98 24.49
C19 7XS E . -27.15 -7.55 24.98
C1 7XS E . -25.15 2.19 21.57
C2 7XS E . -25.90 0.96 22.05
C3 7XS E . -25.14 -0.28 21.63
C5 7XS E . -26.96 2.13 24.07
N1 7XS E . -29.79 4.28 24.36
C10 7XS E . -28.84 -0.71 22.90
C11 7XS E . -30.03 -1.46 22.28
C12 7XS E . -30.84 -0.16 22.29
O1 7XS E . -30.54 -2.36 23.32
C14 7XS E . -28.60 -3.85 23.41
C15 7XS E . -28.08 -5.06 23.86
C17 7XS E . -30.27 -5.71 24.62
O2 7XS E . -28.53 -7.18 25.04
N4 7XS E . -27.46 4.08 24.87
H8 7XS E . -26.48 0.05 23.94
H9 7XS E . -25.13 1.08 24.04
H25 7XS E . -27.58 6.17 24.76
H24 7XS E . -26.19 5.57 25.67
H23 7XS E . -27.80 5.53 26.39
H10 7XS E . -31.69 4.19 23.61
H19 7XS E . -31.84 -4.30 24.34
H21 7XS E . -26.98 -8.54 25.41
H20 7XS E . -26.66 -6.79 25.60
H22 7XS E . -26.72 -7.51 23.97
H2 7XS E . -25.74 3.11 21.68
H1 7XS E . -24.90 2.12 20.51
H3 7XS E . -24.21 2.34 22.11
H4 7XS E . -26.86 0.95 21.55
H7 7XS E . -24.13 -0.31 22.03
H6 7XS E . -25.04 -0.35 20.55
H5 7XS E . -25.63 -1.20 21.96
H12 7XS E . -28.58 -0.93 23.93
H11 7XS E . -27.92 -0.82 22.31
H13 7XS E . -29.84 -1.94 21.32
H15 7XS E . -31.26 0.14 21.34
H14 7XS E . -31.65 -0.11 23.03
H16 7XS E . -27.93 -3.18 22.88
H17 7XS E . -27.02 -5.25 23.73
H18 7XS E . -30.97 -6.42 25.05
ZN ZN F . -19.79 3.99 24.26
MG MG G . -18.44 0.52 22.91
N3 7XS H . 17.38 -21.35 23.40
C4 7XS H . 14.84 -20.29 21.13
N2 7XS H . 19.27 -21.76 22.31
C7 7XS H . 18.16 -21.38 19.93
C6 7XS H . 17.34 -21.13 21.01
C9 7XS H . 18.00 -21.38 22.22
C13 7XS H . 14.87 -23.57 25.93
C20 7XS H . 17.92 -21.24 17.46
C8 7XS H . 19.88 -21.94 21.16
N5 7XS H . 16.17 -20.76 19.16
C18 7XS H . 13.71 -22.90 25.61
C16 7XS H . 12.42 -24.69 26.50
C19 7XS H . 11.02 -26.38 27.53
C1 7XS H . 15.36 -17.85 21.09
C2 7XS H . 14.94 -19.04 21.93
C3 7XS H . 13.70 -18.77 22.67
C5 7XS H . 16.10 -20.73 20.44
N1 7XS H . 19.41 -21.78 19.94
C10 7XS H . 16.00 -21.65 23.75
C11 7XS H . 16.48 -21.89 25.19
C12 7XS H . 17.92 -21.78 24.68
O1 7XS H . 16.13 -23.24 25.53
C14 7XS H . 14.81 -24.78 26.59
C15 7XS H . 13.59 -25.34 26.88
C17 7XS H . 12.49 -23.47 25.88
O2 7XS H . 11.16 -25.17 26.77
N4 7XS H . 17.43 -21.13 18.82
H8 7XS H . 14.48 -21.10 21.76
H9 7XS H . 14.05 -20.18 20.39
H25 7XS H . 18.91 -20.78 17.39
H24 7XS H . 17.26 -20.75 16.74
H23 7XS H . 18.04 -22.28 17.15
H10 7XS H . 20.93 -22.23 21.21
H19 7XS H . 13.73 -21.89 25.18
H21 7XS H . 11.04 -27.28 26.93
H20 7XS H . 10.03 -26.28 27.97
H22 7XS H . 11.74 -26.48 28.34
H2 7XS H . 14.85 -17.81 20.14
H1 7XS H . 16.43 -17.89 20.84
H3 7XS H . 15.22 -16.90 21.60
H4 7XS H . 15.72 -19.18 22.68
H7 7XS H . 13.49 -19.54 23.41
H6 7XS H . 12.83 -18.77 22.02
H5 7XS H . 13.71 -17.82 23.18
H12 7XS H . 15.58 -22.49 23.23
H11 7XS H . 15.30 -20.83 23.64
H13 7XS H . 16.16 -21.16 25.94
H15 7XS H . 18.57 -21.07 25.19
H14 7XS H . 18.47 -22.71 24.65
H16 7XS H . 15.71 -25.29 26.89
H17 7XS H . 13.55 -26.29 27.41
H18 7XS H . 11.60 -22.91 25.58
ZN ZN I . 11.98 -16.72 15.65
MG MG J . 9.00 -16.15 18.21
N3 7XS K . 26.60 -6.23 -17.60
C4 7XS K . 23.87 -5.42 -19.86
N2 7XS K . 28.22 -7.27 -18.76
C7 7XS K . 26.91 -7.18 -21.13
C6 7XS K . 26.23 -6.62 -20.03
C9 7XS K . 27.00 -6.72 -18.83
C13 7XS K . 24.57 -7.62 -14.21
C20 7XS K . 26.42 -7.45 -23.58
C8 7XS K . 28.69 -7.75 -19.92
N5 7XS K . 24.93 -6.38 -21.86
C18 7XS K . 23.48 -6.75 -14.25
C16 7XS K . 22.29 -8.20 -12.76
C19 7XS K . 20.02 -7.85 -12.04
C1 7XS K . 24.62 -3.13 -20.55
C2 7XS K . 24.16 -4.02 -19.40
C3 7XS K . 22.95 -3.42 -18.70
C5 7XS K . 24.98 -6.14 -20.58
N1 7XS K . 28.12 -7.75 -21.12
C10 7XS K . 25.29 -6.21 -16.93
C11 7XS K . 26.04 -6.20 -15.60
C12 7XS K . 27.37 -6.34 -16.35
O1 7XS K . 25.75 -7.46 -14.90
C14 7XS K . 24.51 -8.77 -13.44
C15 7XS K . 23.37 -9.06 -12.71
C17 7XS K . 22.34 -7.05 -13.53
O2 7XS K . 21.20 -8.65 -12.05
N4 7XS K . 26.11 -7.03 -22.21
H8 7XS K . 23.54 -6.04 -19.03
H9 7XS K . 23.00 -5.40 -20.52
H25 7XS K . 27.46 -7.20 -23.81
H24 7XS K . 25.78 -6.95 -24.30
H23 7XS K . 26.32 -8.52 -23.71
H10 7XS K . 29.68 -8.21 -19.89
H19 7XS K . 23.48 -5.83 -14.82
H21 7XS K . 20.19 -6.88 -11.58
H20 7XS K . 19.34 -8.44 -11.42
H22 7XS K . 19.57 -7.73 -13.03
H2 7XS K . 25.63 -3.37 -20.89
H1 7XS K . 24.65 -2.08 -20.26
H3 7XS K . 23.97 -3.20 -21.42
H4 7XS K . 25.00 -4.04 -18.69
H7 7XS K . 22.20 -4.16 -18.43
H6 7XS K . 22.44 -2.69 -19.33
H5 7XS K . 23.20 -2.90 -17.78
H12 7XS K . 24.64 -7.06 -17.14
H11 7XS K . 24.66 -5.33 -17.05
H13 7XS K . 25.89 -5.32 -14.98
H15 7XS K . 28.11 -5.57 -16.16
H14 7XS K . 27.89 -7.30 -16.22
H16 7XS K . 25.36 -9.45 -13.41
H17 7XS K . 23.34 -9.96 -12.10
H18 7XS K . 21.52 -6.34 -13.60
ZN ZN L . 20.55 -2.68 -25.55
MG MG M . 18.06 -1.05 -22.95
N3 7XS N . -22.02 13.61 -19.75
C4 7XS N . -18.67 14.17 -18.54
N2 7XS N . -23.38 15.21 -18.99
C7 7XS N . -21.46 16.41 -17.49
C6 7XS N . -21.06 15.28 -18.21
C9 7XS N . -22.14 14.72 -18.96
C13 7XS N . -22.02 9.46 -19.37
C20 7XS N . -20.28 18.12 -16.07
C8 7XS N . -23.56 16.30 -18.23
N5 7XS N . -19.25 16.14 -17.18
C18 7XS N . -20.66 9.25 -19.55
C16 7XS N . -20.90 7.02 -18.70
C19 7XS N . -20.97 4.69 -18.12
C1 7XS N . -17.84 15.73 -20.30
C2 7XS N . -18.34 14.34 -20.01
C3 7XS N . -17.29 13.30 -20.43
C5 7XS N . -19.65 15.18 -17.96
N1 7XS N . -22.69 16.94 -17.46
C10 7XS N . -21.17 12.41 -19.62
C11 7XS N . -22.22 11.68 -20.46
C12 7XS N . -23.16 12.88 -20.34
O1 7XS N . -22.76 10.59 -19.67
C14 7XS N . -22.82 8.46 -18.86
C15 7XS N . -22.27 7.24 -18.52
C17 7XS N . -20.11 8.03 -19.20
O2 7XS N . -20.23 5.85 -18.50
N4 7XS N . -20.36 16.91 -16.89
H8 7XS N . -18.99 13.16 -18.31
H9 7XS N . -17.74 14.27 -17.98
H25 7XS N . -21.10 18.13 -15.35
H24 7XS N . -20.34 19.01 -16.70
H23 7XS N . -19.35 18.18 -15.52
H10 7XS N . -24.56 16.74 -18.23
H19 7XS N . -19.99 10.01 -19.95
H21 7XS N . -20.32 3.82 -18.03
H20 7XS N . -21.34 4.95 -17.12
H22 7XS N . -21.81 4.47 -18.76
H2 7XS N . -18.61 16.49 -20.20
H1 7XS N . -17.47 15.80 -21.32
H3 7XS N . -17.02 16.02 -19.64
H4 7XS N . -19.22 14.20 -20.61
H7 7XS N . -17.44 12.33 -19.97
H6 7XS N . -16.29 13.61 -20.15
H5 7XS N . -17.27 13.14 -21.51
H12 7XS N . -21.02 12.08 -18.61
H11 7XS N . -20.19 12.42 -20.11
H13 7XS N . -21.89 11.38 -21.46
H15 7XS N . -23.57 13.26 -21.27
H14 7XS N . -24.00 12.75 -19.66
H16 7XS N . -23.89 8.63 -18.71
H17 7XS N . -22.91 6.46 -18.10
H18 7XS N . -19.03 7.91 -19.36
ZN ZN O . -12.66 17.71 -16.97
MG MG P . -10.89 14.70 -18.69
#